data_3QWX
# 
_entry.id   3QWX 
# 
_audit_conform.dict_name       mmcif_pdbx.dic 
_audit_conform.dict_version    5.387 
_audit_conform.dict_location   http://mmcif.pdb.org/dictionaries/ascii/mmcif_pdbx.dic 
# 
loop_
_database_2.database_id 
_database_2.database_code 
_database_2.pdbx_database_accession 
_database_2.pdbx_DOI 
PDB   3QWX         pdb_00003qwx 10.2210/pdb3qwx/pdb 
RCSB  RCSB064206   ?            ?                   
WWPDB D_1000064206 ?            ?                   
# 
loop_
_pdbx_audit_revision_history.ordinal 
_pdbx_audit_revision_history.data_content_type 
_pdbx_audit_revision_history.major_revision 
_pdbx_audit_revision_history.minor_revision 
_pdbx_audit_revision_history.revision_date 
1 'Structure model' 1 0 2011-06-08 
2 'Structure model' 1 1 2011-07-13 
3 'Structure model' 1 2 2011-07-20 
4 'Structure model' 1 3 2024-02-21 
# 
_pdbx_audit_revision_details.ordinal             1 
_pdbx_audit_revision_details.revision_ordinal    1 
_pdbx_audit_revision_details.data_content_type   'Structure model' 
_pdbx_audit_revision_details.provider            repository 
_pdbx_audit_revision_details.type                'Initial release' 
_pdbx_audit_revision_details.description         ? 
_pdbx_audit_revision_details.details             ? 
# 
loop_
_pdbx_audit_revision_group.ordinal 
_pdbx_audit_revision_group.revision_ordinal 
_pdbx_audit_revision_group.data_content_type 
_pdbx_audit_revision_group.group 
1 2 'Structure model' 'Version format compliance' 
2 3 'Structure model' 'Database references'       
3 4 'Structure model' 'Data collection'           
4 4 'Structure model' 'Database references'       
5 4 'Structure model' 'Derived calculations'      
# 
loop_
_pdbx_audit_revision_category.ordinal 
_pdbx_audit_revision_category.revision_ordinal 
_pdbx_audit_revision_category.data_content_type 
_pdbx_audit_revision_category.category 
1 4 'Structure model' chem_comp_atom 
2 4 'Structure model' chem_comp_bond 
3 4 'Structure model' database_2     
4 4 'Structure model' struct_site    
# 
loop_
_pdbx_audit_revision_item.ordinal 
_pdbx_audit_revision_item.revision_ordinal 
_pdbx_audit_revision_item.data_content_type 
_pdbx_audit_revision_item.item 
1 4 'Structure model' '_database_2.pdbx_DOI'                
2 4 'Structure model' '_database_2.pdbx_database_accession' 
3 4 'Structure model' '_struct_site.pdbx_auth_asym_id'      
4 4 'Structure model' '_struct_site.pdbx_auth_comp_id'      
5 4 'Structure model' '_struct_site.pdbx_auth_seq_id'       
# 
_pdbx_database_status.status_code                     REL 
_pdbx_database_status.entry_id                        3QWX 
_pdbx_database_status.recvd_initial_deposition_date   2011-02-28 
_pdbx_database_status.deposit_site                    RCSB 
_pdbx_database_status.process_site                    RCSB 
_pdbx_database_status.status_code_sf                  REL 
_pdbx_database_status.status_code_mr                  ? 
_pdbx_database_status.SG_entry                        ? 
_pdbx_database_status.status_code_cs                  ? 
_pdbx_database_status.pdb_format_compatible           Y 
_pdbx_database_status.status_code_nmr_data            ? 
_pdbx_database_status.methods_development_category    ? 
# 
_pdbx_database_related.db_name        PDB 
_pdbx_database_related.db_id          3QWY 
_pdbx_database_related.details        . 
_pdbx_database_related.content_type   unspecified 
# 
loop_
_audit_author.name 
_audit_author.pdbx_ordinal 
'Kang, Y.' 1 
'Sun, J.'  2 
'Liu, Y.'  3 
# 
_citation.id                        primary 
_citation.title                     'Crystal structure of the cell corpse engulfment protein CED-2 in Caenorhabditis elegans.' 
_citation.journal_abbrev            Biochem.Biophys.Res.Commun. 
_citation.journal_volume            410 
_citation.page_first                189 
_citation.page_last                 194 
_citation.year                      2011 
_citation.journal_id_ASTM           BBRCA9 
_citation.country                   US 
_citation.journal_id_ISSN           0006-291X 
_citation.journal_id_CSD            0146 
_citation.book_publisher            ? 
_citation.pdbx_database_id_PubMed   21616056 
_citation.pdbx_database_id_DOI      10.1016/j.bbrc.2011.05.051 
# 
loop_
_citation_author.citation_id 
_citation_author.name 
_citation_author.ordinal 
_citation_author.identifier_ORCID 
primary 'Kang, Y.' 1 ? 
primary 'Xu, J.'   2 ? 
primary 'Liu, Y.'  3 ? 
primary 'Sun, J.'  4 ? 
primary 'Sun, D.'  5 ? 
primary 'Hu, Y.'   6 ? 
primary 'Liu, Y.'  7 ? 
# 
loop_
_entity.id 
_entity.type 
_entity.src_method 
_entity.pdbx_description 
_entity.formula_weight 
_entity.pdbx_number_of_molecules 
_entity.pdbx_ec 
_entity.pdbx_mutation 
_entity.pdbx_fragment 
_entity.details 
1 polymer     man 'Cell death abnormality protein 2' 19565.006 1   ? ? ? ? 
2 non-polymer syn 'SULFATE ION'                      96.063    1   ? ? ? ? 
3 water       nat water                              18.015    110 ? ? ? ? 
# 
_entity_name_com.entity_id   1 
_entity_name_com.name        'Cell-corpse engulfment protein CED-2' 
# 
_entity_poly.entity_id                      1 
_entity_poly.type                           'polypeptide(L)' 
_entity_poly.nstd_linkage                   no 
_entity_poly.nstd_monomer                   no 
_entity_poly.pdbx_seq_one_letter_code       
;MTTNGFDPFEWRSFYFPGMSREEAHKLLGEPQVSIGTFLMRDSSRPGEYSLTVREADEGNAVCHYLIERGEPKEDGTAAA
GVKIANQSFPDIPALLNHFKMRVLTEASLLAAYKKPIIEVVVGTFKFTGERETDLPFEQGERLEILSKTNQDWWEARNAL
GTTGLVPANYVQIQ
;
_entity_poly.pdbx_seq_one_letter_code_can   
;MTTNGFDPFEWRSFYFPGMSREEAHKLLGEPQVSIGTFLMRDSSRPGEYSLTVREADEGNAVCHYLIERGEPKEDGTAAA
GVKIANQSFPDIPALLNHFKMRVLTEASLLAAYKKPIIEVVVGTFKFTGERETDLPFEQGERLEILSKTNQDWWEARNAL
GTTGLVPANYVQIQ
;
_entity_poly.pdbx_strand_id                 X 
_entity_poly.pdbx_target_identifier         ? 
# 
loop_
_pdbx_entity_nonpoly.entity_id 
_pdbx_entity_nonpoly.name 
_pdbx_entity_nonpoly.comp_id 
2 'SULFATE ION' SO4 
3 water         HOH 
# 
loop_
_entity_poly_seq.entity_id 
_entity_poly_seq.num 
_entity_poly_seq.mon_id 
_entity_poly_seq.hetero 
1 1   MET n 
1 2   THR n 
1 3   THR n 
1 4   ASN n 
1 5   GLY n 
1 6   PHE n 
1 7   ASP n 
1 8   PRO n 
1 9   PHE n 
1 10  GLU n 
1 11  TRP n 
1 12  ARG n 
1 13  SER n 
1 14  PHE n 
1 15  TYR n 
1 16  PHE n 
1 17  PRO n 
1 18  GLY n 
1 19  MET n 
1 20  SER n 
1 21  ARG n 
1 22  GLU n 
1 23  GLU n 
1 24  ALA n 
1 25  HIS n 
1 26  LYS n 
1 27  LEU n 
1 28  LEU n 
1 29  GLY n 
1 30  GLU n 
1 31  PRO n 
1 32  GLN n 
1 33  VAL n 
1 34  SER n 
1 35  ILE n 
1 36  GLY n 
1 37  THR n 
1 38  PHE n 
1 39  LEU n 
1 40  MET n 
1 41  ARG n 
1 42  ASP n 
1 43  SER n 
1 44  SER n 
1 45  ARG n 
1 46  PRO n 
1 47  GLY n 
1 48  GLU n 
1 49  TYR n 
1 50  SER n 
1 51  LEU n 
1 52  THR n 
1 53  VAL n 
1 54  ARG n 
1 55  GLU n 
1 56  ALA n 
1 57  ASP n 
1 58  GLU n 
1 59  GLY n 
1 60  ASN n 
1 61  ALA n 
1 62  VAL n 
1 63  CYS n 
1 64  HIS n 
1 65  TYR n 
1 66  LEU n 
1 67  ILE n 
1 68  GLU n 
1 69  ARG n 
1 70  GLY n 
1 71  GLU n 
1 72  PRO n 
1 73  LYS n 
1 74  GLU n 
1 75  ASP n 
1 76  GLY n 
1 77  THR n 
1 78  ALA n 
1 79  ALA n 
1 80  ALA n 
1 81  GLY n 
1 82  VAL n 
1 83  LYS n 
1 84  ILE n 
1 85  ALA n 
1 86  ASN n 
1 87  GLN n 
1 88  SER n 
1 89  PHE n 
1 90  PRO n 
1 91  ASP n 
1 92  ILE n 
1 93  PRO n 
1 94  ALA n 
1 95  LEU n 
1 96  LEU n 
1 97  ASN n 
1 98  HIS n 
1 99  PHE n 
1 100 LYS n 
1 101 MET n 
1 102 ARG n 
1 103 VAL n 
1 104 LEU n 
1 105 THR n 
1 106 GLU n 
1 107 ALA n 
1 108 SER n 
1 109 LEU n 
1 110 LEU n 
1 111 ALA n 
1 112 ALA n 
1 113 TYR n 
1 114 LYS n 
1 115 LYS n 
1 116 PRO n 
1 117 ILE n 
1 118 ILE n 
1 119 GLU n 
1 120 VAL n 
1 121 VAL n 
1 122 VAL n 
1 123 GLY n 
1 124 THR n 
1 125 PHE n 
1 126 LYS n 
1 127 PHE n 
1 128 THR n 
1 129 GLY n 
1 130 GLU n 
1 131 ARG n 
1 132 GLU n 
1 133 THR n 
1 134 ASP n 
1 135 LEU n 
1 136 PRO n 
1 137 PHE n 
1 138 GLU n 
1 139 GLN n 
1 140 GLY n 
1 141 GLU n 
1 142 ARG n 
1 143 LEU n 
1 144 GLU n 
1 145 ILE n 
1 146 LEU n 
1 147 SER n 
1 148 LYS n 
1 149 THR n 
1 150 ASN n 
1 151 GLN n 
1 152 ASP n 
1 153 TRP n 
1 154 TRP n 
1 155 GLU n 
1 156 ALA n 
1 157 ARG n 
1 158 ASN n 
1 159 ALA n 
1 160 LEU n 
1 161 GLY n 
1 162 THR n 
1 163 THR n 
1 164 GLY n 
1 165 LEU n 
1 166 VAL n 
1 167 PRO n 
1 168 ALA n 
1 169 ASN n 
1 170 TYR n 
1 171 VAL n 
1 172 GLN n 
1 173 ILE n 
1 174 GLN n 
# 
_entity_src_gen.entity_id                          1 
_entity_src_gen.pdbx_src_id                        1 
_entity_src_gen.pdbx_alt_source_flag               sample 
_entity_src_gen.pdbx_seq_type                      ? 
_entity_src_gen.pdbx_beg_seq_num                   ? 
_entity_src_gen.pdbx_end_seq_num                   ? 
_entity_src_gen.gene_src_common_name               nematode 
_entity_src_gen.gene_src_genus                     ? 
_entity_src_gen.pdbx_gene_src_gene                 'ced-2, Y41D4B.13' 
_entity_src_gen.gene_src_species                   ? 
_entity_src_gen.gene_src_strain                    ? 
_entity_src_gen.gene_src_tissue                    ? 
_entity_src_gen.gene_src_tissue_fraction           ? 
_entity_src_gen.gene_src_details                   ? 
_entity_src_gen.pdbx_gene_src_fragment             ? 
_entity_src_gen.pdbx_gene_src_scientific_name      'Caenorhabditis elegans' 
_entity_src_gen.pdbx_gene_src_ncbi_taxonomy_id     6239 
_entity_src_gen.pdbx_gene_src_variant              ? 
_entity_src_gen.pdbx_gene_src_cell_line            ? 
_entity_src_gen.pdbx_gene_src_atcc                 ? 
_entity_src_gen.pdbx_gene_src_organ                ? 
_entity_src_gen.pdbx_gene_src_organelle            ? 
_entity_src_gen.pdbx_gene_src_cell                 ? 
_entity_src_gen.pdbx_gene_src_cellular_location    ? 
_entity_src_gen.host_org_common_name               ? 
_entity_src_gen.pdbx_host_org_scientific_name      'Escherichia coli' 
_entity_src_gen.pdbx_host_org_ncbi_taxonomy_id     562 
_entity_src_gen.host_org_genus                     ? 
_entity_src_gen.pdbx_host_org_gene                 ? 
_entity_src_gen.pdbx_host_org_organ                ? 
_entity_src_gen.host_org_species                   ? 
_entity_src_gen.pdbx_host_org_tissue               ? 
_entity_src_gen.pdbx_host_org_tissue_fraction      ? 
_entity_src_gen.pdbx_host_org_strain               ? 
_entity_src_gen.pdbx_host_org_variant              ? 
_entity_src_gen.pdbx_host_org_cell_line            ? 
_entity_src_gen.pdbx_host_org_atcc                 ? 
_entity_src_gen.pdbx_host_org_culture_collection   ? 
_entity_src_gen.pdbx_host_org_cell                 ? 
_entity_src_gen.pdbx_host_org_organelle            ? 
_entity_src_gen.pdbx_host_org_cellular_location    ? 
_entity_src_gen.pdbx_host_org_vector_type          ? 
_entity_src_gen.pdbx_host_org_vector               ? 
_entity_src_gen.host_org_details                   ? 
_entity_src_gen.expression_system_id               ? 
_entity_src_gen.plasmid_name                       ? 
_entity_src_gen.plasmid_details                    ? 
_entity_src_gen.pdbx_description                   ? 
# 
loop_
_chem_comp.id 
_chem_comp.type 
_chem_comp.mon_nstd_flag 
_chem_comp.name 
_chem_comp.pdbx_synonyms 
_chem_comp.formula 
_chem_comp.formula_weight 
ALA 'L-peptide linking' y ALANINE         ? 'C3 H7 N O2'     89.093  
ARG 'L-peptide linking' y ARGININE        ? 'C6 H15 N4 O2 1' 175.209 
ASN 'L-peptide linking' y ASPARAGINE      ? 'C4 H8 N2 O3'    132.118 
ASP 'L-peptide linking' y 'ASPARTIC ACID' ? 'C4 H7 N O4'     133.103 
CYS 'L-peptide linking' y CYSTEINE        ? 'C3 H7 N O2 S'   121.158 
GLN 'L-peptide linking' y GLUTAMINE       ? 'C5 H10 N2 O3'   146.144 
GLU 'L-peptide linking' y 'GLUTAMIC ACID' ? 'C5 H9 N O4'     147.129 
GLY 'peptide linking'   y GLYCINE         ? 'C2 H5 N O2'     75.067  
HIS 'L-peptide linking' y HISTIDINE       ? 'C6 H10 N3 O2 1' 156.162 
HOH non-polymer         . WATER           ? 'H2 O'           18.015  
ILE 'L-peptide linking' y ISOLEUCINE      ? 'C6 H13 N O2'    131.173 
LEU 'L-peptide linking' y LEUCINE         ? 'C6 H13 N O2'    131.173 
LYS 'L-peptide linking' y LYSINE          ? 'C6 H15 N2 O2 1' 147.195 
MET 'L-peptide linking' y METHIONINE      ? 'C5 H11 N O2 S'  149.211 
PHE 'L-peptide linking' y PHENYLALANINE   ? 'C9 H11 N O2'    165.189 
PRO 'L-peptide linking' y PROLINE         ? 'C5 H9 N O2'     115.130 
SER 'L-peptide linking' y SERINE          ? 'C3 H7 N O3'     105.093 
SO4 non-polymer         . 'SULFATE ION'   ? 'O4 S -2'        96.063  
THR 'L-peptide linking' y THREONINE       ? 'C4 H9 N O3'     119.119 
TRP 'L-peptide linking' y TRYPTOPHAN      ? 'C11 H12 N2 O2'  204.225 
TYR 'L-peptide linking' y TYROSINE        ? 'C9 H11 N O3'    181.189 
VAL 'L-peptide linking' y VALINE          ? 'C5 H11 N O2'    117.146 
# 
loop_
_pdbx_poly_seq_scheme.asym_id 
_pdbx_poly_seq_scheme.entity_id 
_pdbx_poly_seq_scheme.seq_id 
_pdbx_poly_seq_scheme.mon_id 
_pdbx_poly_seq_scheme.ndb_seq_num 
_pdbx_poly_seq_scheme.pdb_seq_num 
_pdbx_poly_seq_scheme.auth_seq_num 
_pdbx_poly_seq_scheme.pdb_mon_id 
_pdbx_poly_seq_scheme.auth_mon_id 
_pdbx_poly_seq_scheme.pdb_strand_id 
_pdbx_poly_seq_scheme.pdb_ins_code 
_pdbx_poly_seq_scheme.hetero 
A 1 1   MET 1   1   ?   ?   ?   X . n 
A 1 2   THR 2   2   ?   ?   ?   X . n 
A 1 3   THR 3   3   ?   ?   ?   X . n 
A 1 4   ASN 4   4   4   ASN ASN X . n 
A 1 5   GLY 5   5   5   GLY GLY X . n 
A 1 6   PHE 6   6   6   PHE PHE X . n 
A 1 7   ASP 7   7   7   ASP ASP X . n 
A 1 8   PRO 8   8   8   PRO PRO X . n 
A 1 9   PHE 9   9   9   PHE PHE X . n 
A 1 10  GLU 10  10  10  GLU GLU X . n 
A 1 11  TRP 11  11  11  TRP TRP X . n 
A 1 12  ARG 12  12  12  ARG ARG X . n 
A 1 13  SER 13  13  13  SER SER X . n 
A 1 14  PHE 14  14  14  PHE PHE X . n 
A 1 15  TYR 15  15  15  TYR TYR X . n 
A 1 16  PHE 16  16  16  PHE PHE X . n 
A 1 17  PRO 17  17  17  PRO PRO X . n 
A 1 18  GLY 18  18  18  GLY GLY X . n 
A 1 19  MET 19  19  19  MET MET X . n 
A 1 20  SER 20  20  20  SER SER X . n 
A 1 21  ARG 21  21  21  ARG ARG X . n 
A 1 22  GLU 22  22  22  GLU GLU X . n 
A 1 23  GLU 23  23  23  GLU GLU X . n 
A 1 24  ALA 24  24  24  ALA ALA X . n 
A 1 25  HIS 25  25  25  HIS HIS X . n 
A 1 26  LYS 26  26  26  LYS LYS X . n 
A 1 27  LEU 27  27  27  LEU LEU X . n 
A 1 28  LEU 28  28  28  LEU LEU X . n 
A 1 29  GLY 29  29  29  GLY GLY X . n 
A 1 30  GLU 30  30  30  GLU GLU X . n 
A 1 31  PRO 31  31  31  PRO PRO X . n 
A 1 32  GLN 32  32  32  GLN GLN X . n 
A 1 33  VAL 33  33  33  VAL VAL X . n 
A 1 34  SER 34  34  34  SER SER X . n 
A 1 35  ILE 35  35  35  ILE ILE X . n 
A 1 36  GLY 36  36  36  GLY GLY X . n 
A 1 37  THR 37  37  37  THR THR X . n 
A 1 38  PHE 38  38  38  PHE PHE X . n 
A 1 39  LEU 39  39  39  LEU LEU X . n 
A 1 40  MET 40  40  40  MET MET X . n 
A 1 41  ARG 41  41  41  ARG ARG X . n 
A 1 42  ASP 42  42  42  ASP ASP X . n 
A 1 43  SER 43  43  43  SER SER X . n 
A 1 44  SER 44  44  44  SER SER X . n 
A 1 45  ARG 45  45  45  ARG ARG X . n 
A 1 46  PRO 46  46  46  PRO PRO X . n 
A 1 47  GLY 47  47  47  GLY GLY X . n 
A 1 48  GLU 48  48  48  GLU GLU X . n 
A 1 49  TYR 49  49  49  TYR TYR X . n 
A 1 50  SER 50  50  50  SER SER X . n 
A 1 51  LEU 51  51  51  LEU LEU X . n 
A 1 52  THR 52  52  52  THR THR X . n 
A 1 53  VAL 53  53  53  VAL VAL X . n 
A 1 54  ARG 54  54  54  ARG ARG X . n 
A 1 55  GLU 55  55  55  GLU GLU X . n 
A 1 56  ALA 56  56  56  ALA ALA X . n 
A 1 57  ASP 57  57  57  ASP ASP X . n 
A 1 58  GLU 58  58  58  GLU GLU X . n 
A 1 59  GLY 59  59  59  GLY GLY X . n 
A 1 60  ASN 60  60  60  ASN ASN X . n 
A 1 61  ALA 61  61  61  ALA ALA X . n 
A 1 62  VAL 62  62  62  VAL VAL X . n 
A 1 63  CYS 63  63  63  CYS CYS X . n 
A 1 64  HIS 64  64  64  HIS HIS X . n 
A 1 65  TYR 65  65  65  TYR TYR X . n 
A 1 66  LEU 66  66  66  LEU LEU X . n 
A 1 67  ILE 67  67  67  ILE ILE X . n 
A 1 68  GLU 68  68  68  GLU GLU X . n 
A 1 69  ARG 69  69  69  ARG ARG X . n 
A 1 70  GLY 70  70  70  GLY GLY X . n 
A 1 71  GLU 71  71  71  GLU GLU X . n 
A 1 72  PRO 72  72  72  PRO PRO X . n 
A 1 73  LYS 73  73  73  LYS LYS X . n 
A 1 74  GLU 74  74  74  GLU GLU X . n 
A 1 75  ASP 75  75  75  ASP ASP X . n 
A 1 76  GLY 76  76  76  GLY GLY X . n 
A 1 77  THR 77  77  77  THR THR X . n 
A 1 78  ALA 78  78  78  ALA ALA X . n 
A 1 79  ALA 79  79  79  ALA ALA X . n 
A 1 80  ALA 80  80  80  ALA ALA X . n 
A 1 81  GLY 81  81  81  GLY GLY X . n 
A 1 82  VAL 82  82  82  VAL VAL X . n 
A 1 83  LYS 83  83  83  LYS LYS X . n 
A 1 84  ILE 84  84  84  ILE ILE X . n 
A 1 85  ALA 85  85  85  ALA ALA X . n 
A 1 86  ASN 86  86  86  ASN ASN X . n 
A 1 87  GLN 87  87  87  GLN GLN X . n 
A 1 88  SER 88  88  88  SER SER X . n 
A 1 89  PHE 89  89  89  PHE PHE X . n 
A 1 90  PRO 90  90  90  PRO PRO X . n 
A 1 91  ASP 91  91  91  ASP ASP X . n 
A 1 92  ILE 92  92  92  ILE ILE X . n 
A 1 93  PRO 93  93  93  PRO PRO X . n 
A 1 94  ALA 94  94  94  ALA ALA X . n 
A 1 95  LEU 95  95  95  LEU LEU X . n 
A 1 96  LEU 96  96  96  LEU LEU X . n 
A 1 97  ASN 97  97  97  ASN ASN X . n 
A 1 98  HIS 98  98  98  HIS HIS X . n 
A 1 99  PHE 99  99  99  PHE PHE X . n 
A 1 100 LYS 100 100 100 LYS LYS X . n 
A 1 101 MET 101 101 101 MET MET X . n 
A 1 102 ARG 102 102 102 ARG ARG X . n 
A 1 103 VAL 103 103 103 VAL VAL X . n 
A 1 104 LEU 104 104 104 LEU LEU X . n 
A 1 105 THR 105 105 105 THR THR X . n 
A 1 106 GLU 106 106 106 GLU GLU X . n 
A 1 107 ALA 107 107 107 ALA ALA X . n 
A 1 108 SER 108 108 108 SER SER X . n 
A 1 109 LEU 109 109 109 LEU LEU X . n 
A 1 110 LEU 110 110 110 LEU LEU X . n 
A 1 111 ALA 111 111 111 ALA ALA X . n 
A 1 112 ALA 112 112 112 ALA ALA X . n 
A 1 113 TYR 113 113 113 TYR TYR X . n 
A 1 114 LYS 114 114 114 LYS LYS X . n 
A 1 115 LYS 115 115 115 LYS LYS X . n 
A 1 116 PRO 116 116 116 PRO PRO X . n 
A 1 117 ILE 117 117 117 ILE ILE X . n 
A 1 118 ILE 118 118 118 ILE ILE X . n 
A 1 119 GLU 119 119 119 GLU GLU X . n 
A 1 120 VAL 120 120 120 VAL VAL X . n 
A 1 121 VAL 121 121 121 VAL VAL X . n 
A 1 122 VAL 122 122 122 VAL VAL X . n 
A 1 123 GLY 123 123 123 GLY GLY X . n 
A 1 124 THR 124 124 124 THR THR X . n 
A 1 125 PHE 125 125 125 PHE PHE X . n 
A 1 126 LYS 126 126 126 LYS LYS X . n 
A 1 127 PHE 127 127 127 PHE PHE X . n 
A 1 128 THR 128 128 128 THR THR X . n 
A 1 129 GLY 129 129 129 GLY GLY X . n 
A 1 130 GLU 130 130 130 GLU GLU X . n 
A 1 131 ARG 131 131 131 ARG ARG X . n 
A 1 132 GLU 132 132 132 GLU GLU X . n 
A 1 133 THR 133 133 133 THR THR X . n 
A 1 134 ASP 134 134 134 ASP ASP X . n 
A 1 135 LEU 135 135 135 LEU LEU X . n 
A 1 136 PRO 136 136 136 PRO PRO X . n 
A 1 137 PHE 137 137 137 PHE PHE X . n 
A 1 138 GLU 138 138 138 GLU GLU X . n 
A 1 139 GLN 139 139 139 GLN GLN X . n 
A 1 140 GLY 140 140 140 GLY GLY X . n 
A 1 141 GLU 141 141 141 GLU GLU X . n 
A 1 142 ARG 142 142 142 ARG ARG X . n 
A 1 143 LEU 143 143 143 LEU LEU X . n 
A 1 144 GLU 144 144 144 GLU GLU X . n 
A 1 145 ILE 145 145 145 ILE ILE X . n 
A 1 146 LEU 146 146 146 LEU LEU X . n 
A 1 147 SER 147 147 147 SER SER X . n 
A 1 148 LYS 148 148 148 LYS LYS X . n 
A 1 149 THR 149 149 149 THR THR X . n 
A 1 150 ASN 150 150 150 ASN ASN X . n 
A 1 151 GLN 151 151 151 GLN GLN X . n 
A 1 152 ASP 152 152 152 ASP ASP X . n 
A 1 153 TRP 153 153 153 TRP TRP X . n 
A 1 154 TRP 154 154 154 TRP TRP X . n 
A 1 155 GLU 155 155 155 GLU GLU X . n 
A 1 156 ALA 156 156 156 ALA ALA X . n 
A 1 157 ARG 157 157 157 ARG ARG X . n 
A 1 158 ASN 158 158 158 ASN ASN X . n 
A 1 159 ALA 159 159 159 ALA ALA X . n 
A 1 160 LEU 160 160 160 LEU LEU X . n 
A 1 161 GLY 161 161 161 GLY GLY X . n 
A 1 162 THR 162 162 162 THR THR X . n 
A 1 163 THR 163 163 163 THR THR X . n 
A 1 164 GLY 164 164 164 GLY GLY X . n 
A 1 165 LEU 165 165 165 LEU LEU X . n 
A 1 166 VAL 166 166 166 VAL VAL X . n 
A 1 167 PRO 167 167 167 PRO PRO X . n 
A 1 168 ALA 168 168 168 ALA ALA X . n 
A 1 169 ASN 169 169 169 ASN ASN X . n 
A 1 170 TYR 170 170 170 TYR TYR X . n 
A 1 171 VAL 171 171 171 VAL VAL X . n 
A 1 172 GLN 172 172 172 GLN GLN X . n 
A 1 173 ILE 173 173 173 ILE ILE X . n 
A 1 174 GLN 174 174 174 GLN GLN X . n 
# 
loop_
_pdbx_nonpoly_scheme.asym_id 
_pdbx_nonpoly_scheme.entity_id 
_pdbx_nonpoly_scheme.mon_id 
_pdbx_nonpoly_scheme.ndb_seq_num 
_pdbx_nonpoly_scheme.pdb_seq_num 
_pdbx_nonpoly_scheme.auth_seq_num 
_pdbx_nonpoly_scheme.pdb_mon_id 
_pdbx_nonpoly_scheme.auth_mon_id 
_pdbx_nonpoly_scheme.pdb_strand_id 
_pdbx_nonpoly_scheme.pdb_ins_code 
B 2 SO4 1   175 1   SO4 SO4 X . 
C 3 HOH 1   176 2   HOH HOH X . 
C 3 HOH 2   177 3   HOH HOH X . 
C 3 HOH 3   178 5   HOH HOH X . 
C 3 HOH 4   179 6   HOH HOH X . 
C 3 HOH 5   180 7   HOH HOH X . 
C 3 HOH 6   181 8   HOH HOH X . 
C 3 HOH 7   182 9   HOH HOH X . 
C 3 HOH 8   183 10  HOH HOH X . 
C 3 HOH 9   184 12  HOH HOH X . 
C 3 HOH 10  185 14  HOH HOH X . 
C 3 HOH 11  186 15  HOH HOH X . 
C 3 HOH 12  187 16  HOH HOH X . 
C 3 HOH 13  188 17  HOH HOH X . 
C 3 HOH 14  189 18  HOH HOH X . 
C 3 HOH 15  190 19  HOH HOH X . 
C 3 HOH 16  191 20  HOH HOH X . 
C 3 HOH 17  192 21  HOH HOH X . 
C 3 HOH 18  193 22  HOH HOH X . 
C 3 HOH 19  194 23  HOH HOH X . 
C 3 HOH 20  195 24  HOH HOH X . 
C 3 HOH 21  196 25  HOH HOH X . 
C 3 HOH 22  197 26  HOH HOH X . 
C 3 HOH 23  198 27  HOH HOH X . 
C 3 HOH 24  199 28  HOH HOH X . 
C 3 HOH 25  200 29  HOH HOH X . 
C 3 HOH 26  201 30  HOH HOH X . 
C 3 HOH 27  202 31  HOH HOH X . 
C 3 HOH 28  203 33  HOH HOH X . 
C 3 HOH 29  204 34  HOH HOH X . 
C 3 HOH 30  205 35  HOH HOH X . 
C 3 HOH 31  206 37  HOH HOH X . 
C 3 HOH 32  207 38  HOH HOH X . 
C 3 HOH 33  208 39  HOH HOH X . 
C 3 HOH 34  209 41  HOH HOH X . 
C 3 HOH 35  210 42  HOH HOH X . 
C 3 HOH 36  211 43  HOH HOH X . 
C 3 HOH 37  212 44  HOH HOH X . 
C 3 HOH 38  213 45  HOH HOH X . 
C 3 HOH 39  214 46  HOH HOH X . 
C 3 HOH 40  215 47  HOH HOH X . 
C 3 HOH 41  216 48  HOH HOH X . 
C 3 HOH 42  217 49  HOH HOH X . 
C 3 HOH 43  218 50  HOH HOH X . 
C 3 HOH 44  219 51  HOH HOH X . 
C 3 HOH 45  220 53  HOH HOH X . 
C 3 HOH 46  221 54  HOH HOH X . 
C 3 HOH 47  222 56  HOH HOH X . 
C 3 HOH 48  223 57  HOH HOH X . 
C 3 HOH 49  224 59  HOH HOH X . 
C 3 HOH 50  225 60  HOH HOH X . 
C 3 HOH 51  226 62  HOH HOH X . 
C 3 HOH 52  227 63  HOH HOH X . 
C 3 HOH 53  228 64  HOH HOH X . 
C 3 HOH 54  229 65  HOH HOH X . 
C 3 HOH 55  230 67  HOH HOH X . 
C 3 HOH 56  231 70  HOH HOH X . 
C 3 HOH 57  232 71  HOH HOH X . 
C 3 HOH 58  233 75  HOH HOH X . 
C 3 HOH 59  234 76  HOH HOH X . 
C 3 HOH 60  235 78  HOH HOH X . 
C 3 HOH 61  236 80  HOH HOH X . 
C 3 HOH 62  237 81  HOH HOH X . 
C 3 HOH 63  238 82  HOH HOH X . 
C 3 HOH 64  239 83  HOH HOH X . 
C 3 HOH 65  240 84  HOH HOH X . 
C 3 HOH 66  241 86  HOH HOH X . 
C 3 HOH 67  242 87  HOH HOH X . 
C 3 HOH 68  243 88  HOH HOH X . 
C 3 HOH 69  244 89  HOH HOH X . 
C 3 HOH 70  245 91  HOH HOH X . 
C 3 HOH 71  246 92  HOH HOH X . 
C 3 HOH 72  247 93  HOH HOH X . 
C 3 HOH 73  248 94  HOH HOH X . 
C 3 HOH 74  249 95  HOH HOH X . 
C 3 HOH 75  250 96  HOH HOH X . 
C 3 HOH 76  251 97  HOH HOH X . 
C 3 HOH 77  252 98  HOH HOH X . 
C 3 HOH 78  253 99  HOH HOH X . 
C 3 HOH 79  254 101 HOH HOH X . 
C 3 HOH 80  255 102 HOH HOH X . 
C 3 HOH 81  256 103 HOH HOH X . 
C 3 HOH 82  257 104 HOH HOH X . 
C 3 HOH 83  258 105 HOH HOH X . 
C 3 HOH 84  259 106 HOH HOH X . 
C 3 HOH 85  260 107 HOH HOH X . 
C 3 HOH 86  261 108 HOH HOH X . 
C 3 HOH 87  262 109 HOH HOH X . 
C 3 HOH 88  263 110 HOH HOH X . 
C 3 HOH 89  264 111 HOH HOH X . 
C 3 HOH 90  265 112 HOH HOH X . 
C 3 HOH 91  266 113 HOH HOH X . 
C 3 HOH 92  267 114 HOH HOH X . 
C 3 HOH 93  268 115 HOH HOH X . 
C 3 HOH 94  269 116 HOH HOH X . 
C 3 HOH 95  270 117 HOH HOH X . 
C 3 HOH 96  271 118 HOH HOH X . 
C 3 HOH 97  272 119 HOH HOH X . 
C 3 HOH 98  273 120 HOH HOH X . 
C 3 HOH 99  274 121 HOH HOH X . 
C 3 HOH 100 275 122 HOH HOH X . 
C 3 HOH 101 276 123 HOH HOH X . 
C 3 HOH 102 277 124 HOH HOH X . 
C 3 HOH 103 278 125 HOH HOH X . 
C 3 HOH 104 279 126 HOH HOH X . 
C 3 HOH 105 280 127 HOH HOH X . 
C 3 HOH 106 281 128 HOH HOH X . 
C 3 HOH 107 282 129 HOH HOH X . 
C 3 HOH 108 283 130 HOH HOH X . 
C 3 HOH 109 284 131 HOH HOH X . 
C 3 HOH 110 285 132 HOH HOH X . 
# 
loop_
_software.name 
_software.classification 
_software.version 
_software.citation_id 
_software.pdbx_ordinal 
CrystalClear 'data collection' .        ? 1 
SOLVE        phasing           .        ? 2 
REFMAC       refinement        5.5.0102 ? 3 
HKL-2000     'data reduction'  .        ? 4 
HKL-2000     'data scaling'    .        ? 5 
# 
_cell.entry_id           3QWX 
_cell.length_a           86.681 
_cell.length_b           86.681 
_cell.length_c           87.781 
_cell.angle_alpha        90.00 
_cell.angle_beta         90.00 
_cell.angle_gamma        120.00 
_cell.Z_PDB              12 
_cell.pdbx_unique_axis   ? 
_cell.length_a_esd       ? 
_cell.length_b_esd       ? 
_cell.length_c_esd       ? 
_cell.angle_alpha_esd    ? 
_cell.angle_beta_esd     ? 
_cell.angle_gamma_esd    ? 
# 
_symmetry.entry_id                         3QWX 
_symmetry.space_group_name_H-M             'P 61 2 2' 
_symmetry.pdbx_full_space_group_name_H-M   ? 
_symmetry.cell_setting                     ? 
_symmetry.Int_Tables_number                178 
_symmetry.space_group_name_Hall            ? 
# 
_exptl.entry_id          3QWX 
_exptl.method            'X-RAY DIFFRACTION' 
_exptl.crystals_number   1 
# 
_exptl_crystal.id                    1 
_exptl_crystal.density_meas          ? 
_exptl_crystal.density_Matthews      2.43 
_exptl_crystal.density_percent_sol   49.44 
_exptl_crystal.description           ? 
_exptl_crystal.F_000                 ? 
_exptl_crystal.preparation           ? 
# 
_exptl_crystal_grow.crystal_id      1 
_exptl_crystal_grow.method          'VAPOR DIFFUSION, HANGING DROP' 
_exptl_crystal_grow.temp            289 
_exptl_crystal_grow.temp_details    ? 
_exptl_crystal_grow.pH              7.4 
_exptl_crystal_grow.pdbx_details    '0.2M lithium sulfate, 25% PEG3350, pH 7.4, VAPOR DIFFUSION, HANGING DROP, temperature 289K' 
_exptl_crystal_grow.pdbx_pH_range   ? 
# 
_diffrn.id                     1 
_diffrn.ambient_temp           100 
_diffrn.ambient_temp_details   ? 
_diffrn.crystal_id             1 
# 
_diffrn_detector.diffrn_id              1 
_diffrn_detector.detector               'IMAGE PLATE' 
_diffrn_detector.type                   'RIGAKU RAXIS IV++' 
_diffrn_detector.pdbx_collection_date   2008-05-12 
_diffrn_detector.details                ? 
# 
_diffrn_radiation.diffrn_id                        1 
_diffrn_radiation.wavelength_id                    1 
_diffrn_radiation.pdbx_monochromatic_or_laue_m_l   M 
_diffrn_radiation.monochromator                    ? 
_diffrn_radiation.pdbx_diffrn_protocol             'SINGLE WAVELENGTH' 
_diffrn_radiation.pdbx_scattering_type             x-ray 
# 
_diffrn_radiation_wavelength.id           1 
_diffrn_radiation_wavelength.wavelength   1.5418 
_diffrn_radiation_wavelength.wt           1.0 
# 
_diffrn_source.diffrn_id                   1 
_diffrn_source.source                      'ROTATING ANODE' 
_diffrn_source.type                        'RIGAKU FR-E DW' 
_diffrn_source.pdbx_synchrotron_site       ? 
_diffrn_source.pdbx_synchrotron_beamline   ? 
_diffrn_source.pdbx_wavelength             ? 
_diffrn_source.pdbx_wavelength_list        1.5418 
# 
_reflns.entry_id                     3QWX 
_reflns.observed_criterion_sigma_I   ? 
_reflns.observed_criterion_sigma_F   ? 
_reflns.d_resolution_low             75.07 
_reflns.d_resolution_high            2.01 
_reflns.number_obs                   13490 
_reflns.number_all                   ? 
_reflns.percent_possible_obs         ? 
_reflns.pdbx_Rmerge_I_obs            ? 
_reflns.pdbx_Rsym_value              ? 
_reflns.pdbx_netI_over_sigmaI        ? 
_reflns.B_iso_Wilson_estimate        ? 
_reflns.pdbx_redundancy              ? 
_reflns.R_free_details               ? 
_reflns.limit_h_max                  ? 
_reflns.limit_h_min                  ? 
_reflns.limit_k_max                  ? 
_reflns.limit_k_min                  ? 
_reflns.limit_l_max                  ? 
_reflns.limit_l_min                  ? 
_reflns.observed_criterion_F_max     ? 
_reflns.observed_criterion_F_min     ? 
_reflns.pdbx_chi_squared             ? 
_reflns.pdbx_scaling_rejects         ? 
_reflns.pdbx_ordinal                 1 
_reflns.pdbx_diffrn_id               1 
# 
_refine.entry_id                                 3QWX 
_refine.ls_number_reflns_obs                     12834 
_refine.ls_number_reflns_all                     ? 
_refine.pdbx_ls_sigma_I                          ? 
_refine.pdbx_ls_sigma_F                          ? 
_refine.pdbx_data_cutoff_high_absF               ? 
_refine.pdbx_data_cutoff_low_absF                ? 
_refine.pdbx_data_cutoff_high_rms_absF           ? 
_refine.ls_d_res_low                             38.86 
_refine.ls_d_res_high                            2.01 
_refine.ls_percent_reflns_obs                    99.86 
_refine.ls_R_factor_obs                          0.21695 
_refine.ls_R_factor_all                          ? 
_refine.ls_R_factor_R_work                       0.21449 
_refine.ls_R_factor_R_free                       0.26615 
_refine.ls_R_factor_R_free_error                 ? 
_refine.ls_R_factor_R_free_error_details         ? 
_refine.ls_percent_reflns_R_free                 4.9 
_refine.ls_number_reflns_R_free                  667 
_refine.ls_number_parameters                     ? 
_refine.ls_number_restraints                     ? 
_refine.occupancy_min                            ? 
_refine.occupancy_max                            ? 
_refine.correlation_coeff_Fo_to_Fc               0.938 
_refine.correlation_coeff_Fo_to_Fc_free          0.914 
_refine.B_iso_mean                               26.174 
_refine.aniso_B[1][1]                            0.55 
_refine.aniso_B[2][2]                            0.55 
_refine.aniso_B[3][3]                            -0.82 
_refine.aniso_B[1][2]                            0.27 
_refine.aniso_B[1][3]                            0.00 
_refine.aniso_B[2][3]                            0.00 
_refine.solvent_model_details                    MASK 
_refine.solvent_model_param_ksol                 ? 
_refine.solvent_model_param_bsol                 ? 
_refine.pdbx_solvent_vdw_probe_radii             1.40 
_refine.pdbx_solvent_ion_probe_radii             0.80 
_refine.pdbx_solvent_shrinkage_radii             0.80 
_refine.pdbx_ls_cross_valid_method               THROUGHOUT 
_refine.details                                  'HYDROGENS HAVE BEEN ADDED IN THE RIDING POSITIONS' 
_refine.pdbx_starting_model                      ? 
_refine.pdbx_method_to_determine_struct          SAD 
_refine.pdbx_isotropic_thermal_model             ? 
_refine.pdbx_stereochemistry_target_values       'MAXIMUM LIKELIHOOD' 
_refine.pdbx_stereochem_target_val_spec_case     ? 
_refine.pdbx_R_Free_selection_details            RANDOM 
_refine.pdbx_overall_ESU_R_Free                  0.184 
_refine.overall_SU_ML                            ? 
_refine.overall_SU_B                             ? 
_refine.overall_SU_R_Cruickshank_DPI             ? 
_refine.ls_redundancy_reflns_obs                 ? 
_refine.B_iso_min                                ? 
_refine.B_iso_max                                ? 
_refine.overall_SU_R_free                        ? 
_refine.ls_wR_factor_R_free                      ? 
_refine.ls_wR_factor_R_work                      ? 
_refine.overall_FOM_free_R_set                   ? 
_refine.overall_FOM_work_R_set                   ? 
_refine.pdbx_overall_phase_error                 ? 
_refine.pdbx_refine_id                           'X-RAY DIFFRACTION' 
_refine.pdbx_overall_ESU_R                       ? 
_refine.pdbx_diffrn_id                           1 
_refine.pdbx_TLS_residual_ADP_flag               ? 
_refine.pdbx_overall_SU_R_free_Cruickshank_DPI   ? 
_refine.pdbx_overall_SU_R_Blow_DPI               ? 
_refine.pdbx_overall_SU_R_free_Blow_DPI          ? 
# 
_refine_hist.pdbx_refine_id                   'X-RAY DIFFRACTION' 
_refine_hist.cycle_id                         LAST 
_refine_hist.pdbx_number_atoms_protein        1356 
_refine_hist.pdbx_number_atoms_nucleic_acid   0 
_refine_hist.pdbx_number_atoms_ligand         5 
_refine_hist.number_atoms_solvent             110 
_refine_hist.number_atoms_total               1471 
_refine_hist.d_res_high                       2.01 
_refine_hist.d_res_low                        38.86 
# 
loop_
_refine_ls_restr.type 
_refine_ls_restr.dev_ideal 
_refine_ls_restr.dev_ideal_target 
_refine_ls_restr.weight 
_refine_ls_restr.number 
_refine_ls_restr.pdbx_refine_id 
_refine_ls_restr.pdbx_restraint_function 
r_bond_refined_d             0.008  0.022  ? 1393 'X-RAY DIFFRACTION' ? 
r_bond_other_d               ?      ?      ? ?    'X-RAY DIFFRACTION' ? 
r_angle_refined_deg          1.102  1.960  ? 1888 'X-RAY DIFFRACTION' ? 
r_angle_other_deg            ?      ?      ? ?    'X-RAY DIFFRACTION' ? 
r_dihedral_angle_1_deg       5.270  5.000  ? 170  'X-RAY DIFFRACTION' ? 
r_dihedral_angle_2_deg       32.515 24.058 ? 69   'X-RAY DIFFRACTION' ? 
r_dihedral_angle_3_deg       13.383 15.000 ? 230  'X-RAY DIFFRACTION' ? 
r_dihedral_angle_4_deg       19.253 15.000 ? 10   'X-RAY DIFFRACTION' ? 
r_chiral_restr               0.076  0.200  ? 200  'X-RAY DIFFRACTION' ? 
r_gen_planes_refined         0.005  0.021  ? 1080 'X-RAY DIFFRACTION' ? 
r_gen_planes_other           ?      ?      ? ?    'X-RAY DIFFRACTION' ? 
r_nbd_refined                ?      ?      ? ?    'X-RAY DIFFRACTION' ? 
r_nbd_other                  ?      ?      ? ?    'X-RAY DIFFRACTION' ? 
r_nbtor_refined              ?      ?      ? ?    'X-RAY DIFFRACTION' ? 
r_nbtor_other                ?      ?      ? ?    'X-RAY DIFFRACTION' ? 
r_xyhbond_nbd_refined        ?      ?      ? ?    'X-RAY DIFFRACTION' ? 
r_xyhbond_nbd_other          ?      ?      ? ?    'X-RAY DIFFRACTION' ? 
r_metal_ion_refined          ?      ?      ? ?    'X-RAY DIFFRACTION' ? 
r_metal_ion_other            ?      ?      ? ?    'X-RAY DIFFRACTION' ? 
r_symmetry_vdw_refined       ?      ?      ? ?    'X-RAY DIFFRACTION' ? 
r_symmetry_vdw_other         ?      ?      ? ?    'X-RAY DIFFRACTION' ? 
r_symmetry_hbond_refined     ?      ?      ? ?    'X-RAY DIFFRACTION' ? 
r_symmetry_hbond_other       ?      ?      ? ?    'X-RAY DIFFRACTION' ? 
r_symmetry_metal_ion_refined ?      ?      ? ?    'X-RAY DIFFRACTION' ? 
r_symmetry_metal_ion_other   ?      ?      ? ?    'X-RAY DIFFRACTION' ? 
r_mcbond_it                  2.776  1.500  ? 850  'X-RAY DIFFRACTION' ? 
r_mcbond_other               ?      ?      ? ?    'X-RAY DIFFRACTION' ? 
r_mcangle_it                 3.773  2.000  ? 1367 'X-RAY DIFFRACTION' ? 
r_scbond_it                  3.771  3.000  ? 543  'X-RAY DIFFRACTION' ? 
r_scangle_it                 5.241  4.500  ? 521  'X-RAY DIFFRACTION' ? 
r_rigid_bond_restr           ?      ?      ? ?    'X-RAY DIFFRACTION' ? 
r_sphericity_free            ?      ?      ? ?    'X-RAY DIFFRACTION' ? 
r_sphericity_bonded          ?      ?      ? ?    'X-RAY DIFFRACTION' ? 
# 
_refine_ls_shell.pdbx_total_number_of_bins_used   20 
_refine_ls_shell.d_res_high                       2.01 
_refine_ls_shell.d_res_low                        2.061 
_refine_ls_shell.number_reflns_R_work             927 
_refine_ls_shell.R_factor_R_work                  0.293 
_refine_ls_shell.percent_reflns_obs               99.49 
_refine_ls_shell.R_factor_R_free                  0.303 
_refine_ls_shell.R_factor_R_free_error            ? 
_refine_ls_shell.percent_reflns_R_free            ? 
_refine_ls_shell.number_reflns_R_free             46 
_refine_ls_shell.number_reflns_all                ? 
_refine_ls_shell.R_factor_all                     ? 
_refine_ls_shell.number_reflns_obs                ? 
_refine_ls_shell.redundancy_reflns_obs            ? 
_refine_ls_shell.pdbx_refine_id                   'X-RAY DIFFRACTION' 
# 
_struct.entry_id                  3QWX 
_struct.title                     'CED-2 1-174' 
_struct.pdbx_model_details        ? 
_struct.pdbx_CASP_flag            ? 
_struct.pdbx_model_type_details   ? 
# 
_struct_keywords.entry_id        3QWX 
_struct_keywords.pdbx_keywords   'SIGNALING PROTEIN' 
_struct_keywords.text            'Cell Engulfment, SIGNALING PROTEIN' 
# 
loop_
_struct_asym.id 
_struct_asym.pdbx_blank_PDB_chainid_flag 
_struct_asym.pdbx_modified 
_struct_asym.entity_id 
_struct_asym.details 
A N N 1 ? 
B N N 2 ? 
C N N 3 ? 
# 
_struct_ref.id                         1 
_struct_ref.db_name                    UNP 
_struct_ref.db_code                    CED2_CAEEL 
_struct_ref.pdbx_db_accession          Q9NHC3 
_struct_ref.entity_id                  1 
_struct_ref.pdbx_seq_one_letter_code   
;MTTNGFDPFEWRSFYFPGMSREEAHKLLGEPQVSIGTFLMRDSSRPGEYSLTVREADEGNAVCHYLIERGEPKEDGTAAA
GVKIANQSFPDIPALLNHFKMRVLTEASLLAAYKKPIIEVVVGTFKFTGERETDLPFEQGERLEILSKTNQDWWEARNAL
GTTGLVPANYVQIQ
;
_struct_ref.pdbx_align_begin           1 
_struct_ref.pdbx_db_isoform            ? 
# 
_struct_ref_seq.align_id                      1 
_struct_ref_seq.ref_id                        1 
_struct_ref_seq.pdbx_PDB_id_code              3QWX 
_struct_ref_seq.pdbx_strand_id                X 
_struct_ref_seq.seq_align_beg                 1 
_struct_ref_seq.pdbx_seq_align_beg_ins_code   ? 
_struct_ref_seq.seq_align_end                 174 
_struct_ref_seq.pdbx_seq_align_end_ins_code   ? 
_struct_ref_seq.pdbx_db_accession             Q9NHC3 
_struct_ref_seq.db_align_beg                  1 
_struct_ref_seq.pdbx_db_align_beg_ins_code    ? 
_struct_ref_seq.db_align_end                  174 
_struct_ref_seq.pdbx_db_align_end_ins_code    ? 
_struct_ref_seq.pdbx_auth_seq_align_beg       1 
_struct_ref_seq.pdbx_auth_seq_align_end       174 
# 
_pdbx_struct_assembly.id                   1 
_pdbx_struct_assembly.details              author_defined_assembly 
_pdbx_struct_assembly.method_details       ? 
_pdbx_struct_assembly.oligomeric_details   monomeric 
_pdbx_struct_assembly.oligomeric_count     1 
# 
_pdbx_struct_assembly_gen.assembly_id       1 
_pdbx_struct_assembly_gen.oper_expression   1 
_pdbx_struct_assembly_gen.asym_id_list      A,B,C 
# 
_pdbx_struct_oper_list.id                   1 
_pdbx_struct_oper_list.type                 'identity operation' 
_pdbx_struct_oper_list.name                 1_555 
_pdbx_struct_oper_list.symmetry_operation   x,y,z 
_pdbx_struct_oper_list.matrix[1][1]         1.0000000000 
_pdbx_struct_oper_list.matrix[1][2]         0.0000000000 
_pdbx_struct_oper_list.matrix[1][3]         0.0000000000 
_pdbx_struct_oper_list.vector[1]            0.0000000000 
_pdbx_struct_oper_list.matrix[2][1]         0.0000000000 
_pdbx_struct_oper_list.matrix[2][2]         1.0000000000 
_pdbx_struct_oper_list.matrix[2][3]         0.0000000000 
_pdbx_struct_oper_list.vector[2]            0.0000000000 
_pdbx_struct_oper_list.matrix[3][1]         0.0000000000 
_pdbx_struct_oper_list.matrix[3][2]         0.0000000000 
_pdbx_struct_oper_list.matrix[3][3]         1.0000000000 
_pdbx_struct_oper_list.vector[3]            0.0000000000 
# 
_struct_biol.id        1 
_struct_biol.details   ? 
# 
loop_
_struct_conf.conf_type_id 
_struct_conf.id 
_struct_conf.pdbx_PDB_helix_id 
_struct_conf.beg_label_comp_id 
_struct_conf.beg_label_asym_id 
_struct_conf.beg_label_seq_id 
_struct_conf.pdbx_beg_PDB_ins_code 
_struct_conf.end_label_comp_id 
_struct_conf.end_label_asym_id 
_struct_conf.end_label_seq_id 
_struct_conf.pdbx_end_PDB_ins_code 
_struct_conf.beg_auth_comp_id 
_struct_conf.beg_auth_asym_id 
_struct_conf.beg_auth_seq_id 
_struct_conf.end_auth_comp_id 
_struct_conf.end_auth_asym_id 
_struct_conf.end_auth_seq_id 
_struct_conf.pdbx_PDB_helix_class 
_struct_conf.details 
_struct_conf.pdbx_PDB_helix_length 
HELX_P HELX_P1 1 ASP A 7  ? SER A 13 ? ASP X 7  SER X 13 5 ? 7  
HELX_P HELX_P2 2 SER A 20 ? GLU A 30 ? SER X 20 GLU X 30 1 ? 11 
HELX_P HELX_P3 3 ASP A 91 ? PHE A 99 ? ASP X 91 PHE X 99 1 ? 9  
# 
_struct_conf_type.id          HELX_P 
_struct_conf_type.criteria    ? 
_struct_conf_type.reference   ? 
# 
_struct_mon_prot_cis.pdbx_id                1 
_struct_mon_prot_cis.label_comp_id          GLY 
_struct_mon_prot_cis.label_seq_id           59 
_struct_mon_prot_cis.label_asym_id          A 
_struct_mon_prot_cis.label_alt_id           . 
_struct_mon_prot_cis.pdbx_PDB_ins_code      ? 
_struct_mon_prot_cis.auth_comp_id           GLY 
_struct_mon_prot_cis.auth_seq_id            59 
_struct_mon_prot_cis.auth_asym_id           X 
_struct_mon_prot_cis.pdbx_label_comp_id_2   ASN 
_struct_mon_prot_cis.pdbx_label_seq_id_2    60 
_struct_mon_prot_cis.pdbx_label_asym_id_2   A 
_struct_mon_prot_cis.pdbx_PDB_ins_code_2    ? 
_struct_mon_prot_cis.pdbx_auth_comp_id_2    ASN 
_struct_mon_prot_cis.pdbx_auth_seq_id_2     60 
_struct_mon_prot_cis.pdbx_auth_asym_id_2    X 
_struct_mon_prot_cis.pdbx_PDB_model_num     1 
_struct_mon_prot_cis.pdbx_omega_angle       8.78 
# 
loop_
_struct_sheet.id 
_struct_sheet.type 
_struct_sheet.number_strands 
_struct_sheet.details 
A ? 6 ? 
B ? 3 ? 
C ? 5 ? 
# 
loop_
_struct_sheet_order.sheet_id 
_struct_sheet_order.range_id_1 
_struct_sheet_order.range_id_2 
_struct_sheet_order.offset 
_struct_sheet_order.sense 
A 1 2 ? parallel      
A 2 3 ? anti-parallel 
A 3 4 ? anti-parallel 
A 4 5 ? anti-parallel 
A 5 6 ? anti-parallel 
B 1 2 ? parallel      
B 2 3 ? parallel      
C 1 2 ? anti-parallel 
C 2 3 ? anti-parallel 
C 3 4 ? anti-parallel 
C 4 5 ? anti-parallel 
# 
loop_
_struct_sheet_range.sheet_id 
_struct_sheet_range.id 
_struct_sheet_range.beg_label_comp_id 
_struct_sheet_range.beg_label_asym_id 
_struct_sheet_range.beg_label_seq_id 
_struct_sheet_range.pdbx_beg_PDB_ins_code 
_struct_sheet_range.end_label_comp_id 
_struct_sheet_range.end_label_asym_id 
_struct_sheet_range.end_label_seq_id 
_struct_sheet_range.pdbx_end_PDB_ins_code 
_struct_sheet_range.beg_auth_comp_id 
_struct_sheet_range.beg_auth_asym_id 
_struct_sheet_range.beg_auth_seq_id 
_struct_sheet_range.end_auth_comp_id 
_struct_sheet_range.end_auth_asym_id 
_struct_sheet_range.end_auth_seq_id 
A 1 TYR A 15  ? PHE A 16  ? TYR X 15  PHE X 16  
A 2 THR A 37  ? ASP A 42  ? THR X 37  ASP X 42  
A 3 TYR A 49  ? ARG A 54  ? TYR X 49  ARG X 54  
A 4 VAL A 62  ? ARG A 69  ? VAL X 62  ARG X 69  
A 5 VAL A 82  ? ILE A 84  ? VAL X 82  ILE X 84  
A 6 GLN A 87  ? PHE A 89  ? GLN X 87  PHE X 89  
B 1 TYR A 15  ? PHE A 16  ? TYR X 15  PHE X 16  
B 2 THR A 37  ? ASP A 42  ? THR X 37  ASP X 42  
B 3 ALA A 111 ? ALA A 112 ? ALA X 111 ALA X 112 
C 1 THR A 163 ? PRO A 167 ? THR X 163 PRO X 167 
C 2 TRP A 153 ? ARG A 157 ? TRP X 153 ARG X 157 
C 3 ARG A 142 ? SER A 147 ? ARG X 142 SER X 147 
C 4 GLU A 119 ? GLY A 123 ? GLU X 119 GLY X 123 
C 5 VAL A 171 ? ILE A 173 ? VAL X 171 ILE X 173 
# 
loop_
_pdbx_struct_sheet_hbond.sheet_id 
_pdbx_struct_sheet_hbond.range_id_1 
_pdbx_struct_sheet_hbond.range_id_2 
_pdbx_struct_sheet_hbond.range_1_label_atom_id 
_pdbx_struct_sheet_hbond.range_1_label_comp_id 
_pdbx_struct_sheet_hbond.range_1_label_asym_id 
_pdbx_struct_sheet_hbond.range_1_label_seq_id 
_pdbx_struct_sheet_hbond.range_1_PDB_ins_code 
_pdbx_struct_sheet_hbond.range_1_auth_atom_id 
_pdbx_struct_sheet_hbond.range_1_auth_comp_id 
_pdbx_struct_sheet_hbond.range_1_auth_asym_id 
_pdbx_struct_sheet_hbond.range_1_auth_seq_id 
_pdbx_struct_sheet_hbond.range_2_label_atom_id 
_pdbx_struct_sheet_hbond.range_2_label_comp_id 
_pdbx_struct_sheet_hbond.range_2_label_asym_id 
_pdbx_struct_sheet_hbond.range_2_label_seq_id 
_pdbx_struct_sheet_hbond.range_2_PDB_ins_code 
_pdbx_struct_sheet_hbond.range_2_auth_atom_id 
_pdbx_struct_sheet_hbond.range_2_auth_comp_id 
_pdbx_struct_sheet_hbond.range_2_auth_asym_id 
_pdbx_struct_sheet_hbond.range_2_auth_seq_id 
A 1 2 N PHE A 16  ? N PHE X 16  O MET A 40  ? O MET X 40  
A 2 3 N THR A 37  ? N THR X 37  O ARG A 54  ? O ARG X 54  
A 3 4 N TYR A 49  ? N TYR X 49  O ILE A 67  ? O ILE X 67  
A 4 5 N GLU A 68  ? N GLU X 68  O LYS A 83  ? O LYS X 83  
A 5 6 N VAL A 82  ? N VAL X 82  O PHE A 89  ? O PHE X 89  
B 1 2 N PHE A 16  ? N PHE X 16  O MET A 40  ? O MET X 40  
B 2 3 N PHE A 38  ? N PHE X 38  O ALA A 111 ? O ALA X 111 
C 1 2 O GLY A 164 ? O GLY X 164 N ALA A 156 ? N ALA X 156 
C 2 3 O GLU A 155 ? O GLU X 155 N LEU A 146 ? N LEU X 146 
C 3 4 O ILE A 145 ? O ILE X 145 N GLU A 119 ? N GLU X 119 
C 4 5 N VAL A 122 ? N VAL X 122 O GLN A 172 ? O GLN X 172 
# 
_struct_site.id                   AC1 
_struct_site.pdbx_evidence_code   Software 
_struct_site.pdbx_auth_asym_id    X 
_struct_site.pdbx_auth_comp_id    SO4 
_struct_site.pdbx_auth_seq_id     175 
_struct_site.pdbx_auth_ins_code   ? 
_struct_site.pdbx_num_residues    6 
_struct_site.details              'BINDING SITE FOR RESIDUE SO4 X 175' 
# 
loop_
_struct_site_gen.id 
_struct_site_gen.site_id 
_struct_site_gen.pdbx_num_res 
_struct_site_gen.label_comp_id 
_struct_site_gen.label_asym_id 
_struct_site_gen.label_seq_id 
_struct_site_gen.pdbx_auth_ins_code 
_struct_site_gen.auth_comp_id 
_struct_site_gen.auth_asym_id 
_struct_site_gen.auth_seq_id 
_struct_site_gen.label_atom_id 
_struct_site_gen.label_alt_id 
_struct_site_gen.symmetry 
_struct_site_gen.details 
1 AC1 6 ARG A 21 ? ARG X 21  . ? 1_555 ? 
2 AC1 6 ARG A 41 ? ARG X 41  . ? 1_555 ? 
3 AC1 6 SER A 43 ? SER X 43  . ? 1_555 ? 
4 AC1 6 SER A 44 ? SER X 44  . ? 1_555 ? 
5 AC1 6 SER A 50 ? SER X 50  . ? 1_555 ? 
6 AC1 6 HOH C .  ? HOH X 195 . ? 1_555 ? 
# 
_pdbx_validate_close_contact.id               1 
_pdbx_validate_close_contact.PDB_model_num    1 
_pdbx_validate_close_contact.auth_atom_id_1   O 
_pdbx_validate_close_contact.auth_asym_id_1   X 
_pdbx_validate_close_contact.auth_comp_id_1   HOH 
_pdbx_validate_close_contact.auth_seq_id_1    264 
_pdbx_validate_close_contact.PDB_ins_code_1   ? 
_pdbx_validate_close_contact.label_alt_id_1   ? 
_pdbx_validate_close_contact.auth_atom_id_2   O 
_pdbx_validate_close_contact.auth_asym_id_2   X 
_pdbx_validate_close_contact.auth_comp_id_2   HOH 
_pdbx_validate_close_contact.auth_seq_id_2    265 
_pdbx_validate_close_contact.PDB_ins_code_2   ? 
_pdbx_validate_close_contact.label_alt_id_2   ? 
_pdbx_validate_close_contact.dist             2.09 
# 
loop_
_pdbx_validate_torsion.id 
_pdbx_validate_torsion.PDB_model_num 
_pdbx_validate_torsion.auth_comp_id 
_pdbx_validate_torsion.auth_asym_id 
_pdbx_validate_torsion.auth_seq_id 
_pdbx_validate_torsion.PDB_ins_code 
_pdbx_validate_torsion.label_alt_id 
_pdbx_validate_torsion.phi 
_pdbx_validate_torsion.psi 
1 1 GLU X 10  ? ? -99.86  34.45   
2 1 ASN X 60  ? ? -66.92  89.12   
3 1 ALA X 78  ? ? -170.41 93.08   
4 1 ALA X 85  ? ? 59.67   -114.40 
5 1 THR X 105 ? ? -120.26 -62.82  
# 
loop_
_pdbx_struct_special_symmetry.id 
_pdbx_struct_special_symmetry.PDB_model_num 
_pdbx_struct_special_symmetry.auth_asym_id 
_pdbx_struct_special_symmetry.auth_comp_id 
_pdbx_struct_special_symmetry.auth_seq_id 
_pdbx_struct_special_symmetry.PDB_ins_code 
_pdbx_struct_special_symmetry.label_asym_id 
_pdbx_struct_special_symmetry.label_comp_id 
_pdbx_struct_special_symmetry.label_seq_id 
1 1 X HOH 269 ? C HOH . 
2 1 X HOH 277 ? C HOH . 
3 1 X HOH 280 ? C HOH . 
# 
loop_
_pdbx_unobs_or_zero_occ_residues.id 
_pdbx_unobs_or_zero_occ_residues.PDB_model_num 
_pdbx_unobs_or_zero_occ_residues.polymer_flag 
_pdbx_unobs_or_zero_occ_residues.occupancy_flag 
_pdbx_unobs_or_zero_occ_residues.auth_asym_id 
_pdbx_unobs_or_zero_occ_residues.auth_comp_id 
_pdbx_unobs_or_zero_occ_residues.auth_seq_id 
_pdbx_unobs_or_zero_occ_residues.PDB_ins_code 
_pdbx_unobs_or_zero_occ_residues.label_asym_id 
_pdbx_unobs_or_zero_occ_residues.label_comp_id 
_pdbx_unobs_or_zero_occ_residues.label_seq_id 
1 1 Y 1 X MET 1 ? A MET 1 
2 1 Y 1 X THR 2 ? A THR 2 
3 1 Y 1 X THR 3 ? A THR 3 
# 
loop_
_chem_comp_atom.comp_id 
_chem_comp_atom.atom_id 
_chem_comp_atom.type_symbol 
_chem_comp_atom.pdbx_aromatic_flag 
_chem_comp_atom.pdbx_stereo_config 
_chem_comp_atom.pdbx_ordinal 
ALA N    N N N 1   
ALA CA   C N S 2   
ALA C    C N N 3   
ALA O    O N N 4   
ALA CB   C N N 5   
ALA OXT  O N N 6   
ALA H    H N N 7   
ALA H2   H N N 8   
ALA HA   H N N 9   
ALA HB1  H N N 10  
ALA HB2  H N N 11  
ALA HB3  H N N 12  
ALA HXT  H N N 13  
ARG N    N N N 14  
ARG CA   C N S 15  
ARG C    C N N 16  
ARG O    O N N 17  
ARG CB   C N N 18  
ARG CG   C N N 19  
ARG CD   C N N 20  
ARG NE   N N N 21  
ARG CZ   C N N 22  
ARG NH1  N N N 23  
ARG NH2  N N N 24  
ARG OXT  O N N 25  
ARG H    H N N 26  
ARG H2   H N N 27  
ARG HA   H N N 28  
ARG HB2  H N N 29  
ARG HB3  H N N 30  
ARG HG2  H N N 31  
ARG HG3  H N N 32  
ARG HD2  H N N 33  
ARG HD3  H N N 34  
ARG HE   H N N 35  
ARG HH11 H N N 36  
ARG HH12 H N N 37  
ARG HH21 H N N 38  
ARG HH22 H N N 39  
ARG HXT  H N N 40  
ASN N    N N N 41  
ASN CA   C N S 42  
ASN C    C N N 43  
ASN O    O N N 44  
ASN CB   C N N 45  
ASN CG   C N N 46  
ASN OD1  O N N 47  
ASN ND2  N N N 48  
ASN OXT  O N N 49  
ASN H    H N N 50  
ASN H2   H N N 51  
ASN HA   H N N 52  
ASN HB2  H N N 53  
ASN HB3  H N N 54  
ASN HD21 H N N 55  
ASN HD22 H N N 56  
ASN HXT  H N N 57  
ASP N    N N N 58  
ASP CA   C N S 59  
ASP C    C N N 60  
ASP O    O N N 61  
ASP CB   C N N 62  
ASP CG   C N N 63  
ASP OD1  O N N 64  
ASP OD2  O N N 65  
ASP OXT  O N N 66  
ASP H    H N N 67  
ASP H2   H N N 68  
ASP HA   H N N 69  
ASP HB2  H N N 70  
ASP HB3  H N N 71  
ASP HD2  H N N 72  
ASP HXT  H N N 73  
CYS N    N N N 74  
CYS CA   C N R 75  
CYS C    C N N 76  
CYS O    O N N 77  
CYS CB   C N N 78  
CYS SG   S N N 79  
CYS OXT  O N N 80  
CYS H    H N N 81  
CYS H2   H N N 82  
CYS HA   H N N 83  
CYS HB2  H N N 84  
CYS HB3  H N N 85  
CYS HG   H N N 86  
CYS HXT  H N N 87  
GLN N    N N N 88  
GLN CA   C N S 89  
GLN C    C N N 90  
GLN O    O N N 91  
GLN CB   C N N 92  
GLN CG   C N N 93  
GLN CD   C N N 94  
GLN OE1  O N N 95  
GLN NE2  N N N 96  
GLN OXT  O N N 97  
GLN H    H N N 98  
GLN H2   H N N 99  
GLN HA   H N N 100 
GLN HB2  H N N 101 
GLN HB3  H N N 102 
GLN HG2  H N N 103 
GLN HG3  H N N 104 
GLN HE21 H N N 105 
GLN HE22 H N N 106 
GLN HXT  H N N 107 
GLU N    N N N 108 
GLU CA   C N S 109 
GLU C    C N N 110 
GLU O    O N N 111 
GLU CB   C N N 112 
GLU CG   C N N 113 
GLU CD   C N N 114 
GLU OE1  O N N 115 
GLU OE2  O N N 116 
GLU OXT  O N N 117 
GLU H    H N N 118 
GLU H2   H N N 119 
GLU HA   H N N 120 
GLU HB2  H N N 121 
GLU HB3  H N N 122 
GLU HG2  H N N 123 
GLU HG3  H N N 124 
GLU HE2  H N N 125 
GLU HXT  H N N 126 
GLY N    N N N 127 
GLY CA   C N N 128 
GLY C    C N N 129 
GLY O    O N N 130 
GLY OXT  O N N 131 
GLY H    H N N 132 
GLY H2   H N N 133 
GLY HA2  H N N 134 
GLY HA3  H N N 135 
GLY HXT  H N N 136 
HIS N    N N N 137 
HIS CA   C N S 138 
HIS C    C N N 139 
HIS O    O N N 140 
HIS CB   C N N 141 
HIS CG   C Y N 142 
HIS ND1  N Y N 143 
HIS CD2  C Y N 144 
HIS CE1  C Y N 145 
HIS NE2  N Y N 146 
HIS OXT  O N N 147 
HIS H    H N N 148 
HIS H2   H N N 149 
HIS HA   H N N 150 
HIS HB2  H N N 151 
HIS HB3  H N N 152 
HIS HD1  H N N 153 
HIS HD2  H N N 154 
HIS HE1  H N N 155 
HIS HE2  H N N 156 
HIS HXT  H N N 157 
HOH O    O N N 158 
HOH H1   H N N 159 
HOH H2   H N N 160 
ILE N    N N N 161 
ILE CA   C N S 162 
ILE C    C N N 163 
ILE O    O N N 164 
ILE CB   C N S 165 
ILE CG1  C N N 166 
ILE CG2  C N N 167 
ILE CD1  C N N 168 
ILE OXT  O N N 169 
ILE H    H N N 170 
ILE H2   H N N 171 
ILE HA   H N N 172 
ILE HB   H N N 173 
ILE HG12 H N N 174 
ILE HG13 H N N 175 
ILE HG21 H N N 176 
ILE HG22 H N N 177 
ILE HG23 H N N 178 
ILE HD11 H N N 179 
ILE HD12 H N N 180 
ILE HD13 H N N 181 
ILE HXT  H N N 182 
LEU N    N N N 183 
LEU CA   C N S 184 
LEU C    C N N 185 
LEU O    O N N 186 
LEU CB   C N N 187 
LEU CG   C N N 188 
LEU CD1  C N N 189 
LEU CD2  C N N 190 
LEU OXT  O N N 191 
LEU H    H N N 192 
LEU H2   H N N 193 
LEU HA   H N N 194 
LEU HB2  H N N 195 
LEU HB3  H N N 196 
LEU HG   H N N 197 
LEU HD11 H N N 198 
LEU HD12 H N N 199 
LEU HD13 H N N 200 
LEU HD21 H N N 201 
LEU HD22 H N N 202 
LEU HD23 H N N 203 
LEU HXT  H N N 204 
LYS N    N N N 205 
LYS CA   C N S 206 
LYS C    C N N 207 
LYS O    O N N 208 
LYS CB   C N N 209 
LYS CG   C N N 210 
LYS CD   C N N 211 
LYS CE   C N N 212 
LYS NZ   N N N 213 
LYS OXT  O N N 214 
LYS H    H N N 215 
LYS H2   H N N 216 
LYS HA   H N N 217 
LYS HB2  H N N 218 
LYS HB3  H N N 219 
LYS HG2  H N N 220 
LYS HG3  H N N 221 
LYS HD2  H N N 222 
LYS HD3  H N N 223 
LYS HE2  H N N 224 
LYS HE3  H N N 225 
LYS HZ1  H N N 226 
LYS HZ2  H N N 227 
LYS HZ3  H N N 228 
LYS HXT  H N N 229 
MET N    N N N 230 
MET CA   C N S 231 
MET C    C N N 232 
MET O    O N N 233 
MET CB   C N N 234 
MET CG   C N N 235 
MET SD   S N N 236 
MET CE   C N N 237 
MET OXT  O N N 238 
MET H    H N N 239 
MET H2   H N N 240 
MET HA   H N N 241 
MET HB2  H N N 242 
MET HB3  H N N 243 
MET HG2  H N N 244 
MET HG3  H N N 245 
MET HE1  H N N 246 
MET HE2  H N N 247 
MET HE3  H N N 248 
MET HXT  H N N 249 
PHE N    N N N 250 
PHE CA   C N S 251 
PHE C    C N N 252 
PHE O    O N N 253 
PHE CB   C N N 254 
PHE CG   C Y N 255 
PHE CD1  C Y N 256 
PHE CD2  C Y N 257 
PHE CE1  C Y N 258 
PHE CE2  C Y N 259 
PHE CZ   C Y N 260 
PHE OXT  O N N 261 
PHE H    H N N 262 
PHE H2   H N N 263 
PHE HA   H N N 264 
PHE HB2  H N N 265 
PHE HB3  H N N 266 
PHE HD1  H N N 267 
PHE HD2  H N N 268 
PHE HE1  H N N 269 
PHE HE2  H N N 270 
PHE HZ   H N N 271 
PHE HXT  H N N 272 
PRO N    N N N 273 
PRO CA   C N S 274 
PRO C    C N N 275 
PRO O    O N N 276 
PRO CB   C N N 277 
PRO CG   C N N 278 
PRO CD   C N N 279 
PRO OXT  O N N 280 
PRO H    H N N 281 
PRO HA   H N N 282 
PRO HB2  H N N 283 
PRO HB3  H N N 284 
PRO HG2  H N N 285 
PRO HG3  H N N 286 
PRO HD2  H N N 287 
PRO HD3  H N N 288 
PRO HXT  H N N 289 
SER N    N N N 290 
SER CA   C N S 291 
SER C    C N N 292 
SER O    O N N 293 
SER CB   C N N 294 
SER OG   O N N 295 
SER OXT  O N N 296 
SER H    H N N 297 
SER H2   H N N 298 
SER HA   H N N 299 
SER HB2  H N N 300 
SER HB3  H N N 301 
SER HG   H N N 302 
SER HXT  H N N 303 
SO4 S    S N N 304 
SO4 O1   O N N 305 
SO4 O2   O N N 306 
SO4 O3   O N N 307 
SO4 O4   O N N 308 
THR N    N N N 309 
THR CA   C N S 310 
THR C    C N N 311 
THR O    O N N 312 
THR CB   C N R 313 
THR OG1  O N N 314 
THR CG2  C N N 315 
THR OXT  O N N 316 
THR H    H N N 317 
THR H2   H N N 318 
THR HA   H N N 319 
THR HB   H N N 320 
THR HG1  H N N 321 
THR HG21 H N N 322 
THR HG22 H N N 323 
THR HG23 H N N 324 
THR HXT  H N N 325 
TRP N    N N N 326 
TRP CA   C N S 327 
TRP C    C N N 328 
TRP O    O N N 329 
TRP CB   C N N 330 
TRP CG   C Y N 331 
TRP CD1  C Y N 332 
TRP CD2  C Y N 333 
TRP NE1  N Y N 334 
TRP CE2  C Y N 335 
TRP CE3  C Y N 336 
TRP CZ2  C Y N 337 
TRP CZ3  C Y N 338 
TRP CH2  C Y N 339 
TRP OXT  O N N 340 
TRP H    H N N 341 
TRP H2   H N N 342 
TRP HA   H N N 343 
TRP HB2  H N N 344 
TRP HB3  H N N 345 
TRP HD1  H N N 346 
TRP HE1  H N N 347 
TRP HE3  H N N 348 
TRP HZ2  H N N 349 
TRP HZ3  H N N 350 
TRP HH2  H N N 351 
TRP HXT  H N N 352 
TYR N    N N N 353 
TYR CA   C N S 354 
TYR C    C N N 355 
TYR O    O N N 356 
TYR CB   C N N 357 
TYR CG   C Y N 358 
TYR CD1  C Y N 359 
TYR CD2  C Y N 360 
TYR CE1  C Y N 361 
TYR CE2  C Y N 362 
TYR CZ   C Y N 363 
TYR OH   O N N 364 
TYR OXT  O N N 365 
TYR H    H N N 366 
TYR H2   H N N 367 
TYR HA   H N N 368 
TYR HB2  H N N 369 
TYR HB3  H N N 370 
TYR HD1  H N N 371 
TYR HD2  H N N 372 
TYR HE1  H N N 373 
TYR HE2  H N N 374 
TYR HH   H N N 375 
TYR HXT  H N N 376 
VAL N    N N N 377 
VAL CA   C N S 378 
VAL C    C N N 379 
VAL O    O N N 380 
VAL CB   C N N 381 
VAL CG1  C N N 382 
VAL CG2  C N N 383 
VAL OXT  O N N 384 
VAL H    H N N 385 
VAL H2   H N N 386 
VAL HA   H N N 387 
VAL HB   H N N 388 
VAL HG11 H N N 389 
VAL HG12 H N N 390 
VAL HG13 H N N 391 
VAL HG21 H N N 392 
VAL HG22 H N N 393 
VAL HG23 H N N 394 
VAL HXT  H N N 395 
# 
loop_
_chem_comp_bond.comp_id 
_chem_comp_bond.atom_id_1 
_chem_comp_bond.atom_id_2 
_chem_comp_bond.value_order 
_chem_comp_bond.pdbx_aromatic_flag 
_chem_comp_bond.pdbx_stereo_config 
_chem_comp_bond.pdbx_ordinal 
ALA N   CA   sing N N 1   
ALA N   H    sing N N 2   
ALA N   H2   sing N N 3   
ALA CA  C    sing N N 4   
ALA CA  CB   sing N N 5   
ALA CA  HA   sing N N 6   
ALA C   O    doub N N 7   
ALA C   OXT  sing N N 8   
ALA CB  HB1  sing N N 9   
ALA CB  HB2  sing N N 10  
ALA CB  HB3  sing N N 11  
ALA OXT HXT  sing N N 12  
ARG N   CA   sing N N 13  
ARG N   H    sing N N 14  
ARG N   H2   sing N N 15  
ARG CA  C    sing N N 16  
ARG CA  CB   sing N N 17  
ARG CA  HA   sing N N 18  
ARG C   O    doub N N 19  
ARG C   OXT  sing N N 20  
ARG CB  CG   sing N N 21  
ARG CB  HB2  sing N N 22  
ARG CB  HB3  sing N N 23  
ARG CG  CD   sing N N 24  
ARG CG  HG2  sing N N 25  
ARG CG  HG3  sing N N 26  
ARG CD  NE   sing N N 27  
ARG CD  HD2  sing N N 28  
ARG CD  HD3  sing N N 29  
ARG NE  CZ   sing N N 30  
ARG NE  HE   sing N N 31  
ARG CZ  NH1  sing N N 32  
ARG CZ  NH2  doub N N 33  
ARG NH1 HH11 sing N N 34  
ARG NH1 HH12 sing N N 35  
ARG NH2 HH21 sing N N 36  
ARG NH2 HH22 sing N N 37  
ARG OXT HXT  sing N N 38  
ASN N   CA   sing N N 39  
ASN N   H    sing N N 40  
ASN N   H2   sing N N 41  
ASN CA  C    sing N N 42  
ASN CA  CB   sing N N 43  
ASN CA  HA   sing N N 44  
ASN C   O    doub N N 45  
ASN C   OXT  sing N N 46  
ASN CB  CG   sing N N 47  
ASN CB  HB2  sing N N 48  
ASN CB  HB3  sing N N 49  
ASN CG  OD1  doub N N 50  
ASN CG  ND2  sing N N 51  
ASN ND2 HD21 sing N N 52  
ASN ND2 HD22 sing N N 53  
ASN OXT HXT  sing N N 54  
ASP N   CA   sing N N 55  
ASP N   H    sing N N 56  
ASP N   H2   sing N N 57  
ASP CA  C    sing N N 58  
ASP CA  CB   sing N N 59  
ASP CA  HA   sing N N 60  
ASP C   O    doub N N 61  
ASP C   OXT  sing N N 62  
ASP CB  CG   sing N N 63  
ASP CB  HB2  sing N N 64  
ASP CB  HB3  sing N N 65  
ASP CG  OD1  doub N N 66  
ASP CG  OD2  sing N N 67  
ASP OD2 HD2  sing N N 68  
ASP OXT HXT  sing N N 69  
CYS N   CA   sing N N 70  
CYS N   H    sing N N 71  
CYS N   H2   sing N N 72  
CYS CA  C    sing N N 73  
CYS CA  CB   sing N N 74  
CYS CA  HA   sing N N 75  
CYS C   O    doub N N 76  
CYS C   OXT  sing N N 77  
CYS CB  SG   sing N N 78  
CYS CB  HB2  sing N N 79  
CYS CB  HB3  sing N N 80  
CYS SG  HG   sing N N 81  
CYS OXT HXT  sing N N 82  
GLN N   CA   sing N N 83  
GLN N   H    sing N N 84  
GLN N   H2   sing N N 85  
GLN CA  C    sing N N 86  
GLN CA  CB   sing N N 87  
GLN CA  HA   sing N N 88  
GLN C   O    doub N N 89  
GLN C   OXT  sing N N 90  
GLN CB  CG   sing N N 91  
GLN CB  HB2  sing N N 92  
GLN CB  HB3  sing N N 93  
GLN CG  CD   sing N N 94  
GLN CG  HG2  sing N N 95  
GLN CG  HG3  sing N N 96  
GLN CD  OE1  doub N N 97  
GLN CD  NE2  sing N N 98  
GLN NE2 HE21 sing N N 99  
GLN NE2 HE22 sing N N 100 
GLN OXT HXT  sing N N 101 
GLU N   CA   sing N N 102 
GLU N   H    sing N N 103 
GLU N   H2   sing N N 104 
GLU CA  C    sing N N 105 
GLU CA  CB   sing N N 106 
GLU CA  HA   sing N N 107 
GLU C   O    doub N N 108 
GLU C   OXT  sing N N 109 
GLU CB  CG   sing N N 110 
GLU CB  HB2  sing N N 111 
GLU CB  HB3  sing N N 112 
GLU CG  CD   sing N N 113 
GLU CG  HG2  sing N N 114 
GLU CG  HG3  sing N N 115 
GLU CD  OE1  doub N N 116 
GLU CD  OE2  sing N N 117 
GLU OE2 HE2  sing N N 118 
GLU OXT HXT  sing N N 119 
GLY N   CA   sing N N 120 
GLY N   H    sing N N 121 
GLY N   H2   sing N N 122 
GLY CA  C    sing N N 123 
GLY CA  HA2  sing N N 124 
GLY CA  HA3  sing N N 125 
GLY C   O    doub N N 126 
GLY C   OXT  sing N N 127 
GLY OXT HXT  sing N N 128 
HIS N   CA   sing N N 129 
HIS N   H    sing N N 130 
HIS N   H2   sing N N 131 
HIS CA  C    sing N N 132 
HIS CA  CB   sing N N 133 
HIS CA  HA   sing N N 134 
HIS C   O    doub N N 135 
HIS C   OXT  sing N N 136 
HIS CB  CG   sing N N 137 
HIS CB  HB2  sing N N 138 
HIS CB  HB3  sing N N 139 
HIS CG  ND1  sing Y N 140 
HIS CG  CD2  doub Y N 141 
HIS ND1 CE1  doub Y N 142 
HIS ND1 HD1  sing N N 143 
HIS CD2 NE2  sing Y N 144 
HIS CD2 HD2  sing N N 145 
HIS CE1 NE2  sing Y N 146 
HIS CE1 HE1  sing N N 147 
HIS NE2 HE2  sing N N 148 
HIS OXT HXT  sing N N 149 
HOH O   H1   sing N N 150 
HOH O   H2   sing N N 151 
ILE N   CA   sing N N 152 
ILE N   H    sing N N 153 
ILE N   H2   sing N N 154 
ILE CA  C    sing N N 155 
ILE CA  CB   sing N N 156 
ILE CA  HA   sing N N 157 
ILE C   O    doub N N 158 
ILE C   OXT  sing N N 159 
ILE CB  CG1  sing N N 160 
ILE CB  CG2  sing N N 161 
ILE CB  HB   sing N N 162 
ILE CG1 CD1  sing N N 163 
ILE CG1 HG12 sing N N 164 
ILE CG1 HG13 sing N N 165 
ILE CG2 HG21 sing N N 166 
ILE CG2 HG22 sing N N 167 
ILE CG2 HG23 sing N N 168 
ILE CD1 HD11 sing N N 169 
ILE CD1 HD12 sing N N 170 
ILE CD1 HD13 sing N N 171 
ILE OXT HXT  sing N N 172 
LEU N   CA   sing N N 173 
LEU N   H    sing N N 174 
LEU N   H2   sing N N 175 
LEU CA  C    sing N N 176 
LEU CA  CB   sing N N 177 
LEU CA  HA   sing N N 178 
LEU C   O    doub N N 179 
LEU C   OXT  sing N N 180 
LEU CB  CG   sing N N 181 
LEU CB  HB2  sing N N 182 
LEU CB  HB3  sing N N 183 
LEU CG  CD1  sing N N 184 
LEU CG  CD2  sing N N 185 
LEU CG  HG   sing N N 186 
LEU CD1 HD11 sing N N 187 
LEU CD1 HD12 sing N N 188 
LEU CD1 HD13 sing N N 189 
LEU CD2 HD21 sing N N 190 
LEU CD2 HD22 sing N N 191 
LEU CD2 HD23 sing N N 192 
LEU OXT HXT  sing N N 193 
LYS N   CA   sing N N 194 
LYS N   H    sing N N 195 
LYS N   H2   sing N N 196 
LYS CA  C    sing N N 197 
LYS CA  CB   sing N N 198 
LYS CA  HA   sing N N 199 
LYS C   O    doub N N 200 
LYS C   OXT  sing N N 201 
LYS CB  CG   sing N N 202 
LYS CB  HB2  sing N N 203 
LYS CB  HB3  sing N N 204 
LYS CG  CD   sing N N 205 
LYS CG  HG2  sing N N 206 
LYS CG  HG3  sing N N 207 
LYS CD  CE   sing N N 208 
LYS CD  HD2  sing N N 209 
LYS CD  HD3  sing N N 210 
LYS CE  NZ   sing N N 211 
LYS CE  HE2  sing N N 212 
LYS CE  HE3  sing N N 213 
LYS NZ  HZ1  sing N N 214 
LYS NZ  HZ2  sing N N 215 
LYS NZ  HZ3  sing N N 216 
LYS OXT HXT  sing N N 217 
MET N   CA   sing N N 218 
MET N   H    sing N N 219 
MET N   H2   sing N N 220 
MET CA  C    sing N N 221 
MET CA  CB   sing N N 222 
MET CA  HA   sing N N 223 
MET C   O    doub N N 224 
MET C   OXT  sing N N 225 
MET CB  CG   sing N N 226 
MET CB  HB2  sing N N 227 
MET CB  HB3  sing N N 228 
MET CG  SD   sing N N 229 
MET CG  HG2  sing N N 230 
MET CG  HG3  sing N N 231 
MET SD  CE   sing N N 232 
MET CE  HE1  sing N N 233 
MET CE  HE2  sing N N 234 
MET CE  HE3  sing N N 235 
MET OXT HXT  sing N N 236 
PHE N   CA   sing N N 237 
PHE N   H    sing N N 238 
PHE N   H2   sing N N 239 
PHE CA  C    sing N N 240 
PHE CA  CB   sing N N 241 
PHE CA  HA   sing N N 242 
PHE C   O    doub N N 243 
PHE C   OXT  sing N N 244 
PHE CB  CG   sing N N 245 
PHE CB  HB2  sing N N 246 
PHE CB  HB3  sing N N 247 
PHE CG  CD1  doub Y N 248 
PHE CG  CD2  sing Y N 249 
PHE CD1 CE1  sing Y N 250 
PHE CD1 HD1  sing N N 251 
PHE CD2 CE2  doub Y N 252 
PHE CD2 HD2  sing N N 253 
PHE CE1 CZ   doub Y N 254 
PHE CE1 HE1  sing N N 255 
PHE CE2 CZ   sing Y N 256 
PHE CE2 HE2  sing N N 257 
PHE CZ  HZ   sing N N 258 
PHE OXT HXT  sing N N 259 
PRO N   CA   sing N N 260 
PRO N   CD   sing N N 261 
PRO N   H    sing N N 262 
PRO CA  C    sing N N 263 
PRO CA  CB   sing N N 264 
PRO CA  HA   sing N N 265 
PRO C   O    doub N N 266 
PRO C   OXT  sing N N 267 
PRO CB  CG   sing N N 268 
PRO CB  HB2  sing N N 269 
PRO CB  HB3  sing N N 270 
PRO CG  CD   sing N N 271 
PRO CG  HG2  sing N N 272 
PRO CG  HG3  sing N N 273 
PRO CD  HD2  sing N N 274 
PRO CD  HD3  sing N N 275 
PRO OXT HXT  sing N N 276 
SER N   CA   sing N N 277 
SER N   H    sing N N 278 
SER N   H2   sing N N 279 
SER CA  C    sing N N 280 
SER CA  CB   sing N N 281 
SER CA  HA   sing N N 282 
SER C   O    doub N N 283 
SER C   OXT  sing N N 284 
SER CB  OG   sing N N 285 
SER CB  HB2  sing N N 286 
SER CB  HB3  sing N N 287 
SER OG  HG   sing N N 288 
SER OXT HXT  sing N N 289 
SO4 S   O1   doub N N 290 
SO4 S   O2   doub N N 291 
SO4 S   O3   sing N N 292 
SO4 S   O4   sing N N 293 
THR N   CA   sing N N 294 
THR N   H    sing N N 295 
THR N   H2   sing N N 296 
THR CA  C    sing N N 297 
THR CA  CB   sing N N 298 
THR CA  HA   sing N N 299 
THR C   O    doub N N 300 
THR C   OXT  sing N N 301 
THR CB  OG1  sing N N 302 
THR CB  CG2  sing N N 303 
THR CB  HB   sing N N 304 
THR OG1 HG1  sing N N 305 
THR CG2 HG21 sing N N 306 
THR CG2 HG22 sing N N 307 
THR CG2 HG23 sing N N 308 
THR OXT HXT  sing N N 309 
TRP N   CA   sing N N 310 
TRP N   H    sing N N 311 
TRP N   H2   sing N N 312 
TRP CA  C    sing N N 313 
TRP CA  CB   sing N N 314 
TRP CA  HA   sing N N 315 
TRP C   O    doub N N 316 
TRP C   OXT  sing N N 317 
TRP CB  CG   sing N N 318 
TRP CB  HB2  sing N N 319 
TRP CB  HB3  sing N N 320 
TRP CG  CD1  doub Y N 321 
TRP CG  CD2  sing Y N 322 
TRP CD1 NE1  sing Y N 323 
TRP CD1 HD1  sing N N 324 
TRP CD2 CE2  doub Y N 325 
TRP CD2 CE3  sing Y N 326 
TRP NE1 CE2  sing Y N 327 
TRP NE1 HE1  sing N N 328 
TRP CE2 CZ2  sing Y N 329 
TRP CE3 CZ3  doub Y N 330 
TRP CE3 HE3  sing N N 331 
TRP CZ2 CH2  doub Y N 332 
TRP CZ2 HZ2  sing N N 333 
TRP CZ3 CH2  sing Y N 334 
TRP CZ3 HZ3  sing N N 335 
TRP CH2 HH2  sing N N 336 
TRP OXT HXT  sing N N 337 
TYR N   CA   sing N N 338 
TYR N   H    sing N N 339 
TYR N   H2   sing N N 340 
TYR CA  C    sing N N 341 
TYR CA  CB   sing N N 342 
TYR CA  HA   sing N N 343 
TYR C   O    doub N N 344 
TYR C   OXT  sing N N 345 
TYR CB  CG   sing N N 346 
TYR CB  HB2  sing N N 347 
TYR CB  HB3  sing N N 348 
TYR CG  CD1  doub Y N 349 
TYR CG  CD2  sing Y N 350 
TYR CD1 CE1  sing Y N 351 
TYR CD1 HD1  sing N N 352 
TYR CD2 CE2  doub Y N 353 
TYR CD2 HD2  sing N N 354 
TYR CE1 CZ   doub Y N 355 
TYR CE1 HE1  sing N N 356 
TYR CE2 CZ   sing Y N 357 
TYR CE2 HE2  sing N N 358 
TYR CZ  OH   sing N N 359 
TYR OH  HH   sing N N 360 
TYR OXT HXT  sing N N 361 
VAL N   CA   sing N N 362 
VAL N   H    sing N N 363 
VAL N   H2   sing N N 364 
VAL CA  C    sing N N 365 
VAL CA  CB   sing N N 366 
VAL CA  HA   sing N N 367 
VAL C   O    doub N N 368 
VAL C   OXT  sing N N 369 
VAL CB  CG1  sing N N 370 
VAL CB  CG2  sing N N 371 
VAL CB  HB   sing N N 372 
VAL CG1 HG11 sing N N 373 
VAL CG1 HG12 sing N N 374 
VAL CG1 HG13 sing N N 375 
VAL CG2 HG21 sing N N 376 
VAL CG2 HG22 sing N N 377 
VAL CG2 HG23 sing N N 378 
VAL OXT HXT  sing N N 379 
# 
_atom_sites.entry_id                    3QWX 
_atom_sites.fract_transf_matrix[1][1]   -0.00484470 
_atom_sites.fract_transf_matrix[1][2]   -0.00000839 
_atom_sites.fract_transf_matrix[1][3]   0.01240968 
_atom_sites.fract_transf_matrix[2][1]   0.00828334 
_atom_sites.fract_transf_matrix[2][2]   -0.00101143 
_atom_sites.fract_transf_matrix[2][3]   0.01038327 
_atom_sites.fract_transf_matrix[3][1]   0.00092394 
_atom_sites.fract_transf_matrix[3][2]   0.01134849 
_atom_sites.fract_transf_matrix[3][3]   0.00036837 
_atom_sites.fract_transf_vector[1]      0.327784 
_atom_sites.fract_transf_vector[2]      0.457564 
_atom_sites.fract_transf_vector[3]      0.517503 
# 
loop_
_atom_type.symbol 
C 
N 
O 
S 
# 
loop_
_atom_site.group_PDB 
_atom_site.id 
_atom_site.type_symbol 
_atom_site.label_atom_id 
_atom_site.label_alt_id 
_atom_site.label_comp_id 
_atom_site.label_asym_id 
_atom_site.label_entity_id 
_atom_site.label_seq_id 
_atom_site.pdbx_PDB_ins_code 
_atom_site.Cartn_x 
_atom_site.Cartn_y 
_atom_site.Cartn_z 
_atom_site.occupancy 
_atom_site.B_iso_or_equiv 
_atom_site.pdbx_formal_charge 
_atom_site.auth_seq_id 
_atom_site.auth_comp_id 
_atom_site.auth_asym_id 
_atom_site.auth_atom_id 
_atom_site.pdbx_PDB_model_num 
ATOM   1    N N   . ASN A 1 4   ? -5.572  15.905  -4.961  1.00 51.94 ? 4   ASN X N   1 
ATOM   2    C CA  . ASN A 1 4   ? -4.319  15.766  -5.698  1.00 47.96 ? 4   ASN X CA  1 
ATOM   3    C C   . ASN A 1 4   ? -4.177  14.378  -6.354  1.00 46.51 ? 4   ASN X C   1 
ATOM   4    O O   . ASN A 1 4   ? -5.136  13.870  -6.943  1.00 51.34 ? 4   ASN X O   1 
ATOM   5    C CB  . ASN A 1 4   ? -3.114  16.096  -4.801  1.00 43.12 ? 4   ASN X CB  1 
ATOM   6    C CG  . ASN A 1 4   ? -3.246  17.453  -4.097  1.00 50.62 ? 4   ASN X CG  1 
ATOM   7    O OD1 . ASN A 1 4   ? -4.292  17.772  -3.519  1.00 51.83 ? 4   ASN X OD1 1 
ATOM   8    N ND2 . ASN A 1 4   ? -2.164  18.249  -4.123  1.00 42.82 ? 4   ASN X ND2 1 
ATOM   9    N N   . GLY A 1 5   ? -2.993  13.769  -6.245  1.00 45.75 ? 5   GLY X N   1 
ATOM   10   C CA  . GLY A 1 5   ? -2.668  12.558  -6.991  1.00 37.98 ? 5   GLY X CA  1 
ATOM   11   C C   . GLY A 1 5   ? -3.103  11.239  -6.361  1.00 39.02 ? 5   GLY X C   1 
ATOM   12   O O   . GLY A 1 5   ? -3.002  10.169  -6.978  1.00 37.61 ? 5   GLY X O   1 
ATOM   13   N N   . PHE A 1 6   ? -3.577  11.314  -5.124  1.00 26.87 ? 6   PHE X N   1 
ATOM   14   C CA  . PHE A 1 6   ? -4.090  10.155  -4.418  1.00 27.11 ? 6   PHE X CA  1 
ATOM   15   C C   . PHE A 1 6   ? -5.023  10.652  -3.320  1.00 24.22 ? 6   PHE X C   1 
ATOM   16   O O   . PHE A 1 6   ? -5.020  11.834  -2.973  1.00 23.65 ? 6   PHE X O   1 
ATOM   17   C CB  . PHE A 1 6   ? -2.946  9.310   -3.838  1.00 22.87 ? 6   PHE X CB  1 
ATOM   18   C CG  . PHE A 1 6   ? -2.113  10.038  -2.812  1.00 26.36 ? 6   PHE X CG  1 
ATOM   19   C CD1 . PHE A 1 6   ? -2.423  9.954   -1.454  1.00 24.03 ? 6   PHE X CD1 1 
ATOM   20   C CD2 . PHE A 1 6   ? -1.030  10.805  -3.198  1.00 24.00 ? 6   PHE X CD2 1 
ATOM   21   C CE1 . PHE A 1 6   ? -1.659  10.620  -0.511  1.00 20.49 ? 6   PHE X CE1 1 
ATOM   22   C CE2 . PHE A 1 6   ? -0.263  11.485  -2.255  1.00 21.93 ? 6   PHE X CE2 1 
ATOM   23   C CZ  . PHE A 1 6   ? -0.581  11.393  -0.917  1.00 18.67 ? 6   PHE X CZ  1 
ATOM   24   N N   . ASP A 1 7   ? -5.837  9.746   -2.796  1.00 23.89 ? 7   ASP X N   1 
ATOM   25   C CA  . ASP A 1 7   ? -6.754  10.072  -1.715  1.00 23.02 ? 7   ASP X CA  1 
ATOM   26   C C   . ASP A 1 7   ? -6.170  9.522   -0.415  1.00 21.98 ? 7   ASP X C   1 
ATOM   27   O O   . ASP A 1 7   ? -6.078  8.301   -0.242  1.00 19.70 ? 7   ASP X O   1 
ATOM   28   C CB  . ASP A 1 7   ? -8.133  9.473   -2.006  1.00 22.17 ? 7   ASP X CB  1 
ATOM   29   C CG  . ASP A 1 7   ? -9.154  9.777   -0.914  1.00 26.89 ? 7   ASP X CG  1 
ATOM   30   O OD1 . ASP A 1 7   ? -8.781  10.388  0.113   1.00 21.92 ? 7   ASP X OD1 1 
ATOM   31   O OD2 . ASP A 1 7   ? -10.335 9.394   -1.089  1.00 28.84 ? 7   ASP X OD2 1 
ATOM   32   N N   . PRO A 1 8   ? -5.743  10.427  0.487   1.00 21.36 ? 8   PRO X N   1 
ATOM   33   C CA  . PRO A 1 8   ? -5.096  10.060  1.755   1.00 19.79 ? 8   PRO X CA  1 
ATOM   34   C C   . PRO A 1 8   ? -5.981  9.163   2.603   1.00 19.10 ? 8   PRO X C   1 
ATOM   35   O O   . PRO A 1 8   ? -5.468  8.317   3.322   1.00 17.09 ? 8   PRO X O   1 
ATOM   36   C CB  . PRO A 1 8   ? -4.912  11.419  2.461   1.00 18.04 ? 8   PRO X CB  1 
ATOM   37   C CG  . PRO A 1 8   ? -4.899  12.404  1.382   1.00 17.97 ? 8   PRO X CG  1 
ATOM   38   C CD  . PRO A 1 8   ? -5.859  11.892  0.344   1.00 21.48 ? 8   PRO X CD  1 
ATOM   39   N N   . PHE A 1 9   ? -7.298  9.344   2.525   1.00 18.49 ? 9   PHE X N   1 
ATOM   40   C CA  . PHE A 1 9   ? -8.206  8.510   3.311   1.00 19.62 ? 9   PHE X CA  1 
ATOM   41   C C   . PHE A 1 9   ? -8.228  7.049   2.840   1.00 22.62 ? 9   PHE X C   1 
ATOM   42   O O   . PHE A 1 9   ? -8.568  6.139   3.599   1.00 20.40 ? 9   PHE X O   1 
ATOM   43   C CB  . PHE A 1 9   ? -9.610  9.123   3.367   1.00 19.07 ? 9   PHE X CB  1 
ATOM   44   C CG  . PHE A 1 9   ? -9.648  10.423  4.123   1.00 19.32 ? 9   PHE X CG  1 
ATOM   45   C CD1 . PHE A 1 9   ? -9.589  10.433  5.509   1.00 20.84 ? 9   PHE X CD1 1 
ATOM   46   C CD2 . PHE A 1 9   ? -9.680  11.632  3.452   1.00 21.38 ? 9   PHE X CD2 1 
ATOM   47   C CE1 . PHE A 1 9   ? -9.591  11.644  6.209   1.00 18.56 ? 9   PHE X CE1 1 
ATOM   48   C CE2 . PHE A 1 9   ? -9.682  12.843  4.147   1.00 21.31 ? 9   PHE X CE2 1 
ATOM   49   C CZ  . PHE A 1 9   ? -9.631  12.838  5.524   1.00 18.22 ? 9   PHE X CZ  1 
ATOM   50   N N   . GLU A 1 10  ? -7.828  6.831   1.596   1.00 20.31 ? 10  GLU X N   1 
ATOM   51   C CA  . GLU A 1 10  ? -7.825  5.484   1.022   1.00 19.24 ? 10  GLU X CA  1 
ATOM   52   C C   . GLU A 1 10  ? -6.439  4.831   1.031   1.00 22.88 ? 10  GLU X C   1 
ATOM   53   O O   . GLU A 1 10  ? -6.097  4.046   0.137   1.00 25.08 ? 10  GLU X O   1 
ATOM   54   C CB  . GLU A 1 10  ? -8.397  5.525   -0.389  1.00 23.04 ? 10  GLU X CB  1 
ATOM   55   C CG  . GLU A 1 10  ? -9.859  5.949   -0.417  1.00 28.46 ? 10  GLU X CG  1 
ATOM   56   C CD  . GLU A 1 10  ? -10.731 5.087   0.490   1.00 42.63 ? 10  GLU X CD  1 
ATOM   57   O OE1 . GLU A 1 10  ? -10.538 3.844   0.508   1.00 40.21 ? 10  GLU X OE1 1 
ATOM   58   O OE2 . GLU A 1 10  ? -11.605 5.652   1.190   1.00 43.74 ? 10  GLU X OE2 1 
ATOM   59   N N   . TRP A 1 11  ? -5.659  5.128   2.066   1.00 21.10 ? 11  TRP X N   1 
ATOM   60   C CA  . TRP A 1 11  ? -4.273  4.667   2.135   1.00 21.74 ? 11  TRP X CA  1 
ATOM   61   C C   . TRP A 1 11  ? -4.111  3.149   2.254   1.00 23.87 ? 11  TRP X C   1 
ATOM   62   O O   . TRP A 1 11  ? -3.052  2.604   1.927   1.00 23.35 ? 11  TRP X O   1 
ATOM   63   C CB  . TRP A 1 11  ? -3.529  5.368   3.272   1.00 22.32 ? 11  TRP X CB  1 
ATOM   64   C CG  . TRP A 1 11  ? -4.021  5.030   4.647   1.00 21.92 ? 11  TRP X CG  1 
ATOM   65   C CD1 . TRP A 1 11  ? -4.904  5.750   5.400   1.00 22.51 ? 11  TRP X CD1 1 
ATOM   66   C CD2 . TRP A 1 11  ? -3.646  3.897   5.442   1.00 24.69 ? 11  TRP X CD2 1 
ATOM   67   N NE1 . TRP A 1 11  ? -5.099  5.139   6.614   1.00 22.99 ? 11  TRP X NE1 1 
ATOM   68   C CE2 . TRP A 1 11  ? -4.346  3.994   6.662   1.00 27.78 ? 11  TRP X CE2 1 
ATOM   69   C CE3 . TRP A 1 11  ? -2.793  2.804   5.240   1.00 27.09 ? 11  TRP X CE3 1 
ATOM   70   C CZ2 . TRP A 1 11  ? -4.219  3.036   7.678   1.00 30.49 ? 11  TRP X CZ2 1 
ATOM   71   C CZ3 . TRP A 1 11  ? -2.667  1.856   6.252   1.00 26.00 ? 11  TRP X CZ3 1 
ATOM   72   C CH2 . TRP A 1 11  ? -3.374  1.979   7.452   1.00 28.47 ? 11  TRP X CH2 1 
ATOM   73   N N   . ARG A 1 12  ? -5.151  2.469   2.726   1.00 24.39 ? 12  ARG X N   1 
ATOM   74   C CA  . ARG A 1 12  ? -5.098  1.014   2.862   1.00 27.00 ? 12  ARG X CA  1 
ATOM   75   C C   . ARG A 1 12  ? -5.001  0.336   1.492   1.00 27.11 ? 12  ARG X C   1 
ATOM   76   O O   . ARG A 1 12  ? -4.571  -0.814  1.384   1.00 29.91 ? 12  ARG X O   1 
ATOM   77   C CB  . ARG A 1 12  ? -6.282  0.496   3.690   1.00 27.96 ? 12  ARG X CB  1 
ATOM   78   C CG  . ARG A 1 12  ? -6.160  0.835   5.188   1.00 29.88 ? 12  ARG X CG  1 
ATOM   79   C CD  . ARG A 1 12  ? -7.428  0.482   5.948   1.00 36.51 ? 12  ARG X CD  1 
ATOM   80   N NE  . ARG A 1 12  ? -7.326  0.709   7.394   1.00 32.27 ? 12  ARG X NE  1 
ATOM   81   C CZ  . ARG A 1 12  ? -7.518  1.881   7.994   1.00 36.82 ? 12  ARG X CZ  1 
ATOM   82   N NH1 . ARG A 1 12  ? -7.795  2.971   7.280   1.00 37.23 ? 12  ARG X NH1 1 
ATOM   83   N NH2 . ARG A 1 12  ? -7.411  1.974   9.316   1.00 38.50 ? 12  ARG X NH2 1 
ATOM   84   N N   . SER A 1 13  ? -5.361  1.073   0.445   1.00 24.56 ? 13  SER X N   1 
ATOM   85   C CA  . SER A 1 13  ? -5.197  0.599   -0.928  1.00 23.88 ? 13  SER X CA  1 
ATOM   86   C C   . SER A 1 13  ? -3.778  0.822   -1.476  1.00 25.99 ? 13  SER X C   1 
ATOM   87   O O   . SER A 1 13  ? -3.437  0.307   -2.540  1.00 26.32 ? 13  SER X O   1 
ATOM   88   C CB  . SER A 1 13  ? -6.229  1.243   -1.852  1.00 24.37 ? 13  SER X CB  1 
ATOM   89   O OG  . SER A 1 13  ? -7.548  0.988   -1.392  1.00 32.04 ? 13  SER X OG  1 
ATOM   90   N N   . PHE A 1 14  ? -2.952  1.603   -0.779  1.00 24.39 ? 14  PHE X N   1 
ATOM   91   C CA  . PHE A 1 14  ? -1.524  1.605   -1.125  1.00 21.86 ? 14  PHE X CA  1 
ATOM   92   C C   . PHE A 1 14  ? -0.625  1.069   -0.006  1.00 23.89 ? 14  PHE X C   1 
ATOM   93   O O   . PHE A 1 14  ? 0.555   1.429   0.108   1.00 19.73 ? 14  PHE X O   1 
ATOM   94   C CB  . PHE A 1 14  ? -1.034  2.925   -1.725  1.00 28.16 ? 14  PHE X CB  1 
ATOM   95   C CG  . PHE A 1 14  ? -1.515  4.161   -1.020  1.00 19.48 ? 14  PHE X CG  1 
ATOM   96   C CD1 . PHE A 1 14  ? -0.917  4.585   0.154   1.00 27.03 ? 14  PHE X CD1 1 
ATOM   97   C CD2 . PHE A 1 14  ? -2.522  4.939   -1.578  1.00 24.61 ? 14  PHE X CD2 1 
ATOM   98   C CE1 . PHE A 1 14  ? -1.340  5.761   0.788   1.00 22.67 ? 14  PHE X CE1 1 
ATOM   99   C CE2 . PHE A 1 14  ? -2.951  6.114   -0.959  1.00 23.79 ? 14  PHE X CE2 1 
ATOM   100  C CZ  . PHE A 1 14  ? -2.363  6.517   0.228   1.00 22.16 ? 14  PHE X CZ  1 
ATOM   101  N N   . TYR A 1 15  ? -1.214  0.174   0.789   1.00 21.02 ? 15  TYR X N   1 
ATOM   102  C CA  . TYR A 1 15  ? -0.561  -0.474  1.920   1.00 23.44 ? 15  TYR X CA  1 
ATOM   103  C C   . TYR A 1 15  ? -0.233  -1.927  1.540   1.00 25.26 ? 15  TYR X C   1 
ATOM   104  O O   . TYR A 1 15  ? -1.082  -2.637  0.999   1.00 25.93 ? 15  TYR X O   1 
ATOM   105  C CB  . TYR A 1 15  ? -1.492  -0.397  3.138   1.00 23.97 ? 15  TYR X CB  1 
ATOM   106  C CG  . TYR A 1 15  ? -1.127  -1.289  4.301   1.00 25.48 ? 15  TYR X CG  1 
ATOM   107  C CD1 . TYR A 1 15  ? 0.111   -1.206  4.909   1.00 23.74 ? 15  TYR X CD1 1 
ATOM   108  C CD2 . TYR A 1 15  ? -2.042  -2.200  4.804   1.00 31.82 ? 15  TYR X CD2 1 
ATOM   109  C CE1 . TYR A 1 15  ? 0.439   -2.026  5.974   1.00 27.58 ? 15  TYR X CE1 1 
ATOM   110  C CE2 . TYR A 1 15  ? -1.731  -3.017  5.871   1.00 31.08 ? 15  TYR X CE2 1 
ATOM   111  C CZ  . TYR A 1 15  ? -0.490  -2.928  6.454   1.00 32.81 ? 15  TYR X CZ  1 
ATOM   112  O OH  . TYR A 1 15  ? -0.182  -3.751  7.516   1.00 30.30 ? 15  TYR X OH  1 
ATOM   113  N N   . PHE A 1 16  ? 1.006   -2.349  1.790   1.00 21.86 ? 16  PHE X N   1 
ATOM   114  C CA  . PHE A 1 16  ? 1.482   -3.652  1.342   1.00 22.88 ? 16  PHE X CA  1 
ATOM   115  C C   . PHE A 1 16  ? 1.946   -4.501  2.532   1.00 26.16 ? 16  PHE X C   1 
ATOM   116  O O   . PHE A 1 16  ? 3.135   -4.574  2.836   1.00 24.70 ? 16  PHE X O   1 
ATOM   117  C CB  . PHE A 1 16  ? 2.598   -3.496  0.304   1.00 22.75 ? 16  PHE X CB  1 
ATOM   118  C CG  . PHE A 1 16  ? 2.151   -2.830  -0.977  1.00 25.54 ? 16  PHE X CG  1 
ATOM   119  C CD1 . PHE A 1 16  ? 2.070   -1.440  -1.070  1.00 22.60 ? 16  PHE X CD1 1 
ATOM   120  C CD2 . PHE A 1 16  ? 1.807   -3.588  -2.080  1.00 23.83 ? 16  PHE X CD2 1 
ATOM   121  C CE1 . PHE A 1 16  ? 1.642   -0.826  -2.248  1.00 21.56 ? 16  PHE X CE1 1 
ATOM   122  C CE2 . PHE A 1 16  ? 1.396   -2.985  -3.259  1.00 29.03 ? 16  PHE X CE2 1 
ATOM   123  C CZ  . PHE A 1 16  ? 1.310   -1.595  -3.344  1.00 23.10 ? 16  PHE X CZ  1 
ATOM   124  N N   . PRO A 1 17  ? 0.987   -5.152  3.205   1.00 28.66 ? 17  PRO X N   1 
ATOM   125  C CA  . PRO A 1 17  ? 1.205   -5.944  4.423   1.00 29.48 ? 17  PRO X CA  1 
ATOM   126  C C   . PRO A 1 17  ? 2.275   -7.039  4.271   1.00 30.98 ? 17  PRO X C   1 
ATOM   127  O O   . PRO A 1 17  ? 2.993   -7.320  5.230   1.00 37.28 ? 17  PRO X O   1 
ATOM   128  C CB  . PRO A 1 17  ? -0.169  -6.572  4.690   1.00 32.17 ? 17  PRO X CB  1 
ATOM   129  C CG  . PRO A 1 17  ? -1.144  -5.774  3.895   1.00 33.96 ? 17  PRO X CG  1 
ATOM   130  C CD  . PRO A 1 17  ? -0.400  -5.240  2.715   1.00 31.34 ? 17  PRO X CD  1 
ATOM   131  N N   . GLY A 1 18  ? 2.400   -7.640  3.094   1.00 28.18 ? 18  GLY X N   1 
ATOM   132  C CA  . GLY A 1 18  ? 3.391   -8.695  2.919   1.00 34.79 ? 18  GLY X CA  1 
ATOM   133  C C   . GLY A 1 18  ? 4.826   -8.254  2.656   1.00 37.74 ? 18  GLY X C   1 
ATOM   134  O O   . GLY A 1 18  ? 5.765   -9.047  2.776   1.00 36.85 ? 18  GLY X O   1 
ATOM   135  N N   . MET A 1 19  ? 5.005   -6.980  2.322   1.00 31.98 ? 19  MET X N   1 
ATOM   136  C CA  . MET A 1 19  ? 6.277   -6.490  1.785   1.00 30.53 ? 19  MET X CA  1 
ATOM   137  C C   . MET A 1 19  ? 7.324   -6.122  2.839   1.00 32.41 ? 19  MET X C   1 
ATOM   138  O O   . MET A 1 19  ? 7.014   -5.473  3.846   1.00 29.58 ? 19  MET X O   1 
ATOM   139  C CB  . MET A 1 19  ? 5.997   -5.282  0.892   1.00 28.64 ? 19  MET X CB  1 
ATOM   140  C CG  . MET A 1 19  ? 7.121   -4.888  -0.034  1.00 22.88 ? 19  MET X CG  1 
ATOM   141  S SD  . MET A 1 19  ? 6.639   -3.412  -0.941  1.00 23.63 ? 19  MET X SD  1 
ATOM   142  C CE  . MET A 1 19  ? 5.501   -4.100  -2.145  1.00 23.68 ? 19  MET X CE  1 
ATOM   143  N N   . SER A 1 20  ? 8.575   -6.519  2.594   1.00 27.33 ? 20  SER X N   1 
ATOM   144  C CA  . SER A 1 20  ? 9.660   -6.164  3.498   1.00 28.05 ? 20  SER X CA  1 
ATOM   145  C C   . SER A 1 20  ? 10.251  -4.819  3.109   1.00 26.57 ? 20  SER X C   1 
ATOM   146  O O   . SER A 1 20  ? 9.986   -4.307  2.018   1.00 22.36 ? 20  SER X O   1 
ATOM   147  C CB  . SER A 1 20  ? 10.763  -7.232  3.477   1.00 30.88 ? 20  SER X CB  1 
ATOM   148  O OG  . SER A 1 20  ? 11.410  -7.281  2.215   1.00 27.26 ? 20  SER X OG  1 
ATOM   149  N N   . ARG A 1 21  ? 11.065  -4.264  4.004   1.00 23.72 ? 21  ARG X N   1 
ATOM   150  C CA  . ARG A 1 21  ? 11.839  -3.075  3.708   1.00 25.14 ? 21  ARG X CA  1 
ATOM   151  C C   . ARG A 1 21  ? 12.672  -3.284  2.444   1.00 29.79 ? 21  ARG X C   1 
ATOM   152  O O   . ARG A 1 21  ? 12.740  -2.418  1.571   1.00 25.71 ? 21  ARG X O   1 
ATOM   153  C CB  . ARG A 1 21  ? 12.746  -2.735  4.885   1.00 28.03 ? 21  ARG X CB  1 
ATOM   154  C CG  . ARG A 1 21  ? 13.527  -1.449  4.699   1.00 27.38 ? 21  ARG X CG  1 
ATOM   155  C CD  . ARG A 1 21  ? 14.489  -1.180  5.844   1.00 26.18 ? 21  ARG X CD  1 
ATOM   156  N NE  . ARG A 1 21  ? 15.327  -0.012  5.578   1.00 28.46 ? 21  ARG X NE  1 
ATOM   157  C CZ  . ARG A 1 21  ? 15.225  1.140   6.236   1.00 33.28 ? 21  ARG X CZ  1 
ATOM   158  N NH1 . ARG A 1 21  ? 14.331  1.267   7.207   1.00 29.10 ? 21  ARG X NH1 1 
ATOM   159  N NH2 . ARG A 1 21  ? 16.020  2.160   5.934   1.00 33.97 ? 21  ARG X NH2 1 
ATOM   160  N N   . GLU A 1 22  ? 13.302  -4.448  2.351   1.00 29.80 ? 22  GLU X N   1 
ATOM   161  C CA  . GLU A 1 22  ? 14.197  -4.750  1.241   1.00 27.02 ? 22  GLU X CA  1 
ATOM   162  C C   . GLU A 1 22  ? 13.461  -4.843  -0.095  1.00 26.62 ? 22  GLU X C   1 
ATOM   163  O O   . GLU A 1 22  ? 13.964  -4.375  -1.130  1.00 24.30 ? 22  GLU X O   1 
ATOM   164  C CB  . GLU A 1 22  ? 14.989  -6.031  1.523   1.00 29.46 ? 22  GLU X CB  1 
ATOM   165  C CG  . GLU A 1 22  ? 16.036  -5.878  2.630   1.00 41.00 ? 22  GLU X CG  1 
ATOM   166  C CD  . GLU A 1 22  ? 15.433  -5.710  4.031   1.00 37.42 ? 22  GLU X CD  1 
ATOM   167  O OE1 . GLU A 1 22  ? 14.418  -6.383  4.342   1.00 39.61 ? 22  GLU X OE1 1 
ATOM   168  O OE2 . GLU A 1 22  ? 15.992  -4.915  4.826   1.00 35.66 ? 22  GLU X OE2 1 
ATOM   169  N N   . GLU A 1 23  ? 12.277  -5.446  -0.083  1.00 24.35 ? 23  GLU X N   1 
ATOM   170  C CA  . GLU A 1 23  ? 11.511  -5.526  -1.314  1.00 25.79 ? 23  GLU X CA  1 
ATOM   171  C C   . GLU A 1 23  ? 11.019  -4.151  -1.756  1.00 23.18 ? 23  GLU X C   1 
ATOM   172  O O   . GLU A 1 23  ? 11.122  -3.796  -2.932  1.00 22.99 ? 23  GLU X O   1 
ATOM   173  C CB  . GLU A 1 23  ? 10.341  -6.503  -1.219  1.00 24.30 ? 23  GLU X CB  1 
ATOM   174  C CG  . GLU A 1 23  ? 9.731   -6.734  -2.597  1.00 31.34 ? 23  GLU X CG  1 
ATOM   175  C CD  . GLU A 1 23  ? 8.537   -7.658  -2.608  1.00 35.39 ? 23  GLU X CD  1 
ATOM   176  O OE1 . GLU A 1 23  ? 8.104   -8.120  -1.525  1.00 41.78 ? 23  GLU X OE1 1 
ATOM   177  O OE2 . GLU A 1 23  ? 8.027   -7.912  -3.722  1.00 35.40 ? 23  GLU X OE2 1 
ATOM   178  N N   . ALA A 1 24  ? 10.481  -3.385  -0.812  1.00 25.87 ? 24  ALA X N   1 
ATOM   179  C CA  . ALA A 1 24  ? 10.059  -2.003  -1.089  1.00 23.61 ? 24  ALA X CA  1 
ATOM   180  C C   . ALA A 1 24  ? 11.174  -1.149  -1.684  1.00 20.46 ? 24  ALA X C   1 
ATOM   181  O O   . ALA A 1 24  ? 10.955  -0.380  -2.621  1.00 20.39 ? 24  ALA X O   1 
ATOM   182  C CB  . ALA A 1 24  ? 9.511   -1.346  0.182   1.00 17.60 ? 24  ALA X CB  1 
ATOM   183  N N   . HIS A 1 25  ? 12.366  -1.262  -1.114  1.00 18.96 ? 25  HIS X N   1 
ATOM   184  C CA  . HIS A 1 25  ? 13.505  -0.467  -1.560  1.00 21.57 ? 25  HIS X CA  1 
ATOM   185  C C   . HIS A 1 25  ? 13.852  -0.819  -3.007  1.00 20.78 ? 25  HIS X C   1 
ATOM   186  O O   . HIS A 1 25  ? 14.108  0.052   -3.844  1.00 20.39 ? 25  HIS X O   1 
ATOM   187  C CB  . HIS A 1 25  ? 14.712  -0.739  -0.657  1.00 23.90 ? 25  HIS X CB  1 
ATOM   188  C CG  . HIS A 1 25  ? 15.692  0.390   -0.597  1.00 25.51 ? 25  HIS X CG  1 
ATOM   189  N ND1 . HIS A 1 25  ? 16.428  0.802   -1.688  1.00 23.91 ? 25  HIS X ND1 1 
ATOM   190  C CD2 . HIS A 1 25  ? 16.061  1.192   0.428   1.00 23.39 ? 25  HIS X CD2 1 
ATOM   191  C CE1 . HIS A 1 25  ? 17.205  1.807   -1.338  1.00 24.95 ? 25  HIS X CE1 1 
ATOM   192  N NE2 . HIS A 1 25  ? 16.994  2.070   -0.060  1.00 27.71 ? 25  HIS X NE2 1 
ATOM   193  N N   . LYS A 1 26  ? 13.884  -2.114  -3.284  1.00 22.99 ? 26  LYS X N   1 
ATOM   194  C CA  . LYS A 1 26  ? 14.131  -2.594  -4.634  1.00 24.35 ? 26  LYS X CA  1 
ATOM   195  C C   . LYS A 1 26  ? 13.059  -2.096  -5.607  1.00 20.47 ? 26  LYS X C   1 
ATOM   196  O O   . LYS A 1 26  ? 13.384  -1.539  -6.648  1.00 21.98 ? 26  LYS X O   1 
ATOM   197  C CB  . LYS A 1 26  ? 14.187  -4.124  -4.652  1.00 23.78 ? 26  LYS X CB  1 
ATOM   198  C CG  . LYS A 1 26  ? 14.475  -4.718  -6.025  1.00 28.31 ? 26  LYS X CG  1 
ATOM   199  C CD  . LYS A 1 26  ? 14.008  -6.170  -6.105  1.00 35.60 ? 26  LYS X CD  1 
ATOM   200  C CE  . LYS A 1 26  ? 14.110  -6.717  -7.524  1.00 42.22 ? 26  LYS X CE  1 
ATOM   201  N NZ  . LYS A 1 26  ? 13.934  -8.206  -7.577  1.00 49.59 ? 26  LYS X NZ  1 
ATOM   202  N N   . LEU A 1 27  ? 11.784  -2.299  -5.276  1.00 19.12 ? 27  LEU X N   1 
ATOM   203  C CA  . LEU A 1 27  ? 10.702  -1.890  -6.174  1.00 19.41 ? 27  LEU X CA  1 
ATOM   204  C C   . LEU A 1 27  ? 10.712  -0.379  -6.444  1.00 21.37 ? 27  LEU X C   1 
ATOM   205  O O   . LEU A 1 27  ? 10.629  0.057   -7.592  1.00 22.02 ? 27  LEU X O   1 
ATOM   206  C CB  . LEU A 1 27  ? 9.340   -2.332  -5.625  1.00 21.27 ? 27  LEU X CB  1 
ATOM   207  C CG  . LEU A 1 27  ? 9.113   -3.844  -5.533  1.00 21.61 ? 27  LEU X CG  1 
ATOM   208  C CD1 . LEU A 1 27  ? 7.716   -4.161  -4.994  1.00 25.42 ? 27  LEU X CD1 1 
ATOM   209  C CD2 . LEU A 1 27  ? 9.340   -4.522  -6.888  1.00 24.01 ? 27  LEU X CD2 1 
ATOM   210  N N   . LEU A 1 28  ? 10.816  0.420   -5.385  1.00 20.59 ? 28  LEU X N   1 
ATOM   211  C CA  . LEU A 1 28  ? 10.782  1.871   -5.534  1.00 17.95 ? 28  LEU X CA  1 
ATOM   212  C C   . LEU A 1 28  ? 12.086  2.434   -6.104  1.00 19.01 ? 28  LEU X C   1 
ATOM   213  O O   . LEU A 1 28  ? 12.115  3.561   -6.611  1.00 20.91 ? 28  LEU X O   1 
ATOM   214  C CB  . LEU A 1 28  ? 10.386  2.552   -4.215  1.00 19.60 ? 28  LEU X CB  1 
ATOM   215  C CG  . LEU A 1 28  ? 8.875   2.513   -3.922  1.00 22.38 ? 28  LEU X CG  1 
ATOM   216  C CD1 . LEU A 1 28  ? 8.574   2.976   -2.519  1.00 26.30 ? 28  LEU X CD1 1 
ATOM   217  C CD2 . LEU A 1 28  ? 8.082   3.366   -4.914  1.00 22.57 ? 28  LEU X CD2 1 
ATOM   218  N N   . GLY A 1 29  ? 13.151  1.634   -6.049  1.00 20.82 ? 29  GLY X N   1 
ATOM   219  C CA  . GLY A 1 29  ? 14.435  2.030   -6.596  1.00 20.75 ? 29  GLY X CA  1 
ATOM   220  C C   . GLY A 1 29  ? 14.634  1.733   -8.078  1.00 25.89 ? 29  GLY X C   1 
ATOM   221  O O   . GLY A 1 29  ? 15.635  2.153   -8.669  1.00 20.88 ? 29  GLY X O   1 
ATOM   222  N N   . GLU A 1 30  ? 13.687  1.015   -8.681  1.00 23.04 ? 30  GLU X N   1 
ATOM   223  C CA  . GLU A 1 30  ? 13.782  0.665   -10.100 1.00 21.91 ? 30  GLU X CA  1 
ATOM   224  C C   . GLU A 1 30  ? 13.830  1.929   -10.976 1.00 21.78 ? 30  GLU X C   1 
ATOM   225  O O   . GLU A 1 30  ? 13.232  2.952   -10.636 1.00 21.63 ? 30  GLU X O   1 
ATOM   226  C CB  . GLU A 1 30  ? 12.654  -0.309  -10.498 1.00 21.30 ? 30  GLU X CB  1 
ATOM   227  C CG  . GLU A 1 30  ? 12.816  -1.681  -9.830  1.00 20.07 ? 30  GLU X CG  1 
ATOM   228  C CD  . GLU A 1 30  ? 11.818  -2.724  -10.300 1.00 20.96 ? 30  GLU X CD  1 
ATOM   229  O OE1 . GLU A 1 30  ? 10.744  -2.361  -10.823 1.00 22.45 ? 30  GLU X OE1 1 
ATOM   230  O OE2 . GLU A 1 30  ? 12.116  -3.923  -10.135 1.00 25.51 ? 30  GLU X OE2 1 
ATOM   231  N N   . PRO A 1 31  ? 14.577  1.873   -12.093 1.00 24.81 ? 31  PRO X N   1 
ATOM   232  C CA  . PRO A 1 31  ? 14.889  3.079   -12.886 1.00 24.20 ? 31  PRO X CA  1 
ATOM   233  C C   . PRO A 1 31  ? 13.664  3.810   -13.413 1.00 19.60 ? 31  PRO X C   1 
ATOM   234  O O   . PRO A 1 31  ? 13.700  5.035   -13.527 1.00 22.69 ? 31  PRO X O   1 
ATOM   235  C CB  . PRO A 1 31  ? 15.717  2.532   -14.059 1.00 22.02 ? 31  PRO X CB  1 
ATOM   236  C CG  . PRO A 1 31  ? 16.295  1.258   -13.550 1.00 20.67 ? 31  PRO X CG  1 
ATOM   237  C CD  . PRO A 1 31  ? 15.272  0.680   -12.602 1.00 24.65 ? 31  PRO X CD  1 
ATOM   238  N N   . GLN A 1 32  ? 12.599  3.082   -13.737 1.00 18.69 ? 32  GLN X N   1 
ATOM   239  C CA  . GLN A 1 32  ? 11.414  3.706   -14.342 1.00 21.31 ? 32  GLN X CA  1 
ATOM   240  C C   . GLN A 1 32  ? 10.447  4.345   -13.322 1.00 20.20 ? 32  GLN X C   1 
ATOM   241  O O   . GLN A 1 32  ? 9.461   4.989   -13.692 1.00 19.34 ? 32  GLN X O   1 
ATOM   242  C CB  . GLN A 1 32  ? 10.669  2.687   -15.214 1.00 17.99 ? 32  GLN X CB  1 
ATOM   243  C CG  . GLN A 1 32  ? 9.792   1.698   -14.446 1.00 21.19 ? 32  GLN X CG  1 
ATOM   244  C CD  . GLN A 1 32  ? 10.578  0.677   -13.629 1.00 20.81 ? 32  GLN X CD  1 
ATOM   245  O OE1 . GLN A 1 32  ? 11.781  0.524   -13.794 1.00 20.38 ? 32  GLN X OE1 1 
ATOM   246  N NE2 . GLN A 1 32  ? 9.888   -0.014  -12.731 1.00 19.36 ? 32  GLN X NE2 1 
ATOM   247  N N   . VAL A 1 33  ? 10.720  4.145   -12.038 1.00 21.57 ? 33  VAL X N   1 
ATOM   248  C CA  . VAL A 1 33  ? 9.880   4.709   -10.977 1.00 21.46 ? 33  VAL X CA  1 
ATOM   249  C C   . VAL A 1 33  ? 10.141  6.208   -10.813 1.00 20.72 ? 33  VAL X C   1 
ATOM   250  O O   . VAL A 1 33  ? 11.283  6.629   -10.616 1.00 20.77 ? 33  VAL X O   1 
ATOM   251  C CB  . VAL A 1 33  ? 10.119  3.990   -9.627  1.00 21.76 ? 33  VAL X CB  1 
ATOM   252  C CG1 . VAL A 1 33  ? 9.347   4.685   -8.496  1.00 18.34 ? 33  VAL X CG1 1 
ATOM   253  C CG2 . VAL A 1 33  ? 9.735   2.528   -9.733  1.00 17.35 ? 33  VAL X CG2 1 
ATOM   254  N N   . SER A 1 34  ? 9.081   7.012   -10.893 1.00 18.69 ? 34  SER X N   1 
ATOM   255  C CA  . SER A 1 34  ? 9.233   8.467   -10.844 1.00 23.19 ? 34  SER X CA  1 
ATOM   256  C C   . SER A 1 34  ? 9.368   8.978   -9.415  1.00 21.83 ? 34  SER X C   1 
ATOM   257  O O   . SER A 1 34  ? 8.861   8.372   -8.472  1.00 19.38 ? 34  SER X O   1 
ATOM   258  C CB  . SER A 1 34  ? 8.066   9.157   -11.547 1.00 22.78 ? 34  SER X CB  1 
ATOM   259  O OG  . SER A 1 34  ? 6.830   8.732   -11.007 1.00 28.12 ? 34  SER X OG  1 
ATOM   260  N N   . ILE A 1 35  ? 10.079  10.083  -9.252  1.00 22.05 ? 35  ILE X N   1 
ATOM   261  C CA  . ILE A 1 35  ? 10.222  10.667  -7.930  1.00 20.13 ? 35  ILE X CA  1 
ATOM   262  C C   . ILE A 1 35  ? 8.840   11.027  -7.387  1.00 17.44 ? 35  ILE X C   1 
ATOM   263  O O   . ILE A 1 35  ? 7.982   11.499  -8.122  1.00 20.65 ? 35  ILE X O   1 
ATOM   264  C CB  . ILE A 1 35  ? 11.174  11.880  -7.960  1.00 22.77 ? 35  ILE X CB  1 
ATOM   265  C CG1 . ILE A 1 35  ? 12.612  11.406  -8.222  1.00 21.27 ? 35  ILE X CG1 1 
ATOM   266  C CG2 . ILE A 1 35  ? 11.111  12.639  -6.643  1.00 22.11 ? 35  ILE X CG2 1 
ATOM   267  C CD1 . ILE A 1 35  ? 13.593  12.558  -8.552  1.00 28.53 ? 35  ILE X CD1 1 
ATOM   268  N N   . GLY A 1 36  ? 8.608   10.772  -6.106  1.00 16.53 ? 36  GLY X N   1 
ATOM   269  C CA  . GLY A 1 36  ? 7.314   11.063  -5.507  1.00 18.95 ? 36  GLY X CA  1 
ATOM   270  C C   . GLY A 1 36  ? 6.437   9.823   -5.386  1.00 19.86 ? 36  GLY X C   1 
ATOM   271  O O   . GLY A 1 36  ? 5.359   9.859   -4.758  1.00 17.75 ? 36  GLY X O   1 
ATOM   272  N N   . THR A 1 37  ? 6.883   8.726   -5.995  1.00 15.34 ? 37  THR X N   1 
ATOM   273  C CA  . THR A 1 37  ? 6.153   7.457   -5.875  1.00 20.53 ? 37  THR X CA  1 
ATOM   274  C C   . THR A 1 37  ? 6.401   6.877   -4.480  1.00 16.25 ? 37  THR X C   1 
ATOM   275  O O   . THR A 1 37  ? 7.527   6.904   -3.981  1.00 16.72 ? 37  THR X O   1 
ATOM   276  C CB  . THR A 1 37  ? 6.572   6.453   -6.977  1.00 17.29 ? 37  THR X CB  1 
ATOM   277  O OG1 . THR A 1 37  ? 6.546   7.111   -8.244  1.00 18.48 ? 37  THR X OG1 1 
ATOM   278  C CG2 . THR A 1 37  ? 5.636   5.263   -7.033  1.00 17.24 ? 37  THR X CG2 1 
ATOM   279  N N   . PHE A 1 38  ? 5.351   6.366   -3.849  1.00 19.81 ? 38  PHE X N   1 
ATOM   280  C CA  . PHE A 1 38  ? 5.457   5.894   -2.470  1.00 18.29 ? 38  PHE X CA  1 
ATOM   281  C C   . PHE A 1 38  ? 4.535   4.709   -2.188  1.00 19.36 ? 38  PHE X C   1 
ATOM   282  O O   . PHE A 1 38  ? 3.580   4.440   -2.930  1.00 16.72 ? 38  PHE X O   1 
ATOM   283  C CB  . PHE A 1 38  ? 5.113   7.037   -1.499  1.00 15.93 ? 38  PHE X CB  1 
ATOM   284  C CG  . PHE A 1 38  ? 3.661   7.411   -1.511  1.00 14.48 ? 38  PHE X CG  1 
ATOM   285  C CD1 . PHE A 1 38  ? 3.162   8.281   -2.469  1.00 17.57 ? 38  PHE X CD1 1 
ATOM   286  C CD2 . PHE A 1 38  ? 2.788   6.865   -0.591  1.00 19.37 ? 38  PHE X CD2 1 
ATOM   287  C CE1 . PHE A 1 38  ? 1.821   8.617   -2.499  1.00 19.99 ? 38  PHE X CE1 1 
ATOM   288  C CE2 . PHE A 1 38  ? 1.432   7.193   -0.616  1.00 19.34 ? 38  PHE X CE2 1 
ATOM   289  C CZ  . PHE A 1 38  ? 0.952   8.068   -1.579  1.00 18.55 ? 38  PHE X CZ  1 
ATOM   290  N N   . LEU A 1 39  ? 4.820   4.003   -1.103  1.00 13.95 ? 39  LEU X N   1 
ATOM   291  C CA  . LEU A 1 39  ? 3.892   3.011   -0.599  1.00 16.09 ? 39  LEU X CA  1 
ATOM   292  C C   . LEU A 1 39  ? 3.986   2.947   0.910   1.00 16.48 ? 39  LEU X C   1 
ATOM   293  O O   . LEU A 1 39  ? 4.946   3.443   1.511   1.00 15.76 ? 39  LEU X O   1 
ATOM   294  C CB  . LEU A 1 39  ? 4.166   1.640   -1.216  1.00 15.82 ? 39  LEU X CB  1 
ATOM   295  C CG  . LEU A 1 39  ? 5.566   1.031   -1.069  1.00 17.59 ? 39  LEU X CG  1 
ATOM   296  C CD1 . LEU A 1 39  ? 5.770   0.410   0.313   1.00 16.99 ? 39  LEU X CD1 1 
ATOM   297  C CD2 . LEU A 1 39  ? 5.754   -0.024  -2.155  1.00 19.76 ? 39  LEU X CD2 1 
ATOM   298  N N   . MET A 1 40  ? 2.982   2.330   1.517   1.00 17.40 ? 40  MET X N   1 
ATOM   299  C CA  . MET A 1 40  ? 3.036   2.018   2.930   1.00 19.48 ? 40  MET X CA  1 
ATOM   300  C C   . MET A 1 40  ? 3.125   0.515   3.120   1.00 18.76 ? 40  MET X C   1 
ATOM   301  O O   . MET A 1 40  ? 2.732   -0.253  2.250   1.00 20.20 ? 40  MET X O   1 
ATOM   302  C CB  . MET A 1 40  ? 1.821   2.581   3.662   1.00 18.29 ? 40  MET X CB  1 
ATOM   303  C CG  . MET A 1 40  ? 1.980   4.069   3.996   1.00 23.69 ? 40  MET X CG  1 
ATOM   304  S SD  . MET A 1 40  ? 0.519   4.654   4.837   1.00 27.21 ? 40  MET X SD  1 
ATOM   305  C CE  . MET A 1 40  ? 0.615   3.767   6.391   1.00 25.87 ? 40  MET X CE  1 
ATOM   306  N N   . ARG A 1 41  ? 3.669   0.116   4.258   1.00 17.60 ? 41  ARG X N   1 
ATOM   307  C CA  . ARG A 1 41  ? 3.907   -1.289  4.560   1.00 24.78 ? 41  ARG X CA  1 
ATOM   308  C C   . ARG A 1 41  ? 4.086   -1.414  6.060   1.00 25.47 ? 41  ARG X C   1 
ATOM   309  O O   . ARG A 1 41  ? 4.082   -0.411  6.775   1.00 21.48 ? 41  ARG X O   1 
ATOM   310  C CB  . ARG A 1 41  ? 5.170   -1.789  3.857   1.00 21.18 ? 41  ARG X CB  1 
ATOM   311  C CG  . ARG A 1 41  ? 6.413   -1.026  4.251   1.00 21.54 ? 41  ARG X CG  1 
ATOM   312  C CD  . ARG A 1 41  ? 7.659   -1.489  3.516   1.00 18.58 ? 41  ARG X CD  1 
ATOM   313  N NE  . ARG A 1 41  ? 8.780   -0.610  3.854   1.00 21.25 ? 41  ARG X NE  1 
ATOM   314  C CZ  . ARG A 1 41  ? 9.474   -0.691  4.986   1.00 19.32 ? 41  ARG X CZ  1 
ATOM   315  N NH1 . ARG A 1 41  ? 9.171   -1.619  5.875   1.00 24.92 ? 41  ARG X NH1 1 
ATOM   316  N NH2 . ARG A 1 41  ? 10.466  0.157   5.234   1.00 24.80 ? 41  ARG X NH2 1 
ATOM   317  N N   . ASP A 1 42  ? 4.275   -2.637  6.539   1.00 21.94 ? 42  ASP X N   1 
ATOM   318  C CA  . ASP A 1 42  ? 4.587   -2.833  7.950   1.00 25.69 ? 42  ASP X CA  1 
ATOM   319  C C   . ASP A 1 42  ? 6.042   -2.503  8.280   1.00 29.87 ? 42  ASP X C   1 
ATOM   320  O O   . ASP A 1 42  ? 6.954   -2.793  7.505   1.00 29.18 ? 42  ASP X O   1 
ATOM   321  C CB  . ASP A 1 42  ? 4.231   -4.260  8.373   1.00 30.94 ? 42  ASP X CB  1 
ATOM   322  C CG  . ASP A 1 42  ? 2.758   -4.544  8.204   1.00 29.15 ? 42  ASP X CG  1 
ATOM   323  O OD1 . ASP A 1 42  ? 1.955   -3.720  8.677   1.00 34.64 ? 42  ASP X OD1 1 
ATOM   324  O OD2 . ASP A 1 42  ? 2.400   -5.559  7.577   1.00 38.02 ? 42  ASP X OD2 1 
ATOM   325  N N   . SER A 1 43  ? 6.255   -1.883  9.434   1.00 23.30 ? 43  SER X N   1 
ATOM   326  C CA  . SER A 1 43  ? 7.601   -1.696  9.952   1.00 28.41 ? 43  SER X CA  1 
ATOM   327  C C   . SER A 1 43  ? 8.139   -2.985  10.589  1.00 27.71 ? 43  SER X C   1 
ATOM   328  O O   . SER A 1 43  ? 7.377   -3.887  10.921  1.00 30.43 ? 43  SER X O   1 
ATOM   329  C CB  . SER A 1 43  ? 7.603   -0.568  10.990  1.00 28.04 ? 43  SER X CB  1 
ATOM   330  O OG  . SER A 1 43  ? 8.858   -0.446  11.617  1.00 29.54 ? 43  SER X OG  1 
ATOM   331  N N   . SER A 1 44  ? 9.452   -3.055  10.776  1.00 32.93 ? 44  SER X N   1 
ATOM   332  C CA  . SER A 1 44  ? 10.051  -4.139  11.550  1.00 35.97 ? 44  SER X CA  1 
ATOM   333  C C   . SER A 1 44  ? 9.652   -3.994  13.023  1.00 39.91 ? 44  SER X C   1 
ATOM   334  O O   . SER A 1 44  ? 9.758   -4.937  13.812  1.00 40.76 ? 44  SER X O   1 
ATOM   335  C CB  . SER A 1 44  ? 11.578  -4.151  11.397  1.00 36.93 ? 44  SER X CB  1 
ATOM   336  O OG  . SER A 1 44  ? 12.181  -2.976  11.921  1.00 39.11 ? 44  SER X OG  1 
ATOM   337  N N   . ARG A 1 45  ? 9.183   -2.802  13.381  1.00 34.63 ? 45  ARG X N   1 
ATOM   338  C CA  . ARG A 1 45  ? 8.703   -2.536  14.730  1.00 34.74 ? 45  ARG X CA  1 
ATOM   339  C C   . ARG A 1 45  ? 7.227   -2.910  14.873  1.00 36.46 ? 45  ARG X C   1 
ATOM   340  O O   . ARG A 1 45  ? 6.399   -2.539  14.033  1.00 36.36 ? 45  ARG X O   1 
ATOM   341  C CB  . ARG A 1 45  ? 8.918   -1.063  15.092  1.00 32.34 ? 45  ARG X CB  1 
ATOM   342  C CG  . ARG A 1 45  ? 10.271  -0.785  15.682  1.00 40.44 ? 45  ARG X CG  1 
ATOM   343  C CD  . ARG A 1 45  ? 11.175  -0.017  14.740  1.00 41.84 ? 45  ARG X CD  1 
ATOM   344  N NE  . ARG A 1 45  ? 11.455  1.335   15.230  1.00 50.63 ? 45  ARG X NE  1 
ATOM   345  C CZ  . ARG A 1 45  ? 12.190  1.613   16.306  1.00 57.63 ? 45  ARG X CZ  1 
ATOM   346  N NH1 . ARG A 1 45  ? 12.720  0.632   17.032  1.00 57.07 ? 45  ARG X NH1 1 
ATOM   347  N NH2 . ARG A 1 45  ? 12.394  2.879   16.664  1.00 57.89 ? 45  ARG X NH2 1 
ATOM   348  N N   . PRO A 1 46  ? 6.893   -3.658  15.939  1.00 34.90 ? 46  PRO X N   1 
ATOM   349  C CA  . PRO A 1 46  ? 5.505   -4.044  16.200  1.00 35.00 ? 46  PRO X CA  1 
ATOM   350  C C   . PRO A 1 46  ? 4.571   -2.835  16.194  1.00 32.08 ? 46  PRO X C   1 
ATOM   351  O O   . PRO A 1 46  ? 4.884   -1.811  16.810  1.00 34.29 ? 46  PRO X O   1 
ATOM   352  C CB  . PRO A 1 46  ? 5.572   -4.644  17.608  1.00 35.47 ? 46  PRO X CB  1 
ATOM   353  C CG  . PRO A 1 46  ? 6.954   -5.166  17.723  1.00 35.91 ? 46  PRO X CG  1 
ATOM   354  C CD  . PRO A 1 46  ? 7.822   -4.217  16.938  1.00 38.52 ? 46  PRO X CD  1 
ATOM   355  N N   . GLY A 1 47  ? 3.446   -2.962  15.498  1.00 29.78 ? 47  GLY X N   1 
ATOM   356  C CA  . GLY A 1 47  ? 2.412   -1.943  15.502  1.00 31.59 ? 47  GLY X CA  1 
ATOM   357  C C   . GLY A 1 47  ? 2.776   -0.615  14.873  1.00 34.48 ? 47  GLY X C   1 
ATOM   358  O O   . GLY A 1 47  ? 2.064   0.374   15.062  1.00 38.54 ? 47  GLY X O   1 
ATOM   359  N N   . GLU A 1 48  ? 3.888   -0.565  14.143  1.00 33.45 ? 48  GLU X N   1 
ATOM   360  C CA  . GLU A 1 48  ? 4.227   0.643   13.400  1.00 31.55 ? 48  GLU X CA  1 
ATOM   361  C C   . GLU A 1 48  ? 4.062   0.418   11.893  1.00 31.41 ? 48  GLU X C   1 
ATOM   362  O O   . GLU A 1 48  ? 4.023   -0.721  11.419  1.00 30.69 ? 48  GLU X O   1 
ATOM   363  C CB  . GLU A 1 48  ? 5.650   1.120   13.716  1.00 27.08 ? 48  GLU X CB  1 
ATOM   364  C CG  . GLU A 1 48  ? 6.007   1.211   15.209  1.00 31.81 ? 48  GLU X CG  1 
ATOM   365  C CD  . GLU A 1 48  ? 5.206   2.259   15.979  1.00 32.29 ? 48  GLU X CD  1 
ATOM   366  O OE1 . GLU A 1 48  ? 4.015   2.493   15.655  1.00 32.90 ? 48  GLU X OE1 1 
ATOM   367  O OE2 . GLU A 1 48  ? 5.772   2.837   16.926  1.00 31.21 ? 48  GLU X OE2 1 
ATOM   368  N N   . TYR A 1 49  ? 3.935   1.513   11.152  1.00 27.57 ? 49  TYR X N   1 
ATOM   369  C CA  . TYR A 1 49  ? 3.941   1.455   9.703   1.00 27.42 ? 49  TYR X CA  1 
ATOM   370  C C   . TYR A 1 49  ? 5.205   2.111   9.201   1.00 23.32 ? 49  TYR X C   1 
ATOM   371  O O   . TYR A 1 49  ? 5.836   2.890   9.902   1.00 24.13 ? 49  TYR X O   1 
ATOM   372  C CB  . TYR A 1 49  ? 2.721   2.160   9.100   1.00 23.96 ? 49  TYR X CB  1 
ATOM   373  C CG  . TYR A 1 49  ? 1.407   1.464   9.351   1.00 30.04 ? 49  TYR X CG  1 
ATOM   374  C CD1 . TYR A 1 49  ? 1.168   0.183   8.859   1.00 27.41 ? 49  TYR X CD1 1 
ATOM   375  C CD2 . TYR A 1 49  ? 0.389   2.093   10.054  1.00 24.40 ? 49  TYR X CD2 1 
ATOM   376  C CE1 . TYR A 1 49  ? -0.036  -0.451  9.078   1.00 26.86 ? 49  TYR X CE1 1 
ATOM   377  C CE2 . TYR A 1 49  ? -0.818  1.465   10.279  1.00 25.74 ? 49  TYR X CE2 1 
ATOM   378  C CZ  . TYR A 1 49  ? -1.028  0.191   9.794   1.00 29.00 ? 49  TYR X CZ  1 
ATOM   379  O OH  . TYR A 1 49  ? -2.238  -0.430  10.012  1.00 25.95 ? 49  TYR X OH  1 
ATOM   380  N N   . SER A 1 50  ? 5.565   1.787   7.971   1.00 25.37 ? 50  SER X N   1 
ATOM   381  C CA  . SER A 1 50  ? 6.675   2.426   7.303   1.00 21.46 ? 50  SER X CA  1 
ATOM   382  C C   . SER A 1 50  ? 6.164   3.009   6.009   1.00 21.34 ? 50  SER X C   1 
ATOM   383  O O   . SER A 1 50  ? 5.395   2.372   5.299   1.00 18.44 ? 50  SER X O   1 
ATOM   384  C CB  . SER A 1 50  ? 7.783   1.417   6.996   1.00 23.63 ? 50  SER X CB  1 
ATOM   385  O OG  . SER A 1 50  ? 8.597   1.200   8.126   1.00 25.25 ? 50  SER X OG  1 
ATOM   386  N N   . LEU A 1 51  ? 6.599   4.229   5.724   1.00 19.79 ? 51  LEU X N   1 
ATOM   387  C CA  . LEU A 1 51  ? 6.349   4.890   4.464   1.00 18.89 ? 51  LEU X CA  1 
ATOM   388  C C   . LEU A 1 51  ? 7.653   4.829   3.680   1.00 16.74 ? 51  LEU X C   1 
ATOM   389  O O   . LEU A 1 51  ? 8.677   5.317   4.153   1.00 18.97 ? 51  LEU X O   1 
ATOM   390  C CB  . LEU A 1 51  ? 5.957   6.351   4.725   1.00 16.82 ? 51  LEU X CB  1 
ATOM   391  C CG  . LEU A 1 51  ? 5.729   7.288   3.543   1.00 18.51 ? 51  LEU X CG  1 
ATOM   392  C CD1 . LEU A 1 51  ? 4.508   6.879   2.716   1.00 17.51 ? 51  LEU X CD1 1 
ATOM   393  C CD2 . LEU A 1 51  ? 5.577   8.710   4.048   1.00 18.36 ? 51  LEU X CD2 1 
ATOM   394  N N   . THR A 1 52  ? 7.610   4.240   2.490   1.00 15.14 ? 52  THR X N   1 
ATOM   395  C CA  . THR A 1 52  ? 8.779   4.145   1.602   1.00 18.21 ? 52  THR X CA  1 
ATOM   396  C C   . THR A 1 52  ? 8.550   4.974   0.327   1.00 15.95 ? 52  THR X C   1 
ATOM   397  O O   . THR A 1 52  ? 7.518   4.829   -0.332  1.00 14.48 ? 52  THR X O   1 
ATOM   398  C CB  . THR A 1 52  ? 9.107   2.654   1.227   1.00 17.17 ? 52  THR X CB  1 
ATOM   399  O OG1 . THR A 1 52  ? 9.274   1.884   2.422   1.00 17.70 ? 52  THR X OG1 1 
ATOM   400  C CG2 . THR A 1 52  ? 10.391  2.560   0.401   1.00 15.94 ? 52  THR X CG2 1 
ATOM   401  N N   . VAL A 1 53  ? 9.514   5.840   -0.001  1.00 17.35 ? 53  VAL X N   1 
ATOM   402  C CA  . VAL A 1 53  ? 9.364   6.848   -1.053  1.00 17.03 ? 53  VAL X CA  1 
ATOM   403  C C   . VAL A 1 53  ? 10.604  6.943   -1.960  1.00 17.72 ? 53  VAL X C   1 
ATOM   404  O O   . VAL A 1 53  ? 11.734  6.932   -1.484  1.00 19.05 ? 53  VAL X O   1 
ATOM   405  C CB  . VAL A 1 53  ? 9.106   8.267   -0.455  1.00 17.10 ? 53  VAL X CB  1 
ATOM   406  C CG1 . VAL A 1 53  ? 8.530   9.208   -1.506  1.00 15.90 ? 53  VAL X CG1 1 
ATOM   407  C CG2 . VAL A 1 53  ? 8.177   8.198   0.734   1.00 15.49 ? 53  VAL X CG2 1 
ATOM   408  N N   . ARG A 1 54  ? 10.380  7.038   -3.265  1.00 19.50 ? 54  ARG X N   1 
ATOM   409  C CA  . ARG A 1 54  ? 11.447  7.368   -4.214  1.00 18.18 ? 54  ARG X CA  1 
ATOM   410  C C   . ARG A 1 54  ? 11.574  8.890   -4.218  1.00 20.31 ? 54  ARG X C   1 
ATOM   411  O O   . ARG A 1 54  ? 10.649  9.593   -4.638  1.00 18.10 ? 54  ARG X O   1 
ATOM   412  C CB  . ARG A 1 54  ? 11.071  6.874   -5.612  1.00 17.59 ? 54  ARG X CB  1 
ATOM   413  C CG  . ARG A 1 54  ? 12.035  7.266   -6.727  1.00 19.38 ? 54  ARG X CG  1 
ATOM   414  C CD  . ARG A 1 54  ? 13.425  6.682   -6.543  1.00 20.38 ? 54  ARG X CD  1 
ATOM   415  N NE  . ARG A 1 54  ? 14.218  6.843   -7.764  1.00 26.95 ? 54  ARG X NE  1 
ATOM   416  C CZ  . ARG A 1 54  ? 14.222  5.966   -8.771  1.00 28.54 ? 54  ARG X CZ  1 
ATOM   417  N NH1 . ARG A 1 54  ? 13.487  4.863   -8.689  1.00 20.44 ? 54  ARG X NH1 1 
ATOM   418  N NH2 . ARG A 1 54  ? 14.967  6.180   -9.854  1.00 28.14 ? 54  ARG X NH2 1 
ATOM   419  N N   . GLU A 1 55  ? 12.698  9.394   -3.721  1.00 19.51 ? 55  GLU X N   1 
ATOM   420  C CA  . GLU A 1 55  ? 12.852  10.835  -3.502  1.00 21.58 ? 55  GLU X CA  1 
ATOM   421  C C   . GLU A 1 55  ? 13.945  11.453  -4.364  1.00 21.55 ? 55  GLU X C   1 
ATOM   422  O O   . GLU A 1 55  ? 14.058  12.675  -4.464  1.00 23.05 ? 55  GLU X O   1 
ATOM   423  C CB  . GLU A 1 55  ? 13.103  11.130  -2.017  1.00 19.04 ? 55  GLU X CB  1 
ATOM   424  C CG  . GLU A 1 55  ? 11.889  10.805  -1.146  1.00 18.14 ? 55  GLU X CG  1 
ATOM   425  C CD  . GLU A 1 55  ? 11.970  11.391  0.238   1.00 21.55 ? 55  GLU X CD  1 
ATOM   426  O OE1 . GLU A 1 55  ? 12.116  12.630  0.372   1.00 20.78 ? 55  GLU X OE1 1 
ATOM   427  O OE2 . GLU A 1 55  ? 11.875  10.613  1.200   1.00 21.80 ? 55  GLU X OE2 1 
ATOM   428  N N   . ALA A 1 56  ? 14.750  10.608  -4.990  1.00 26.21 ? 56  ALA X N   1 
ATOM   429  C CA  . ALA A 1 56  ? 15.822  11.091  -5.852  1.00 26.52 ? 56  ALA X CA  1 
ATOM   430  C C   . ALA A 1 56  ? 16.155  10.046  -6.907  1.00 25.64 ? 56  ALA X C   1 
ATOM   431  O O   . ALA A 1 56  ? 15.850  8.870   -6.741  1.00 21.24 ? 56  ALA X O   1 
ATOM   432  C CB  . ALA A 1 56  ? 17.058  11.434  -5.018  1.00 27.99 ? 56  ALA X CB  1 
ATOM   433  N N   . ASP A 1 57  ? 16.787  10.476  -7.990  1.00 28.51 ? 57  ASP X N   1 
ATOM   434  C CA  . ASP A 1 57  ? 17.239  9.543   -9.010  1.00 35.37 ? 57  ASP X CA  1 
ATOM   435  C C   . ASP A 1 57  ? 18.620  8.982   -8.668  1.00 40.98 ? 57  ASP X C   1 
ATOM   436  O O   . ASP A 1 57  ? 18.832  7.769   -8.714  1.00 42.67 ? 57  ASP X O   1 
ATOM   437  C CB  . ASP A 1 57  ? 17.200  10.193  -10.394 1.00 31.75 ? 57  ASP X CB  1 
ATOM   438  C CG  . ASP A 1 57  ? 15.802  10.171  -11.003 1.00 35.75 ? 57  ASP X CG  1 
ATOM   439  O OD1 . ASP A 1 57  ? 14.966  9.352   -10.549 1.00 33.80 ? 57  ASP X OD1 1 
ATOM   440  O OD2 . ASP A 1 57  ? 15.533  10.965  -11.932 1.00 40.54 ? 57  ASP X OD2 1 
ATOM   441  N N   . GLU A 1 58  ? 19.540  9.867   -8.298  1.00 47.06 ? 58  GLU X N   1 
ATOM   442  C CA  . GLU A 1 58  ? 20.877  9.475   -7.856  1.00 49.51 ? 58  GLU X CA  1 
ATOM   443  C C   . GLU A 1 58  ? 20.837  9.289   -6.349  1.00 44.18 ? 58  GLU X C   1 
ATOM   444  O O   . GLU A 1 58  ? 20.541  10.250  -5.625  1.00 40.90 ? 58  GLU X O   1 
ATOM   445  C CB  . GLU A 1 58  ? 21.886  10.587  -8.173  1.00 54.08 ? 58  GLU X CB  1 
ATOM   446  C CG  . GLU A 1 58  ? 21.585  11.375  -9.442  1.00 59.27 ? 58  GLU X CG  1 
ATOM   447  C CD  . GLU A 1 58  ? 22.389  12.662  -9.542  1.00 68.78 ? 58  GLU X CD  1 
ATOM   448  O OE1 . GLU A 1 58  ? 23.302  12.862  -8.710  1.00 66.81 ? 58  GLU X OE1 1 
ATOM   449  O OE2 . GLU A 1 58  ? 22.105  13.476  -10.451 1.00 71.39 ? 58  GLU X OE2 1 
ATOM   450  N N   . GLY A 1 59  ? 21.136  8.074   -5.879  1.00 41.48 ? 59  GLY X N   1 
ATOM   451  C CA  . GLY A 1 59  ? 21.081  7.754   -4.454  1.00 39.33 ? 59  GLY X CA  1 
ATOM   452  C C   . GLY A 1 59  ? 21.662  8.909   -3.682  1.00 39.09 ? 59  GLY X C   1 
ATOM   453  O O   . GLY A 1 59  ? 22.616  9.519   -4.174  1.00 46.51 ? 59  GLY X O   1 
ATOM   454  N N   . ASN A 1 60  ? 21.140  9.247   -2.502  1.00 32.42 ? 60  ASN X N   1 
ATOM   455  C CA  . ASN A 1 60  ? 20.133  8.512   -1.724  1.00 30.01 ? 60  ASN X CA  1 
ATOM   456  C C   . ASN A 1 60  ? 18.730  8.444   -2.359  1.00 27.29 ? 60  ASN X C   1 
ATOM   457  O O   . ASN A 1 60  ? 17.881  9.298   -2.105  1.00 29.58 ? 60  ASN X O   1 
ATOM   458  C CB  . ASN A 1 60  ? 20.062  9.198   -0.352  1.00 29.15 ? 60  ASN X CB  1 
ATOM   459  C CG  . ASN A 1 60  ? 19.023  8.593   0.573   1.00 28.48 ? 60  ASN X CG  1 
ATOM   460  O OD1 . ASN A 1 60  ? 18.527  7.489   0.349   1.00 37.94 ? 60  ASN X OD1 1 
ATOM   461  N ND2 . ASN A 1 60  ? 18.695  9.322   1.627   1.00 29.22 ? 60  ASN X ND2 1 
ATOM   462  N N   . ALA A 1 61  ? 18.483  7.426   -3.180  1.00 24.74 ? 61  ALA X N   1 
ATOM   463  C CA  . ALA A 1 61  ? 17.276  7.405   -4.007  1.00 24.15 ? 61  ALA X CA  1 
ATOM   464  C C   . ALA A 1 61  ? 15.987  7.087   -3.254  1.00 23.10 ? 61  ALA X C   1 
ATOM   465  O O   . ALA A 1 61  ? 14.976  7.777   -3.418  1.00 26.27 ? 61  ALA X O   1 
ATOM   466  C CB  . ALA A 1 61  ? 17.454  6.445   -5.191  1.00 23.75 ? 61  ALA X CB  1 
ATOM   467  N N   . VAL A 1 62  ? 16.011  6.022   -2.462  1.00 22.02 ? 62  VAL X N   1 
ATOM   468  C CA  . VAL A 1 62  ? 14.816  5.571   -1.777  1.00 24.95 ? 62  VAL X CA  1 
ATOM   469  C C   . VAL A 1 62  ? 14.944  5.781   -0.266  1.00 22.60 ? 62  VAL X C   1 
ATOM   470  O O   . VAL A 1 62  ? 15.933  5.366   0.329   1.00 22.50 ? 62  VAL X O   1 
ATOM   471  C CB  . VAL A 1 62  ? 14.503  4.088   -2.124  1.00 20.26 ? 62  VAL X CB  1 
ATOM   472  C CG1 . VAL A 1 62  ? 13.285  3.607   -1.372  1.00 19.06 ? 62  VAL X CG1 1 
ATOM   473  C CG2 . VAL A 1 62  ? 14.269  3.936   -3.628  1.00 21.55 ? 62  VAL X CG2 1 
ATOM   474  N N   . CYS A 1 63  ? 13.948  6.433   0.338   1.00 22.65 ? 63  CYS X N   1 
ATOM   475  C CA  . CYS A 1 63  ? 13.926  6.677   1.787   1.00 25.01 ? 63  CYS X CA  1 
ATOM   476  C C   . CYS A 1 63  ? 12.745  5.990   2.483   1.00 21.14 ? 63  CYS X C   1 
ATOM   477  O O   . CYS A 1 63  ? 11.679  5.818   1.900   1.00 19.02 ? 63  CYS X O   1 
ATOM   478  C CB  . CYS A 1 63  ? 13.879  8.187   2.098   1.00 26.34 ? 63  CYS X CB  1 
ATOM   479  S SG  . CYS A 1 63  ? 15.047  9.217   1.178   1.00 32.21 ? 63  CYS X SG  1 
ATOM   480  N N   . HIS A 1 64  ? 12.956  5.618   3.739   1.00 20.15 ? 64  HIS X N   1 
ATOM   481  C CA  . HIS A 1 64  ? 11.943  4.976   4.563   1.00 20.65 ? 64  HIS X CA  1 
ATOM   482  C C   . HIS A 1 64  ? 11.676  5.803   5.822   1.00 20.47 ? 64  HIS X C   1 
ATOM   483  O O   . HIS A 1 64  ? 12.605  6.341   6.425   1.00 20.24 ? 64  HIS X O   1 
ATOM   484  C CB  . HIS A 1 64  ? 12.429  3.588   4.985   1.00 25.06 ? 64  HIS X CB  1 
ATOM   485  C CG  . HIS A 1 64  ? 12.794  2.699   3.837   1.00 21.92 ? 64  HIS X CG  1 
ATOM   486  N ND1 . HIS A 1 64  ? 14.027  2.748   3.221   1.00 24.13 ? 64  HIS X ND1 1 
ATOM   487  C CD2 . HIS A 1 64  ? 12.092  1.733   3.200   1.00 20.26 ? 64  HIS X CD2 1 
ATOM   488  C CE1 . HIS A 1 64  ? 14.067  1.848   2.253   1.00 23.45 ? 64  HIS X CE1 1 
ATOM   489  N NE2 . HIS A 1 64  ? 12.909  1.217   2.224   1.00 23.58 ? 64  HIS X NE2 1 
ATOM   490  N N   . TYR A 1 65  ? 10.411  5.877   6.223   1.00 21.06 ? 65  TYR X N   1 
ATOM   491  C CA  . TYR A 1 65  ? 10.003  6.643   7.398   1.00 22.09 ? 65  TYR X CA  1 
ATOM   492  C C   . TYR A 1 65  ? 9.135   5.833   8.332   1.00 21.93 ? 65  TYR X C   1 
ATOM   493  O O   . TYR A 1 65  ? 8.137   5.248   7.921   1.00 20.37 ? 65  TYR X O   1 
ATOM   494  C CB  . TYR A 1 65  ? 9.235   7.898   6.981   1.00 22.37 ? 65  TYR X CB  1 
ATOM   495  C CG  . TYR A 1 65  ? 10.061  8.754   6.078   1.00 19.98 ? 65  TYR X CG  1 
ATOM   496  C CD1 . TYR A 1 65  ? 10.913  9.722   6.601   1.00 22.16 ? 65  TYR X CD1 1 
ATOM   497  C CD2 . TYR A 1 65  ? 10.030  8.567   4.708   1.00 19.08 ? 65  TYR X CD2 1 
ATOM   498  C CE1 . TYR A 1 65  ? 11.693  10.490  5.782   1.00 19.22 ? 65  TYR X CE1 1 
ATOM   499  C CE2 . TYR A 1 65  ? 10.801  9.321   3.879   1.00 19.41 ? 65  TYR X CE2 1 
ATOM   500  C CZ  . TYR A 1 65  ? 11.632  10.288  4.419   1.00 22.51 ? 65  TYR X CZ  1 
ATOM   501  O OH  . TYR A 1 65  ? 12.411  11.042  3.587   1.00 22.63 ? 65  TYR X OH  1 
ATOM   502  N N   . LEU A 1 66  ? 9.517   5.816   9.598   1.00 18.26 ? 66  LEU X N   1 
ATOM   503  C CA  . LEU A 1 66  ? 8.738   5.125   10.603  1.00 24.56 ? 66  LEU X CA  1 
ATOM   504  C C   . LEU A 1 66  ? 7.560   6.024   10.980  1.00 21.20 ? 66  LEU X C   1 
ATOM   505  O O   . LEU A 1 66  ? 7.745   7.180   11.355  1.00 22.10 ? 66  LEU X O   1 
ATOM   506  C CB  . LEU A 1 66  ? 9.604   4.853   11.829  1.00 26.49 ? 66  LEU X CB  1 
ATOM   507  C CG  . LEU A 1 66  ? 9.223   3.729   12.788  1.00 33.15 ? 66  LEU X CG  1 
ATOM   508  C CD1 . LEU A 1 66  ? 9.727   4.051   14.197  1.00 32.43 ? 66  LEU X CD1 1 
ATOM   509  C CD2 . LEU A 1 66  ? 7.736   3.487   12.797  1.00 31.96 ? 66  LEU X CD2 1 
ATOM   510  N N   . ILE A 1 67  ? 6.351   5.493   10.861  1.00 21.57 ? 67  ILE X N   1 
ATOM   511  C CA  . ILE A 1 67  ? 5.161   6.218   11.281  1.00 18.18 ? 67  ILE X CA  1 
ATOM   512  C C   . ILE A 1 67  ? 4.776   5.644   12.640  1.00 26.24 ? 67  ILE X C   1 
ATOM   513  O O   . ILE A 1 67  ? 4.255   4.527   12.740  1.00 22.91 ? 67  ILE X O   1 
ATOM   514  C CB  . ILE A 1 67  ? 4.012   6.068   10.261  1.00 20.61 ? 67  ILE X CB  1 
ATOM   515  C CG1 . ILE A 1 67  ? 4.410   6.667   8.903   1.00 17.45 ? 67  ILE X CG1 1 
ATOM   516  C CG2 . ILE A 1 67  ? 2.696   6.680   10.802  1.00 18.24 ? 67  ILE X CG2 1 
ATOM   517  C CD1 . ILE A 1 67  ? 3.337   6.550   7.849   1.00 17.94 ? 67  ILE X CD1 1 
ATOM   518  N N   . GLU A 1 68  ? 5.068   6.401   13.691  1.00 24.73 ? 68  GLU X N   1 
ATOM   519  C CA  . GLU A 1 68  ? 4.860   5.918   15.050  1.00 24.34 ? 68  GLU X CA  1 
ATOM   520  C C   . GLU A 1 68  ? 3.495   6.307   15.580  1.00 23.80 ? 68  GLU X C   1 
ATOM   521  O O   . GLU A 1 68  ? 3.020   7.420   15.360  1.00 24.39 ? 68  GLU X O   1 
ATOM   522  C CB  . GLU A 1 68  ? 5.939   6.461   15.977  1.00 25.61 ? 68  GLU X CB  1 
ATOM   523  C CG  . GLU A 1 68  ? 7.329   6.285   15.430  1.00 29.63 ? 68  GLU X CG  1 
ATOM   524  C CD  . GLU A 1 68  ? 8.379   6.841   16.351  1.00 32.88 ? 68  GLU X CD  1 
ATOM   525  O OE1 . GLU A 1 68  ? 8.511   6.317   17.475  1.00 36.00 ? 68  GLU X OE1 1 
ATOM   526  O OE2 . GLU A 1 68  ? 9.075   7.792   15.945  1.00 34.66 ? 68  GLU X OE2 1 
ATOM   527  N N   . ARG A 1 69  ? 2.861   5.373   16.270  1.00 23.59 ? 69  ARG X N   1 
ATOM   528  C CA  . ARG A 1 69  ? 1.578   5.644   16.898  1.00 22.30 ? 69  ARG X CA  1 
ATOM   529  C C   . ARG A 1 69  ? 1.806   6.163   18.310  1.00 25.49 ? 69  ARG X C   1 
ATOM   530  O O   . ARG A 1 69  ? 2.628   5.618   19.074  1.00 19.37 ? 69  ARG X O   1 
ATOM   531  C CB  . ARG A 1 69  ? 0.718   4.383   16.935  1.00 24.03 ? 69  ARG X CB  1 
ATOM   532  C CG  . ARG A 1 69  ? -0.596  4.602   17.658  1.00 23.57 ? 69  ARG X CG  1 
ATOM   533  C CD  . ARG A 1 69  ? -1.617  3.566   17.289  1.00 27.12 ? 69  ARG X CD  1 
ATOM   534  N NE  . ARG A 1 69  ? -1.151  2.219   17.591  1.00 21.26 ? 69  ARG X NE  1 
ATOM   535  C CZ  . ARG A 1 69  ? -1.965  1.181   17.745  1.00 27.07 ? 69  ARG X CZ  1 
ATOM   536  N NH1 . ARG A 1 69  ? -3.282  1.356   17.645  1.00 25.87 ? 69  ARG X NH1 1 
ATOM   537  N NH2 . ARG A 1 69  ? -1.466  -0.021  18.006  1.00 22.28 ? 69  ARG X NH2 1 
ATOM   538  N N   . GLY A 1 70  ? 1.072   7.213   18.655  1.00 24.62 ? 70  GLY X N   1 
ATOM   539  C CA  . GLY A 1 70  ? 1.264   7.868   19.930  1.00 23.22 ? 70  GLY X CA  1 
ATOM   540  C C   . GLY A 1 70  ? 0.347   7.287   20.985  1.00 25.24 ? 70  GLY X C   1 
ATOM   541  O O   . GLY A 1 70  ? -0.199  6.201   20.823  1.00 22.05 ? 70  GLY X O   1 
ATOM   542  N N   . GLU A 1 71  ? 0.176   8.034   22.067  1.00 23.57 ? 71  GLU X N   1 
ATOM   543  C CA  . GLU A 1 71  ? -0.642  7.605   23.189  1.00 25.21 ? 71  GLU X CA  1 
ATOM   544  C C   . GLU A 1 71  ? -2.100  8.026   22.993  1.00 25.12 ? 71  GLU X C   1 
ATOM   545  O O   . GLU A 1 71  ? -2.384  9.194   22.711  1.00 25.79 ? 71  GLU X O   1 
ATOM   546  C CB  . GLU A 1 71  ? -0.074  8.220   24.467  1.00 26.62 ? 71  GLU X CB  1 
ATOM   547  C CG  . GLU A 1 71  ? -0.959  8.117   25.679  1.00 27.73 ? 71  GLU X CG  1 
ATOM   548  C CD  . GLU A 1 71  ? -0.255  8.610   26.919  1.00 30.87 ? 71  GLU X CD  1 
ATOM   549  O OE1 . GLU A 1 71  ? -0.639  9.679   27.442  1.00 31.43 ? 71  GLU X OE1 1 
ATOM   550  O OE2 . GLU A 1 71  ? 0.702   7.938   27.347  1.00 30.72 ? 71  GLU X OE2 1 
ATOM   551  N N   . PRO A 1 72  ? -3.035  7.071   23.138  1.00 24.15 ? 72  PRO X N   1 
ATOM   552  C CA  . PRO A 1 72  ? -4.465  7.351   22.967  1.00 25.56 ? 72  PRO X CA  1 
ATOM   553  C C   . PRO A 1 72  ? -4.979  8.060   24.211  1.00 30.15 ? 72  PRO X C   1 
ATOM   554  O O   . PRO A 1 72  ? -4.463  7.779   25.294  1.00 28.91 ? 72  PRO X O   1 
ATOM   555  C CB  . PRO A 1 72  ? -5.098  5.950   22.895  1.00 26.17 ? 72  PRO X CB  1 
ATOM   556  C CG  . PRO A 1 72  ? -3.955  4.963   22.967  1.00 24.48 ? 72  PRO X CG  1 
ATOM   557  C CD  . PRO A 1 72  ? -2.793  5.684   23.555  1.00 25.44 ? 72  PRO X CD  1 
ATOM   558  N N   . LYS A 1 73  ? -5.966  8.943   24.074  1.00 30.77 ? 73  LYS X N   1 
ATOM   559  C CA  . LYS A 1 73  ? -6.565  9.585   25.244  1.00 36.56 ? 73  LYS X CA  1 
ATOM   560  C C   . LYS A 1 73  ? -7.304  8.546   26.083  1.00 36.12 ? 73  LYS X C   1 
ATOM   561  O O   . LYS A 1 73  ? -7.872  7.598   25.551  1.00 30.67 ? 73  LYS X O   1 
ATOM   562  C CB  . LYS A 1 73  ? -7.502  10.739  24.850  1.00 39.05 ? 73  LYS X CB  1 
ATOM   563  C CG  . LYS A 1 73  ? -6.764  12.033  24.483  1.00 45.04 ? 73  LYS X CG  1 
ATOM   564  C CD  . LYS A 1 73  ? -7.615  13.302  24.682  1.00 42.33 ? 73  LYS X CD  1 
ATOM   565  C CE  . LYS A 1 73  ? -7.718  13.720  26.151  1.00 42.49 ? 73  LYS X CE  1 
ATOM   566  N NZ  . LYS A 1 73  ? -6.397  14.038  26.786  1.00 41.99 ? 73  LYS X NZ  1 
ATOM   567  N N   . GLU A 1 74  ? -7.295  8.732   27.396  1.00 39.01 ? 74  GLU X N   1 
ATOM   568  C CA  . GLU A 1 74  ? -7.791  7.717   28.321  1.00 37.89 ? 74  GLU X CA  1 
ATOM   569  C C   . GLU A 1 74  ? -9.317  7.569   28.313  1.00 42.15 ? 74  GLU X C   1 
ATOM   570  O O   . GLU A 1 74  ? -9.862  6.577   28.799  1.00 42.69 ? 74  GLU X O   1 
ATOM   571  C CB  . GLU A 1 74  ? -7.248  8.011   29.722  1.00 39.73 ? 74  GLU X CB  1 
ATOM   572  C CG  . GLU A 1 74  ? -5.860  8.632   29.641  1.00 38.69 ? 74  GLU X CG  1 
ATOM   573  C CD  . GLU A 1 74  ? -5.126  8.691   30.969  1.00 51.72 ? 74  GLU X CD  1 
ATOM   574  O OE1 . GLU A 1 74  ? -5.782  8.633   32.041  1.00 47.97 ? 74  GLU X OE1 1 
ATOM   575  O OE2 . GLU A 1 74  ? -3.880  8.808   30.929  1.00 50.44 ? 74  GLU X OE2 1 
ATOM   576  N N   . ASP A 1 75  ? -10.004 8.549   27.737  1.00 48.43 ? 75  ASP X N   1 
ATOM   577  C CA  . ASP A 1 75  ? -11.460 8.498   27.636  1.00 49.67 ? 75  ASP X CA  1 
ATOM   578  C C   . ASP A 1 75  ? -11.920 7.501   26.572  1.00 49.96 ? 75  ASP X C   1 
ATOM   579  O O   . ASP A 1 75  ? -13.062 7.042   26.590  1.00 54.96 ? 75  ASP X O   1 
ATOM   580  C CB  . ASP A 1 75  ? -12.021 9.893   27.341  1.00 48.40 ? 75  ASP X CB  1 
ATOM   581  C CG  . ASP A 1 75  ? -11.185 10.650  26.323  1.00 53.27 ? 75  ASP X CG  1 
ATOM   582  O OD1 . ASP A 1 75  ? -11.102 10.181  25.167  1.00 54.95 ? 75  ASP X OD1 1 
ATOM   583  O OD2 . ASP A 1 75  ? -10.603 11.704  26.677  1.00 48.83 ? 75  ASP X OD2 1 
ATOM   584  N N   . GLY A 1 76  ? -11.028 7.163   25.646  1.00 48.50 ? 76  GLY X N   1 
ATOM   585  C CA  . GLY A 1 76  ? -11.379 6.276   24.549  1.00 46.22 ? 76  GLY X CA  1 
ATOM   586  C C   . GLY A 1 76  ? -12.116 7.020   23.447  1.00 50.19 ? 76  GLY X C   1 
ATOM   587  O O   . GLY A 1 76  ? -12.630 6.411   22.504  1.00 52.51 ? 76  GLY X O   1 
ATOM   588  N N   . THR A 1 77  ? -12.160 8.345   23.568  1.00 49.87 ? 77  THR X N   1 
ATOM   589  C CA  . THR A 1 77  ? -12.901 9.194   22.635  1.00 54.90 ? 77  THR X CA  1 
ATOM   590  C C   . THR A 1 77  ? -11.969 10.069  21.793  1.00 53.28 ? 77  THR X C   1 
ATOM   591  O O   . THR A 1 77  ? -12.319 11.195  21.429  1.00 53.97 ? 77  THR X O   1 
ATOM   592  C CB  . THR A 1 77  ? -13.930 10.104  23.370  1.00 57.02 ? 77  THR X CB  1 
ATOM   593  O OG1 . THR A 1 77  ? -13.244 11.056  24.195  1.00 54.52 ? 77  THR X OG1 1 
ATOM   594  C CG2 . THR A 1 77  ? -14.876 9.275   24.237  1.00 54.68 ? 77  THR X CG2 1 
ATOM   595  N N   . ALA A 1 78  ? -10.781 9.545   21.496  1.00 49.33 ? 78  ALA X N   1 
ATOM   596  C CA  . ALA A 1 78  ? -9.817  10.227  20.638  1.00 43.93 ? 78  ALA X CA  1 
ATOM   597  C C   . ALA A 1 78  ? -8.657  9.300   20.283  1.00 44.03 ? 78  ALA X C   1 
ATOM   598  O O   . ALA A 1 78  ? -7.670  9.210   21.024  1.00 44.00 ? 78  ALA X O   1 
ATOM   599  C CB  . ALA A 1 78  ? -9.299  11.503  21.305  1.00 44.92 ? 78  ALA X CB  1 
ATOM   600  N N   . ALA A 1 79  ? -8.780  8.617   19.146  1.00 44.49 ? 79  ALA X N   1 
ATOM   601  C CA  . ALA A 1 79  ? -7.749  7.690   18.669  1.00 38.72 ? 79  ALA X CA  1 
ATOM   602  C C   . ALA A 1 79  ? -6.331  8.267   18.782  1.00 35.50 ? 79  ALA X C   1 
ATOM   603  O O   . ALA A 1 79  ? -6.118  9.473   18.619  1.00 37.26 ? 79  ALA X O   1 
ATOM   604  C CB  . ALA A 1 79  ? -8.043  7.268   17.230  1.00 37.79 ? 79  ALA X CB  1 
ATOM   605  N N   . ALA A 1 80  ? -5.362  7.406   19.068  1.00 30.36 ? 80  ALA X N   1 
ATOM   606  C CA  . ALA A 1 80  ? -3.979  7.840   19.146  1.00 27.07 ? 80  ALA X CA  1 
ATOM   607  C C   . ALA A 1 80  ? -3.573  8.567   17.867  1.00 27.81 ? 80  ALA X C   1 
ATOM   608  O O   . ALA A 1 80  ? -3.963  8.190   16.759  1.00 25.48 ? 80  ALA X O   1 
ATOM   609  C CB  . ALA A 1 80  ? -3.045  6.654   19.403  1.00 23.70 ? 80  ALA X CB  1 
ATOM   610  N N   . GLY A 1 81  ? -2.780  9.613   18.034  1.00 23.23 ? 81  GLY X N   1 
ATOM   611  C CA  . GLY A 1 81  ? -2.244  10.333  16.903  1.00 23.65 ? 81  GLY X CA  1 
ATOM   612  C C   . GLY A 1 81  ? -1.075  9.558   16.338  1.00 24.66 ? 81  GLY X C   1 
ATOM   613  O O   . GLY A 1 81  ? -0.798  8.422   16.729  1.00 24.31 ? 81  GLY X O   1 
ATOM   614  N N   . VAL A 1 82  ? -0.362  10.193  15.428  1.00 22.84 ? 82  VAL X N   1 
ATOM   615  C CA  . VAL A 1 82  ? 0.666   9.521   14.670  1.00 24.30 ? 82  VAL X CA  1 
ATOM   616  C C   . VAL A 1 82  ? 1.822   10.500  14.460  1.00 27.49 ? 82  VAL X C   1 
ATOM   617  O O   . VAL A 1 82  ? 1.610   11.723  14.430  1.00 23.56 ? 82  VAL X O   1 
ATOM   618  C CB  . VAL A 1 82  ? 0.049   9.045   13.345  1.00 27.28 ? 82  VAL X CB  1 
ATOM   619  C CG1 . VAL A 1 82  ? 0.876   9.485   12.162  1.00 29.81 ? 82  VAL X CG1 1 
ATOM   620  C CG2 . VAL A 1 82  ? -0.222  7.528   13.378  1.00 22.58 ? 82  VAL X CG2 1 
ATOM   621  N N   . LYS A 1 83  ? 3.038   9.976   14.333  1.00 25.85 ? 83  LYS X N   1 
ATOM   622  C CA  . LYS A 1 83  ? 4.218   10.835  14.206  1.00 27.14 ? 83  LYS X CA  1 
ATOM   623  C C   . LYS A 1 83  ? 5.211   10.329  13.159  1.00 25.18 ? 83  LYS X C   1 
ATOM   624  O O   . LYS A 1 83  ? 5.442   9.123   13.046  1.00 22.14 ? 83  LYS X O   1 
ATOM   625  C CB  . LYS A 1 83  ? 4.913   10.954  15.569  1.00 27.46 ? 83  LYS X CB  1 
ATOM   626  C CG  . LYS A 1 83  ? 5.935   12.066  15.652  1.00 35.45 ? 83  LYS X CG  1 
ATOM   627  C CD  . LYS A 1 83  ? 6.490   12.232  17.071  1.00 38.60 ? 83  LYS X CD  1 
ATOM   628  C CE  . LYS A 1 83  ? 7.208   10.978  17.547  1.00 41.22 ? 83  LYS X CE  1 
ATOM   629  N NZ  . LYS A 1 83  ? 7.803   11.188  18.902  1.00 48.91 ? 83  LYS X NZ  1 
ATOM   630  N N   . ILE A 1 84  ? 5.768   11.240  12.360  1.00 24.47 ? 84  ILE X N   1 
ATOM   631  C CA  . ILE A 1 84  ? 6.995   10.924  11.619  1.00 28.49 ? 84  ILE X CA  1 
ATOM   632  C C   . ILE A 1 84  ? 8.125   11.805  12.116  1.00 35.68 ? 84  ILE X C   1 
ATOM   633  O O   . ILE A 1 84  ? 8.063   13.034  11.995  1.00 33.53 ? 84  ILE X O   1 
ATOM   634  C CB  . ILE A 1 84  ? 6.899   11.146  10.102  1.00 31.94 ? 84  ILE X CB  1 
ATOM   635  C CG1 . ILE A 1 84  ? 6.164   10.007  9.415   1.00 29.29 ? 84  ILE X CG1 1 
ATOM   636  C CG2 . ILE A 1 84  ? 8.309   11.173  9.507   1.00 36.96 ? 84  ILE X CG2 1 
ATOM   637  C CD1 . ILE A 1 84  ? 6.391   9.983   7.905   1.00 25.90 ? 84  ILE X CD1 1 
ATOM   638  N N   . ALA A 1 85  ? 9.163   11.173  12.655  1.00 37.94 ? 85  ALA X N   1 
ATOM   639  C CA  . ALA A 1 85  ? 10.243  11.903  13.304  1.00 45.27 ? 85  ALA X CA  1 
ATOM   640  C C   . ALA A 1 85  ? 9.665   12.706  14.458  1.00 47.02 ? 85  ALA X C   1 
ATOM   641  O O   . ALA A 1 85  ? 9.156   12.148  15.434  1.00 44.56 ? 85  ALA X O   1 
ATOM   642  C CB  . ALA A 1 85  ? 10.953  12.829  12.308  1.00 46.27 ? 85  ALA X CB  1 
ATOM   643  N N   . ASN A 1 86  ? 9.730   14.025  14.332  1.00 37.26 ? 86  ASN X N   1 
ATOM   644  C CA  . ASN A 1 86  ? 9.194   14.901  15.360  1.00 46.00 ? 86  ASN X CA  1 
ATOM   645  C C   . ASN A 1 86  ? 8.061   15.785  14.835  1.00 41.92 ? 86  ASN X C   1 
ATOM   646  O O   . ASN A 1 86  ? 7.906   16.927  15.263  1.00 41.58 ? 86  ASN X O   1 
ATOM   647  C CB  . ASN A 1 86  ? 10.316  15.741  15.950  1.00 47.14 ? 86  ASN X CB  1 
ATOM   648  C CG  . ASN A 1 86  ? 11.446  15.944  14.969  1.00 56.29 ? 86  ASN X CG  1 
ATOM   649  O OD1 . ASN A 1 86  ? 12.560  15.461  15.181  1.00 57.43 ? 86  ASN X OD1 1 
ATOM   650  N ND2 . ASN A 1 86  ? 11.159  16.640  13.870  1.00 52.48 ? 86  ASN X ND2 1 
ATOM   651  N N   . GLN A 1 87  ? 7.274   15.250  13.904  1.00 33.57 ? 87  GLN X N   1 
ATOM   652  C CA  . GLN A 1 87  ? 6.063   15.926  13.462  1.00 28.67 ? 87  GLN X CA  1 
ATOM   653  C C   . GLN A 1 87  ? 4.846   15.056  13.745  1.00 27.37 ? 87  GLN X C   1 
ATOM   654  O O   . GLN A 1 87  ? 4.772   13.906  13.302  1.00 23.69 ? 87  GLN X O   1 
ATOM   655  C CB  . GLN A 1 87  ? 6.136   16.257  11.977  1.00 34.24 ? 87  GLN X CB  1 
ATOM   656  C CG  . GLN A 1 87  ? 7.299   17.153  11.592  1.00 38.35 ? 87  GLN X CG  1 
ATOM   657  C CD  . GLN A 1 87  ? 7.393   17.337  10.094  1.00 32.05 ? 87  GLN X CD  1 
ATOM   658  O OE1 . GLN A 1 87  ? 6.480   17.875  9.469   1.00 31.90 ? 87  GLN X OE1 1 
ATOM   659  N NE2 . GLN A 1 87  ? 8.494   16.882  9.506   1.00 31.12 ? 87  GLN X NE2 1 
ATOM   660  N N   . SER A 1 88  ? 3.894   15.612  14.482  1.00 23.29 ? 88  SER X N   1 
ATOM   661  C CA  . SER A 1 88  ? 2.710   14.873  14.895  1.00 22.39 ? 88  SER X CA  1 
ATOM   662  C C   . SER A 1 88  ? 1.527   15.214  14.015  1.00 21.83 ? 88  SER X C   1 
ATOM   663  O O   . SER A 1 88  ? 1.393   16.350  13.554  1.00 17.69 ? 88  SER X O   1 
ATOM   664  C CB  . SER A 1 88  ? 2.387   15.166  16.363  1.00 30.86 ? 88  SER X CB  1 
ATOM   665  O OG  . SER A 1 88  ? 3.516   14.894  17.180  1.00 38.95 ? 88  SER X OG  1 
ATOM   666  N N   . PHE A 1 89  ? 0.688   14.210  13.773  1.00 18.54 ? 89  PHE X N   1 
ATOM   667  C CA  . PHE A 1 89  ? -0.524  14.366  12.984  1.00 19.03 ? 89  PHE X CA  1 
ATOM   668  C C   . PHE A 1 89  ? -1.684  13.661  13.657  1.00 19.02 ? 89  PHE X C   1 
ATOM   669  O O   . PHE A 1 89  ? -1.482  12.674  14.355  1.00 19.46 ? 89  PHE X O   1 
ATOM   670  C CB  . PHE A 1 89  ? -0.299  13.846  11.554  1.00 23.73 ? 89  PHE X CB  1 
ATOM   671  C CG  . PHE A 1 89  ? 0.777   14.590  10.829  1.00 23.71 ? 89  PHE X CG  1 
ATOM   672  C CD1 . PHE A 1 89  ? 2.084   14.121  10.828  1.00 23.19 ? 89  PHE X CD1 1 
ATOM   673  C CD2 . PHE A 1 89  ? 0.499   15.798  10.210  1.00 21.31 ? 89  PHE X CD2 1 
ATOM   674  C CE1 . PHE A 1 89  ? 3.095   14.835  10.188  1.00 20.06 ? 89  PHE X CE1 1 
ATOM   675  C CE2 . PHE A 1 89  ? 1.500   16.517  9.562   1.00 21.25 ? 89  PHE X CE2 1 
ATOM   676  C CZ  . PHE A 1 89  ? 2.800   16.029  9.548   1.00 19.45 ? 89  PHE X CZ  1 
ATOM   677  N N   . PRO A 1 90  ? -2.911  14.179  13.464  1.00 20.67 ? 90  PRO X N   1 
ATOM   678  C CA  . PRO A 1 90  ? -4.075  13.580  14.128  1.00 23.37 ? 90  PRO X CA  1 
ATOM   679  C C   . PRO A 1 90  ? -4.305  12.145  13.672  1.00 22.24 ? 90  PRO X C   1 
ATOM   680  O O   . PRO A 1 90  ? -4.734  11.303  14.464  1.00 18.02 ? 90  PRO X O   1 
ATOM   681  C CB  . PRO A 1 90  ? -5.232  14.470  13.670  1.00 23.79 ? 90  PRO X CB  1 
ATOM   682  C CG  . PRO A 1 90  ? -4.598  15.785  13.383  1.00 24.38 ? 90  PRO X CG  1 
ATOM   683  C CD  . PRO A 1 90  ? -3.250  15.447  12.797  1.00 21.76 ? 90  PRO X CD  1 
ATOM   684  N N   . ASP A 1 91  ? -4.007  11.880  12.402  1.00 23.35 ? 91  ASP X N   1 
ATOM   685  C CA  . ASP A 1 91  ? -4.193  10.556  11.817  1.00 21.22 ? 91  ASP X CA  1 
ATOM   686  C C   . ASP A 1 91  ? -3.267  10.360  10.606  1.00 20.06 ? 91  ASP X C   1 
ATOM   687  O O   . ASP A 1 91  ? -2.529  11.272  10.216  1.00 16.55 ? 91  ASP X O   1 
ATOM   688  C CB  . ASP A 1 91  ? -5.677  10.319  11.452  1.00 22.14 ? 91  ASP X CB  1 
ATOM   689  C CG  . ASP A 1 91  ? -6.279  11.437  10.555  1.00 28.27 ? 91  ASP X CG  1 
ATOM   690  O OD1 . ASP A 1 91  ? -5.561  12.052  9.734   1.00 26.27 ? 91  ASP X OD1 1 
ATOM   691  O OD2 . ASP A 1 91  ? -7.498  11.688  10.657  1.00 29.03 ? 91  ASP X OD2 1 
ATOM   692  N N   . ILE A 1 92  ? -3.295  9.162   10.032  1.00 19.88 ? 92  ILE X N   1 
ATOM   693  C CA  . ILE A 1 92  ? -2.477  8.849   8.870   1.00 17.55 ? 92  ILE X CA  1 
ATOM   694  C C   . ILE A 1 92  ? -2.908  9.629   7.609   1.00 15.98 ? 92  ILE X C   1 
ATOM   695  O O   . ILE A 1 92  ? -2.065  10.045  6.821   1.00 17.46 ? 92  ILE X O   1 
ATOM   696  C CB  . ILE A 1 92  ? -2.419  7.305   8.612   1.00 20.62 ? 92  ILE X CB  1 
ATOM   697  C CG1 . ILE A 1 92  ? -1.635  6.605   9.734   1.00 24.07 ? 92  ILE X CG1 1 
ATOM   698  C CG2 . ILE A 1 92  ? -1.794  7.002   7.257   1.00 16.48 ? 92  ILE X CG2 1 
ATOM   699  C CD1 . ILE A 1 92  ? -1.763  5.075   9.748   1.00 26.09 ? 92  ILE X CD1 1 
ATOM   700  N N   . PRO A 1 93  ? -4.221  9.827   7.401   1.00 16.38 ? 93  PRO X N   1 
ATOM   701  C CA  . PRO A 1 93  ? -4.533  10.627  6.209   1.00 16.87 ? 93  PRO X CA  1 
ATOM   702  C C   . PRO A 1 93  ? -4.011  12.061  6.315   1.00 16.02 ? 93  PRO X C   1 
ATOM   703  O O   . PRO A 1 93  ? -3.537  12.625  5.316   1.00 17.40 ? 93  PRO X O   1 
ATOM   704  C CB  . PRO A 1 93  ? -6.065  10.573  6.146   1.00 18.80 ? 93  PRO X CB  1 
ATOM   705  C CG  . PRO A 1 93  ? -6.399  9.223   6.821   1.00 17.49 ? 93  PRO X CG  1 
ATOM   706  C CD  . PRO A 1 93  ? -5.423  9.187   7.972   1.00 19.44 ? 93  PRO X CD  1 
ATOM   707  N N   . ALA A 1 94  ? -4.085  12.637  7.511   1.00 15.06 ? 94  ALA X N   1 
ATOM   708  C CA  . ALA A 1 94  ? -3.579  13.979  7.738   1.00 13.24 ? 94  ALA X CA  1 
ATOM   709  C C   . ALA A 1 94  ? -2.077  14.029  7.456   1.00 16.75 ? 94  ALA X C   1 
ATOM   710  O O   . ALA A 1 94  ? -1.589  14.965  6.826   1.00 16.90 ? 94  ALA X O   1 
ATOM   711  C CB  . ALA A 1 94  ? -3.880  14.436  9.161   1.00 16.52 ? 94  ALA X CB  1 
ATOM   712  N N   . LEU A 1 95  ? -1.354  13.004  7.909   1.00 17.34 ? 95  LEU X N   1 
ATOM   713  C CA  . LEU A 1 95  ? 0.081   12.894  7.669   1.00 14.23 ? 95  LEU X CA  1 
ATOM   714  C C   . LEU A 1 95  ? 0.374   12.829  6.178   1.00 13.47 ? 95  LEU X C   1 
ATOM   715  O O   . LEU A 1 95  ? 1.245   13.531  5.686   1.00 18.64 ? 95  LEU X O   1 
ATOM   716  C CB  . LEU A 1 95  ? 0.653   11.650  8.370   1.00 16.53 ? 95  LEU X CB  1 
ATOM   717  C CG  . LEU A 1 95  ? 2.144   11.289  8.240   1.00 17.95 ? 95  LEU X CG  1 
ATOM   718  C CD1 . LEU A 1 95  ? 2.602   10.409  9.394   1.00 21.86 ? 95  LEU X CD1 1 
ATOM   719  C CD2 . LEU A 1 95  ? 2.459   10.629  6.895   1.00 20.00 ? 95  LEU X CD2 1 
ATOM   720  N N   . LEU A 1 96  ? -0.343  11.964  5.465   1.00 16.93 ? 96  LEU X N   1 
ATOM   721  C CA  . LEU A 1 96  ? -0.121  11.759  4.033   1.00 17.92 ? 96  LEU X CA  1 
ATOM   722  C C   . LEU A 1 96  ? -0.473  13.003  3.229   1.00 17.98 ? 96  LEU X C   1 
ATOM   723  O O   . LEU A 1 96  ? 0.260   13.384  2.325   1.00 16.61 ? 96  LEU X O   1 
ATOM   724  C CB  . LEU A 1 96  ? -0.954  10.577  3.510   1.00 14.56 ? 96  LEU X CB  1 
ATOM   725  C CG  . LEU A 1 96  ? -0.613  9.178   4.053   1.00 15.50 ? 96  LEU X CG  1 
ATOM   726  C CD1 . LEU A 1 96  ? -1.592  8.162   3.516   1.00 16.11 ? 96  LEU X CD1 1 
ATOM   727  C CD2 . LEU A 1 96  ? 0.818   8.784   3.713   1.00 15.38 ? 96  LEU X CD2 1 
ATOM   728  N N   . ASN A 1 97  ? -1.617  13.614  3.537   1.00 16.38 ? 97  ASN X N   1 
ATOM   729  C CA  . ASN A 1 97  ? -1.979  14.885  2.907   1.00 17.24 ? 97  ASN X CA  1 
ATOM   730  C C   . ASN A 1 97  ? -0.889  15.934  3.083   1.00 20.31 ? 97  ASN X C   1 
ATOM   731  O O   . ASN A 1 97  ? -0.538  16.664  2.143   1.00 21.26 ? 97  ASN X O   1 
ATOM   732  C CB  . ASN A 1 97  ? -3.272  15.436  3.496   1.00 18.80 ? 97  ASN X CB  1 
ATOM   733  C CG  . ASN A 1 97  ? -3.653  16.770  2.889   1.00 21.40 ? 97  ASN X CG  1 
ATOM   734  O OD1 . ASN A 1 97  ? -4.103  16.831  1.740   1.00 22.39 ? 97  ASN X OD1 1 
ATOM   735  N ND2 . ASN A 1 97  ? -3.473  17.846  3.653   1.00 18.67 ? 97  ASN X ND2 1 
ATOM   736  N N   . HIS A 1 98  ? -0.363  16.018  4.300   1.00 18.38 ? 98  HIS X N   1 
ATOM   737  C CA  . HIS A 1 98  ? 0.622   17.042  4.629   1.00 19.87 ? 98  HIS X CA  1 
ATOM   738  C C   . HIS A 1 98  ? 1.826   16.953  3.688   1.00 20.72 ? 98  HIS X C   1 
ATOM   739  O O   . HIS A 1 98  ? 2.380   17.967  3.264   1.00 19.75 ? 98  HIS X O   1 
ATOM   740  C CB  . HIS A 1 98  ? 1.062   16.894  6.093   1.00 19.79 ? 98  HIS X CB  1 
ATOM   741  C CG  . HIS A 1 98  ? 2.128   17.861  6.510   1.00 21.04 ? 98  HIS X CG  1 
ATOM   742  N ND1 . HIS A 1 98  ? 1.845   19.128  6.967   1.00 21.32 ? 98  HIS X ND1 1 
ATOM   743  C CD2 . HIS A 1 98  ? 3.477   17.743  6.538   1.00 21.61 ? 98  HIS X CD2 1 
ATOM   744  C CE1 . HIS A 1 98  ? 2.972   19.752  7.263   1.00 24.57 ? 98  HIS X CE1 1 
ATOM   745  N NE2 . HIS A 1 98  ? 3.976   18.932  7.015   1.00 24.22 ? 98  HIS X NE2 1 
ATOM   746  N N   . PHE A 1 99  ? 2.235   15.736  3.352   1.00 18.97 ? 99  PHE X N   1 
ATOM   747  C CA  . PHE A 1 99  ? 3.461   15.571  2.573   1.00 18.98 ? 99  PHE X CA  1 
ATOM   748  C C   . PHE A 1 99  ? 3.226   15.544  1.057   1.00 18.96 ? 99  PHE X C   1 
ATOM   749  O O   . PHE A 1 99  ? 4.122   15.225  0.286   1.00 20.17 ? 99  PHE X O   1 
ATOM   750  C CB  . PHE A 1 99  ? 4.276   14.371  3.076   1.00 21.31 ? 99  PHE X CB  1 
ATOM   751  C CG  . PHE A 1 99  ? 4.941   14.619  4.416   1.00 20.20 ? 99  PHE X CG  1 
ATOM   752  C CD1 . PHE A 1 99  ? 6.058   15.431  4.505   1.00 18.24 ? 99  PHE X CD1 1 
ATOM   753  C CD2 . PHE A 1 99  ? 4.442   14.044  5.578   1.00 20.00 ? 99  PHE X CD2 1 
ATOM   754  C CE1 . PHE A 1 99  ? 6.678   15.666  5.720   1.00 18.68 ? 99  PHE X CE1 1 
ATOM   755  C CE2 . PHE A 1 99  ? 5.047   14.278  6.812   1.00 19.59 ? 99  PHE X CE2 1 
ATOM   756  C CZ  . PHE A 1 99  ? 6.171   15.087  6.881   1.00 22.01 ? 99  PHE X CZ  1 
ATOM   757  N N   . LYS A 1 100 ? 2.019   15.905  0.640   1.00 18.52 ? 100 LYS X N   1 
ATOM   758  C CA  . LYS A 1 100 ? 1.765   16.214  -0.759  1.00 22.42 ? 100 LYS X CA  1 
ATOM   759  C C   . LYS A 1 100 ? 2.436   17.532  -1.131  1.00 20.92 ? 100 LYS X C   1 
ATOM   760  O O   . LYS A 1 100 ? 2.910   17.697  -2.252  1.00 22.83 ? 100 LYS X O   1 
ATOM   761  C CB  . LYS A 1 100 ? 0.263   16.335  -1.037  1.00 19.93 ? 100 LYS X CB  1 
ATOM   762  C CG  . LYS A 1 100 ? -0.495  15.022  -1.166  1.00 21.40 ? 100 LYS X CG  1 
ATOM   763  C CD  . LYS A 1 100 ? -1.900  15.315  -1.677  1.00 24.20 ? 100 LYS X CD  1 
ATOM   764  C CE  . LYS A 1 100 ? -2.699  14.062  -1.935  1.00 26.88 ? 100 LYS X CE  1 
ATOM   765  N NZ  . LYS A 1 100 ? -4.046  14.409  -2.467  1.00 27.14 ? 100 LYS X NZ  1 
ATOM   766  N N   . MET A 1 101 ? 2.469   18.464  -0.186  1.00 24.07 ? 101 MET X N   1 
ATOM   767  C CA  . MET A 1 101 ? 2.890   19.842  -0.470  1.00 25.25 ? 101 MET X CA  1 
ATOM   768  C C   . MET A 1 101 ? 4.061   20.297  0.389   1.00 25.09 ? 101 MET X C   1 
ATOM   769  O O   . MET A 1 101 ? 4.399   21.482  0.411   1.00 25.96 ? 101 MET X O   1 
ATOM   770  C CB  . MET A 1 101 ? 1.721   20.820  -0.290  1.00 27.21 ? 101 MET X CB  1 
ATOM   771  C CG  . MET A 1 101 ? 0.624   20.710  -1.350  1.00 37.92 ? 101 MET X CG  1 
ATOM   772  S SD  . MET A 1 101 ? 1.202   20.998  -3.045  1.00 43.00 ? 101 MET X SD  1 
ATOM   773  C CE  . MET A 1 101 ? 1.299   22.792  -3.075  1.00 37.64 ? 101 MET X CE  1 
ATOM   774  N N   . ARG A 1 102 ? 4.651   19.357  1.115   1.00 20.89 ? 102 ARG X N   1 
ATOM   775  C CA  . ARG A 1 102 ? 5.825   19.606  1.943   1.00 20.84 ? 102 ARG X CA  1 
ATOM   776  C C   . ARG A 1 102 ? 6.709   18.378  1.717   1.00 24.55 ? 102 ARG X C   1 
ATOM   777  O O   . ARG A 1 102 ? 6.192   17.269  1.550   1.00 21.64 ? 102 ARG X O   1 
ATOM   778  C CB  . ARG A 1 102 ? 5.409   19.705  3.420   1.00 22.34 ? 102 ARG X CB  1 
ATOM   779  C CG  . ARG A 1 102 ? 6.036   20.835  4.232   1.00 32.63 ? 102 ARG X CG  1 
ATOM   780  C CD  . ARG A 1 102 ? 5.351   22.192  4.003   1.00 28.53 ? 102 ARG X CD  1 
ATOM   781  N NE  . ARG A 1 102 ? 5.593   22.739  2.665   1.00 33.21 ? 102 ARG X NE  1 
ATOM   782  C CZ  . ARG A 1 102 ? 6.221   23.890  2.407   1.00 27.21 ? 102 ARG X CZ  1 
ATOM   783  N NH1 . ARG A 1 102 ? 6.371   24.285  1.156   1.00 24.04 ? 102 ARG X NH1 1 
ATOM   784  N NH2 . ARG A 1 102 ? 6.694   24.649  3.390   1.00 28.40 ? 102 ARG X NH2 1 
ATOM   785  N N   . VAL A 1 103 ? 8.029   18.550  1.689   1.00 24.38 ? 103 VAL X N   1 
ATOM   786  C CA  . VAL A 1 103 ? 8.899   17.391  1.456   1.00 24.90 ? 103 VAL X CA  1 
ATOM   787  C C   . VAL A 1 103 ? 9.167   16.599  2.724   1.00 24.15 ? 103 VAL X C   1 
ATOM   788  O O   . VAL A 1 103 ? 9.115   17.133  3.836   1.00 21.86 ? 103 VAL X O   1 
ATOM   789  C CB  . VAL A 1 103 ? 10.271  17.767  0.842   1.00 26.20 ? 103 VAL X CB  1 
ATOM   790  C CG1 . VAL A 1 103 ? 10.080  18.403  -0.535  1.00 26.95 ? 103 VAL X CG1 1 
ATOM   791  C CG2 . VAL A 1 103 ? 11.050  18.671  1.799   1.00 25.26 ? 103 VAL X CG2 1 
ATOM   792  N N   . LEU A 1 104 ? 9.456   15.315  2.538   1.00 20.87 ? 104 LEU X N   1 
ATOM   793  C CA  . LEU A 1 104 ? 9.924   14.483  3.628   1.00 23.35 ? 104 LEU X CA  1 
ATOM   794  C C   . LEU A 1 104 ? 11.405  14.770  3.806   1.00 25.63 ? 104 LEU X C   1 
ATOM   795  O O   . LEU A 1 104 ? 11.814  15.390  4.782   1.00 29.93 ? 104 LEU X O   1 
ATOM   796  C CB  . LEU A 1 104 ? 9.660   13.007  3.321   1.00 17.54 ? 104 LEU X CB  1 
ATOM   797  C CG  . LEU A 1 104 ? 8.159   12.710  3.331   1.00 21.71 ? 104 LEU X CG  1 
ATOM   798  C CD1 . LEU A 1 104 ? 7.750   11.650  2.305   1.00 20.83 ? 104 LEU X CD1 1 
ATOM   799  C CD2 . LEU A 1 104 ? 7.741   12.322  4.741   1.00 21.05 ? 104 LEU X CD2 1 
ATOM   800  N N   . THR A 1 105 ? 12.201  14.343  2.838   1.00 22.57 ? 105 THR X N   1 
ATOM   801  C CA  . THR A 1 105 ? 13.640  14.579  2.872   1.00 24.72 ? 105 THR X CA  1 
ATOM   802  C C   . THR A 1 105 ? 14.029  15.382  1.645   1.00 22.33 ? 105 THR X C   1 
ATOM   803  O O   . THR A 1 105 ? 14.481  16.529  1.750   1.00 26.65 ? 105 THR X O   1 
ATOM   804  C CB  . THR A 1 105 ? 14.432  13.242  2.937   1.00 25.29 ? 105 THR X CB  1 
ATOM   805  O OG1 . THR A 1 105 ? 14.312  12.695  4.254   1.00 25.85 ? 105 THR X OG1 1 
ATOM   806  C CG2 . THR A 1 105 ? 15.906  13.472  2.631   1.00 29.96 ? 105 THR X CG2 1 
ATOM   807  N N   . GLU A 1 106 ? 13.818  14.793  0.474   1.00 19.15 ? 106 GLU X N   1 
ATOM   808  C CA  . GLU A 1 106 ? 14.093  15.477  -0.779  1.00 21.33 ? 106 GLU X CA  1 
ATOM   809  C C   . GLU A 1 106 ? 12.854  15.670  -1.648  1.00 21.77 ? 106 GLU X C   1 
ATOM   810  O O   . GLU A 1 106 ? 12.863  16.504  -2.545  1.00 25.04 ? 106 GLU X O   1 
ATOM   811  C CB  . GLU A 1 106 ? 15.176  14.747  -1.577  1.00 24.36 ? 106 GLU X CB  1 
ATOM   812  C CG  . GLU A 1 106 ? 16.556  14.745  -0.922  1.00 25.58 ? 106 GLU X CG  1 
ATOM   813  C CD  . GLU A 1 106 ? 17.156  16.139  -0.815  1.00 31.80 ? 106 GLU X CD  1 
ATOM   814  O OE1 . GLU A 1 106 ? 16.826  16.997  -1.654  1.00 25.20 ? 106 GLU X OE1 1 
ATOM   815  O OE2 . GLU A 1 106 ? 17.962  16.376  0.111   1.00 39.35 ? 106 GLU X OE2 1 
ATOM   816  N N   . ALA A 1 107 ? 11.791  14.903  -1.394  1.00 21.20 ? 107 ALA X N   1 
ATOM   817  C CA  . ALA A 1 107 ? 10.596  14.986  -2.243  1.00 20.46 ? 107 ALA X CA  1 
ATOM   818  C C   . ALA A 1 107 ? 9.267   14.854  -1.491  1.00 17.12 ? 107 ALA X C   1 
ATOM   819  O O   . ALA A 1 107 ? 9.219   14.398  -0.354  1.00 19.57 ? 107 ALA X O   1 
ATOM   820  C CB  . ALA A 1 107 ? 10.670  13.959  -3.375  1.00 19.33 ? 107 ALA X CB  1 
ATOM   821  N N   . SER A 1 108 ? 8.191   15.265  -2.151  1.00 16.40 ? 108 SER X N   1 
ATOM   822  C CA  . SER A 1 108 ? 6.842   15.087  -1.633  1.00 17.92 ? 108 SER X CA  1 
ATOM   823  C C   . SER A 1 108 ? 6.210   13.797  -2.165  1.00 18.66 ? 108 SER X C   1 
ATOM   824  O O   . SER A 1 108 ? 6.703   13.204  -3.115  1.00 19.80 ? 108 SER X O   1 
ATOM   825  C CB  . SER A 1 108 ? 5.975   16.266  -2.034  1.00 20.11 ? 108 SER X CB  1 
ATOM   826  O OG  . SER A 1 108 ? 6.271   17.387  -1.231  1.00 24.30 ? 108 SER X OG  1 
ATOM   827  N N   . LEU A 1 109 ? 5.108   13.386  -1.549  1.00 17.36 ? 109 LEU X N   1 
ATOM   828  C CA  . LEU A 1 109 ? 4.303   12.261  -2.015  1.00 18.39 ? 109 LEU X CA  1 
ATOM   829  C C   . LEU A 1 109 ? 3.461   12.667  -3.226  1.00 19.64 ? 109 LEU X C   1 
ATOM   830  O O   . LEU A 1 109 ? 2.652   13.578  -3.124  1.00 20.32 ? 109 LEU X O   1 
ATOM   831  C CB  . LEU A 1 109 ? 3.373   11.806  -0.886  1.00 16.87 ? 109 LEU X CB  1 
ATOM   832  C CG  . LEU A 1 109 ? 4.050   11.432  0.435   1.00 19.09 ? 109 LEU X CG  1 
ATOM   833  C CD1 . LEU A 1 109 ? 3.003   10.922  1.415   1.00 18.61 ? 109 LEU X CD1 1 
ATOM   834  C CD2 . LEU A 1 109 ? 5.144   10.380  0.193   1.00 18.05 ? 109 LEU X CD2 1 
ATOM   835  N N   . LEU A 1 110 ? 3.648   12.003  -4.368  1.00 20.08 ? 110 LEU X N   1 
ATOM   836  C CA  . LEU A 1 110 ? 2.934   12.398  -5.580  1.00 19.74 ? 110 LEU X CA  1 
ATOM   837  C C   . LEU A 1 110 ? 1.963   11.312  -6.012  1.00 24.70 ? 110 LEU X C   1 
ATOM   838  O O   . LEU A 1 110 ? 0.805   11.596  -6.330  1.00 24.21 ? 110 LEU X O   1 
ATOM   839  C CB  . LEU A 1 110 ? 3.907   12.720  -6.720  1.00 25.05 ? 110 LEU X CB  1 
ATOM   840  C CG  . LEU A 1 110 ? 3.402   13.580  -7.888  1.00 35.15 ? 110 LEU X CG  1 
ATOM   841  C CD1 . LEU A 1 110 ? 4.558   14.148  -8.705  1.00 39.12 ? 110 LEU X CD1 1 
ATOM   842  C CD2 . LEU A 1 110 ? 2.432   12.834  -8.796  1.00 42.06 ? 110 LEU X CD2 1 
ATOM   843  N N   . ALA A 1 111 ? 2.440   10.069  -6.019  1.00 17.83 ? 111 ALA X N   1 
ATOM   844  C CA  . ALA A 1 111 ? 1.644   8.958   -6.535  1.00 19.76 ? 111 ALA X CA  1 
ATOM   845  C C   . ALA A 1 111 ? 1.899   7.655   -5.782  1.00 19.43 ? 111 ALA X C   1 
ATOM   846  O O   . ALA A 1 111 ? 3.033   7.303   -5.496  1.00 18.22 ? 111 ALA X O   1 
ATOM   847  C CB  . ALA A 1 111 ? 1.904   8.768   -8.019  1.00 20.65 ? 111 ALA X CB  1 
ATOM   848  N N   . ALA A 1 112 ? 0.826   6.946   -5.468  1.00 22.36 ? 112 ALA X N   1 
ATOM   849  C CA  . ALA A 1 112 ? 0.922   5.627   -4.858  1.00 20.44 ? 112 ALA X CA  1 
ATOM   850  C C   . ALA A 1 112 ? 1.545   4.624   -5.843  1.00 20.76 ? 112 ALA X C   1 
ATOM   851  O O   . ALA A 1 112 ? 1.170   4.578   -7.028  1.00 20.48 ? 112 ALA X O   1 
ATOM   852  C CB  . ALA A 1 112 ? -0.458  5.154   -4.432  1.00 20.17 ? 112 ALA X CB  1 
ATOM   853  N N   . TYR A 1 113 ? 2.506   3.843   -5.354  1.00 17.76 ? 113 TYR X N   1 
ATOM   854  C CA  . TYR A 1 113 ? 3.077   2.736   -6.122  1.00 18.36 ? 113 TYR X CA  1 
ATOM   855  C C   . TYR A 1 113 ? 1.987   1.727   -6.495  1.00 19.22 ? 113 TYR X C   1 
ATOM   856  O O   . TYR A 1 113 ? 1.105   1.437   -5.687  1.00 19.59 ? 113 TYR X O   1 
ATOM   857  C CB  . TYR A 1 113 ? 4.169   2.010   -5.313  1.00 18.39 ? 113 TYR X CB  1 
ATOM   858  C CG  . TYR A 1 113 ? 4.769   0.861   -6.081  1.00 19.58 ? 113 TYR X CG  1 
ATOM   859  C CD1 . TYR A 1 113 ? 5.680   1.094   -7.105  1.00 22.03 ? 113 TYR X CD1 1 
ATOM   860  C CD2 . TYR A 1 113 ? 4.407   -0.456  -5.811  1.00 22.73 ? 113 TYR X CD2 1 
ATOM   861  C CE1 . TYR A 1 113 ? 6.221   0.050   -7.834  1.00 24.03 ? 113 TYR X CE1 1 
ATOM   862  C CE2 . TYR A 1 113 ? 4.942   -1.508  -6.537  1.00 23.88 ? 113 TYR X CE2 1 
ATOM   863  C CZ  . TYR A 1 113 ? 5.852   -1.247  -7.549  1.00 24.31 ? 113 TYR X CZ  1 
ATOM   864  O OH  . TYR A 1 113 ? 6.404   -2.278  -8.282  1.00 27.52 ? 113 TYR X OH  1 
ATOM   865  N N   . LYS A 1 114 ? 2.056   1.198   -7.714  1.00 15.91 ? 114 LYS X N   1 
ATOM   866  C CA  . LYS A 1 114 ? 1.126   0.167   -8.173  1.00 22.91 ? 114 LYS X CA  1 
ATOM   867  C C   . LYS A 1 114 ? 1.908   -0.908  -8.917  1.00 19.19 ? 114 LYS X C   1 
ATOM   868  O O   . LYS A 1 114 ? 2.698   -0.603  -9.819  1.00 19.47 ? 114 LYS X O   1 
ATOM   869  C CB  . LYS A 1 114 ? 0.042   0.746   -9.108  1.00 21.45 ? 114 LYS X CB  1 
ATOM   870  C CG  . LYS A 1 114 ? -0.862  1.802   -8.474  1.00 25.50 ? 114 LYS X CG  1 
ATOM   871  C CD  . LYS A 1 114 ? -2.050  2.139   -9.377  1.00 40.24 ? 114 LYS X CD  1 
ATOM   872  C CE  . LYS A 1 114 ? -3.051  0.976   -9.460  1.00 38.86 ? 114 LYS X CE  1 
ATOM   873  N NZ  . LYS A 1 114 ? -4.140  1.173   -10.477 1.00 30.83 ? 114 LYS X NZ  1 
ATOM   874  N N   . LYS A 1 115 ? 1.684   -2.163  -8.548  1.00 22.83 ? 115 LYS X N   1 
ATOM   875  C CA  . LYS A 1 115 ? 2.279   -3.275  -9.278  1.00 18.10 ? 115 LYS X CA  1 
ATOM   876  C C   . LYS A 1 115 ? 1.650   -3.390  -10.656 1.00 19.54 ? 115 LYS X C   1 
ATOM   877  O O   . LYS A 1 115 ? 0.464   -3.107  -10.817 1.00 19.82 ? 115 LYS X O   1 
ATOM   878  C CB  . LYS A 1 115 ? 2.080   -4.581  -8.515  1.00 20.25 ? 115 LYS X CB  1 
ATOM   879  C CG  . LYS A 1 115 ? 2.671   -4.576  -7.109  1.00 20.22 ? 115 LYS X CG  1 
ATOM   880  C CD  . LYS A 1 115 ? 2.474   -5.921  -6.444  1.00 23.10 ? 115 LYS X CD  1 
ATOM   881  C CE  . LYS A 1 115 ? 2.962   -5.908  -5.000  1.00 29.72 ? 115 LYS X CE  1 
ATOM   882  N NZ  . LYS A 1 115 ? 2.956   -7.267  -4.389  1.00 26.53 ? 115 LYS X NZ  1 
ATOM   883  N N   . PRO A 1 116 ? 2.447   -3.806  -11.656 1.00 21.74 ? 116 PRO X N   1 
ATOM   884  C CA  . PRO A 1 116 ? 1.985   -4.011  -13.037 1.00 23.96 ? 116 PRO X CA  1 
ATOM   885  C C   . PRO A 1 116 ? 0.999   -5.180  -13.130 1.00 19.94 ? 116 PRO X C   1 
ATOM   886  O O   . PRO A 1 116 ? 1.030   -6.095  -12.308 1.00 22.59 ? 116 PRO X O   1 
ATOM   887  C CB  . PRO A 1 116 ? 3.269   -4.367  -13.797 1.00 24.52 ? 116 PRO X CB  1 
ATOM   888  C CG  . PRO A 1 116 ? 4.399   -3.994  -12.884 1.00 28.45 ? 116 PRO X CG  1 
ATOM   889  C CD  . PRO A 1 116 ? 3.887   -4.093  -11.502 1.00 24.22 ? 116 PRO X CD  1 
ATOM   890  N N   . ILE A 1 117 ? 0.143   -5.138  -14.140 1.00 20.78 ? 117 ILE X N   1 
ATOM   891  C CA  . ILE A 1 117 ? -0.893  -6.148  -14.327 1.00 23.24 ? 117 ILE X CA  1 
ATOM   892  C C   . ILE A 1 117 ? -0.346  -7.294  -15.170 1.00 24.00 ? 117 ILE X C   1 
ATOM   893  O O   . ILE A 1 117 ? 0.148   -7.078  -16.278 1.00 21.58 ? 117 ILE X O   1 
ATOM   894  C CB  . ILE A 1 117 ? -2.124  -5.537  -15.024 1.00 20.53 ? 117 ILE X CB  1 
ATOM   895  C CG1 . ILE A 1 117 ? -2.651  -4.339  -14.211 1.00 21.15 ? 117 ILE X CG1 1 
ATOM   896  C CG2 . ILE A 1 117 ? -3.193  -6.607  -15.271 1.00 22.03 ? 117 ILE X CG2 1 
ATOM   897  C CD1 . ILE A 1 117 ? -3.528  -3.362  -15.007 1.00 22.93 ? 117 ILE X CD1 1 
ATOM   898  N N   . ILE A 1 118 ? -0.422  -8.507  -14.633 1.00 21.75 ? 118 ILE X N   1 
ATOM   899  C CA  . ILE A 1 118 ? -0.021  -9.700  -15.369 1.00 23.60 ? 118 ILE X CA  1 
ATOM   900  C C   . ILE A 1 118 ? -1.127  -10.113 -16.336 1.00 27.40 ? 118 ILE X C   1 
ATOM   901  O O   . ILE A 1 118 ? -0.872  -10.407 -17.497 1.00 26.41 ? 118 ILE X O   1 
ATOM   902  C CB  . ILE A 1 118 ? 0.303   -10.860 -14.407 1.00 24.95 ? 118 ILE X CB  1 
ATOM   903  C CG1 . ILE A 1 118 ? 1.600   -10.561 -13.659 1.00 27.01 ? 118 ILE X CG1 1 
ATOM   904  C CG2 . ILE A 1 118 ? 0.431   -12.162 -15.165 1.00 29.18 ? 118 ILE X CG2 1 
ATOM   905  C CD1 . ILE A 1 118 ? 1.825   -11.440 -12.459 1.00 28.33 ? 118 ILE X CD1 1 
ATOM   906  N N   . GLU A 1 119 ? -2.363  -10.143 -15.853 1.00 20.76 ? 119 GLU X N   1 
ATOM   907  C CA  . GLU A 1 119 ? -3.490  -10.375 -16.748 1.00 24.13 ? 119 GLU X CA  1 
ATOM   908  C C   . GLU A 1 119 ? -4.802  -9.903  -16.134 1.00 23.46 ? 119 GLU X C   1 
ATOM   909  O O   . GLU A 1 119 ? -4.885  -9.681  -14.922 1.00 20.88 ? 119 GLU X O   1 
ATOM   910  C CB  . GLU A 1 119 ? -3.577  -11.849 -17.151 1.00 29.74 ? 119 GLU X CB  1 
ATOM   911  C CG  . GLU A 1 119 ? -3.745  -12.809 -15.998 1.00 25.63 ? 119 GLU X CG  1 
ATOM   912  C CD  . GLU A 1 119 ? -3.801  -14.258 -16.465 1.00 36.44 ? 119 GLU X CD  1 
ATOM   913  O OE1 . GLU A 1 119 ? -3.220  -14.561 -17.533 1.00 43.10 ? 119 GLU X OE1 1 
ATOM   914  O OE2 . GLU A 1 119 ? -4.430  -15.087 -15.770 1.00 37.37 ? 119 GLU X OE2 1 
ATOM   915  N N   . VAL A 1 120 ? -5.813  -9.737  -16.982 1.00 20.55 ? 120 VAL X N   1 
ATOM   916  C CA  . VAL A 1 120 ? -7.149  -9.358  -16.545 1.00 24.25 ? 120 VAL X CA  1 
ATOM   917  C C   . VAL A 1 120 ? -8.052  -10.587 -16.542 1.00 25.62 ? 120 VAL X C   1 
ATOM   918  O O   . VAL A 1 120 ? -8.102  -11.339 -17.519 1.00 26.99 ? 120 VAL X O   1 
ATOM   919  C CB  . VAL A 1 120 ? -7.761  -8.261  -17.456 1.00 26.10 ? 120 VAL X CB  1 
ATOM   920  C CG1 . VAL A 1 120 ? -9.139  -7.853  -16.957 1.00 25.45 ? 120 VAL X CG1 1 
ATOM   921  C CG2 . VAL A 1 120 ? -6.843  -7.049  -17.522 1.00 25.58 ? 120 VAL X CG2 1 
ATOM   922  N N   . VAL A 1 121 ? -8.759  -10.790 -15.436 1.00 25.16 ? 121 VAL X N   1 
ATOM   923  C CA  . VAL A 1 121 ? -9.599  -11.963 -15.267 1.00 22.88 ? 121 VAL X CA  1 
ATOM   924  C C   . VAL A 1 121 ? -10.972 -11.527 -14.796 1.00 22.86 ? 121 VAL X C   1 
ATOM   925  O O   . VAL A 1 121 ? -11.151 -10.390 -14.357 1.00 19.20 ? 121 VAL X O   1 
ATOM   926  C CB  . VAL A 1 121 ? -9.006  -12.946 -14.221 1.00 22.88 ? 121 VAL X CB  1 
ATOM   927  C CG1 . VAL A 1 121 ? -7.650  -13.471 -14.675 1.00 20.81 ? 121 VAL X CG1 1 
ATOM   928  C CG2 . VAL A 1 121 ? -8.891  -12.268 -12.849 1.00 18.20 ? 121 VAL X CG2 1 
ATOM   929  N N   . VAL A 1 122 ? -11.945 -12.426 -14.903 1.00 23.36 ? 122 VAL X N   1 
ATOM   930  C CA  . VAL A 1 122 ? -13.237 -12.214 -14.269 1.00 21.76 ? 122 VAL X CA  1 
ATOM   931  C C   . VAL A 1 122 ? -13.552 -13.385 -13.349 1.00 22.73 ? 122 VAL X C   1 
ATOM   932  O O   . VAL A 1 122 ? -13.179 -14.532 -13.635 1.00 21.64 ? 122 VAL X O   1 
ATOM   933  C CB  . VAL A 1 122 ? -14.393 -12.007 -15.296 1.00 27.18 ? 122 VAL X CB  1 
ATOM   934  C CG1 . VAL A 1 122 ? -14.070 -10.842 -16.226 1.00 25.57 ? 122 VAL X CG1 1 
ATOM   935  C CG2 . VAL A 1 122 ? -14.642 -13.274 -16.088 1.00 28.70 ? 122 VAL X CG2 1 
ATOM   936  N N   . GLY A 1 123 ? -14.236 -13.085 -12.246 1.00 20.30 ? 123 GLY X N   1 
ATOM   937  C CA  . GLY A 1 123 ? -14.636 -14.099 -11.289 1.00 21.20 ? 123 GLY X CA  1 
ATOM   938  C C   . GLY A 1 123 ? -15.595 -15.075 -11.946 1.00 20.03 ? 123 GLY X C   1 
ATOM   939  O O   . GLY A 1 123 ? -16.573 -14.666 -12.568 1.00 20.29 ? 123 GLY X O   1 
ATOM   940  N N   . THR A 1 124 ? -15.308 -16.365 -11.834 1.00 20.07 ? 124 THR X N   1 
ATOM   941  C CA  . THR A 1 124 ? -16.182 -17.381 -12.425 1.00 24.15 ? 124 THR X CA  1 
ATOM   942  C C   . THR A 1 124 ? -17.161 -17.903 -11.366 1.00 28.77 ? 124 THR X C   1 
ATOM   943  O O   . THR A 1 124 ? -18.210 -18.467 -11.683 1.00 24.81 ? 124 THR X O   1 
ATOM   944  C CB  . THR A 1 124 ? -15.389 -18.549 -13.033 1.00 24.22 ? 124 THR X CB  1 
ATOM   945  O OG1 . THR A 1 124 ? -14.562 -19.136 -12.026 1.00 31.17 ? 124 THR X OG1 1 
ATOM   946  C CG2 . THR A 1 124 ? -14.518 -18.069 -14.182 1.00 27.76 ? 124 THR X CG2 1 
ATOM   947  N N   . PHE A 1 125 ? -16.801 -17.709 -10.102 1.00 25.54 ? 125 PHE X N   1 
ATOM   948  C CA  . PHE A 1 125 ? -17.672 -18.034 -8.984  1.00 25.21 ? 125 PHE X CA  1 
ATOM   949  C C   . PHE A 1 125 ? -17.509 -16.929 -7.945  1.00 24.39 ? 125 PHE X C   1 
ATOM   950  O O   . PHE A 1 125 ? -16.531 -16.180 -7.975  1.00 24.64 ? 125 PHE X O   1 
ATOM   951  C CB  . PHE A 1 125 ? -17.299 -19.392 -8.369  1.00 29.59 ? 125 PHE X CB  1 
ATOM   952  C CG  . PHE A 1 125 ? -17.316 -20.543 -9.350  1.00 32.76 ? 125 PHE X CG  1 
ATOM   953  C CD1 . PHE A 1 125 ? -16.157 -20.934 -9.999  1.00 32.31 ? 125 PHE X CD1 1 
ATOM   954  C CD2 . PHE A 1 125 ? -18.494 -21.234 -9.611  1.00 35.51 ? 125 PHE X CD2 1 
ATOM   955  C CE1 . PHE A 1 125 ? -16.167 -21.983 -10.904 1.00 36.47 ? 125 PHE X CE1 1 
ATOM   956  C CE2 . PHE A 1 125 ? -18.515 -22.281 -10.514 1.00 38.47 ? 125 PHE X CE2 1 
ATOM   957  C CZ  . PHE A 1 125 ? -17.348 -22.657 -11.164 1.00 41.82 ? 125 PHE X CZ  1 
ATOM   958  N N   . LYS A 1 126 ? -18.463 -16.813 -7.031  1.00 24.10 ? 126 LYS X N   1 
ATOM   959  C CA  . LYS A 1 126 ? -18.324 -15.863 -5.937  1.00 25.11 ? 126 LYS X CA  1 
ATOM   960  C C   . LYS A 1 126 ? -17.284 -16.370 -4.930  1.00 22.52 ? 126 LYS X C   1 
ATOM   961  O O   . LYS A 1 126 ? -17.182 -17.569 -4.667  1.00 22.19 ? 126 LYS X O   1 
ATOM   962  C CB  . LYS A 1 126 ? -19.673 -15.601 -5.250  1.00 22.63 ? 126 LYS X CB  1 
ATOM   963  C CG  . LYS A 1 126 ? -19.847 -16.331 -3.931  1.00 26.50 ? 126 LYS X CG  1 
ATOM   964  C CD  . LYS A 1 126 ? -21.125 -15.921 -3.209  1.00 27.59 ? 126 LYS X CD  1 
ATOM   965  C CE  . LYS A 1 126 ? -21.592 -17.046 -2.285  1.00 27.05 ? 126 LYS X CE  1 
ATOM   966  N NZ  . LYS A 1 126 ? -22.889 -16.747 -1.602  1.00 31.87 ? 126 LYS X NZ  1 
ATOM   967  N N   . PHE A 1 127 ? -16.510 -15.451 -4.370  1.00 21.67 ? 127 PHE X N   1 
ATOM   968  C CA  . PHE A 1 127 ? -15.497 -15.806 -3.382  1.00 22.31 ? 127 PHE X CA  1 
ATOM   969  C C   . PHE A 1 127 ? -15.616 -14.912 -2.156  1.00 22.03 ? 127 PHE X C   1 
ATOM   970  O O   . PHE A 1 127 ? -15.362 -13.719 -2.230  1.00 21.69 ? 127 PHE X O   1 
ATOM   971  C CB  . PHE A 1 127 ? -14.088 -15.696 -3.984  1.00 20.62 ? 127 PHE X CB  1 
ATOM   972  C CG  . PHE A 1 127 ? -12.977 -16.074 -3.031  1.00 18.73 ? 127 PHE X CG  1 
ATOM   973  C CD1 . PHE A 1 127 ? -12.953 -17.323 -2.424  1.00 20.90 ? 127 PHE X CD1 1 
ATOM   974  C CD2 . PHE A 1 127 ? -11.941 -15.191 -2.769  1.00 19.28 ? 127 PHE X CD2 1 
ATOM   975  C CE1 . PHE A 1 127 ? -11.926 -17.677 -1.558  1.00 20.53 ? 127 PHE X CE1 1 
ATOM   976  C CE2 . PHE A 1 127 ? -10.905 -15.539 -1.900  1.00 17.49 ? 127 PHE X CE2 1 
ATOM   977  C CZ  . PHE A 1 127 ? -10.895 -16.779 -1.300  1.00 20.11 ? 127 PHE X CZ  1 
ATOM   978  N N   . THR A 1 128 ? -15.999 -15.494 -1.028  1.00 23.23 ? 128 THR X N   1 
ATOM   979  C CA  . THR A 1 128 ? -16.190 -14.720 0.195   1.00 22.30 ? 128 THR X CA  1 
ATOM   980  C C   . THR A 1 128 ? -14.870 -14.468 0.907   1.00 26.29 ? 128 THR X C   1 
ATOM   981  O O   . THR A 1 128 ? -14.769 -13.562 1.729   1.00 26.81 ? 128 THR X O   1 
ATOM   982  C CB  . THR A 1 128 ? -17.107 -15.453 1.173   1.00 26.37 ? 128 THR X CB  1 
ATOM   983  O OG1 . THR A 1 128 ? -16.450 -16.641 1.635   1.00 24.09 ? 128 THR X OG1 1 
ATOM   984  C CG2 . THR A 1 128 ? -18.422 -15.830 0.487   1.00 23.62 ? 128 THR X CG2 1 
ATOM   985  N N   . GLY A 1 129 ? -13.863 -15.274 0.582   1.00 25.68 ? 129 GLY X N   1 
ATOM   986  C CA  . GLY A 1 129 ? -12.584 -15.208 1.255   1.00 25.28 ? 129 GLY X CA  1 
ATOM   987  C C   . GLY A 1 129 ? -12.579 -16.222 2.384   1.00 30.08 ? 129 GLY X C   1 
ATOM   988  O O   . GLY A 1 129 ? -13.637 -16.553 2.920   1.00 28.18 ? 129 GLY X O   1 
ATOM   989  N N   . GLU A 1 130 ? -11.392 -16.724 2.725   1.00 28.26 ? 130 GLU X N   1 
ATOM   990  C CA  . GLU A 1 130 ? -11.232 -17.681 3.816   1.00 29.26 ? 130 GLU X CA  1 
ATOM   991  C C   . GLU A 1 130 ? -10.374 -17.058 4.922   1.00 31.24 ? 130 GLU X C   1 
ATOM   992  O O   . GLU A 1 130 ? -10.605 -17.297 6.106   1.00 33.55 ? 130 GLU X O   1 
ATOM   993  C CB  . GLU A 1 130 ? -10.580 -18.988 3.322   1.00 31.30 ? 130 GLU X CB  1 
ATOM   994  C CG  . GLU A 1 130 ? -11.279 -19.693 2.152   1.00 25.23 ? 130 GLU X CG  1 
ATOM   995  C CD  . GLU A 1 130 ? -10.514 -20.933 1.671   1.00 34.63 ? 130 GLU X CD  1 
ATOM   996  O OE1 . GLU A 1 130 ? -11.117 -21.781 0.973   1.00 34.34 ? 130 GLU X OE1 1 
ATOM   997  O OE2 . GLU A 1 130 ? -9.310  -21.069 1.998   1.00 31.51 ? 130 GLU X OE2 1 
ATOM   998  N N   . ARG A 1 131 ? -9.387  -16.258 4.524   1.00 28.38 ? 131 ARG X N   1 
ATOM   999  C CA  . ARG A 1 131 ? -8.523  -15.545 5.470   1.00 29.17 ? 131 ARG X CA  1 
ATOM   1000 C C   . ARG A 1 131 ? -8.587  -14.047 5.216   1.00 29.43 ? 131 ARG X C   1 
ATOM   1001 O O   . ARG A 1 131 ? -9.099  -13.604 4.188   1.00 30.44 ? 131 ARG X O   1 
ATOM   1002 C CB  . ARG A 1 131 ? -7.063  -16.014 5.354   1.00 27.42 ? 131 ARG X CB  1 
ATOM   1003 C CG  . ARG A 1 131 ? -6.865  -17.514 5.518   1.00 33.21 ? 131 ARG X CG  1 
ATOM   1004 C CD  . ARG A 1 131 ? -5.449  -17.951 5.135   1.00 31.06 ? 131 ARG X CD  1 
ATOM   1005 N NE  . ARG A 1 131 ? -5.294  -19.401 5.234   1.00 33.39 ? 131 ARG X NE  1 
ATOM   1006 C CZ  . ARG A 1 131 ? -4.143  -20.043 5.054   1.00 31.76 ? 131 ARG X CZ  1 
ATOM   1007 N NH1 . ARG A 1 131 ? -3.047  -19.358 4.771   1.00 29.19 ? 131 ARG X NH1 1 
ATOM   1008 N NH2 . ARG A 1 131 ? -4.082  -21.365 5.169   1.00 26.95 ? 131 ARG X NH2 1 
ATOM   1009 N N   . GLU A 1 132 ? -8.039  -13.271 6.144   1.00 29.49 ? 132 GLU X N   1 
ATOM   1010 C CA  . GLU A 1 132 ? -7.988  -11.809 6.029   1.00 25.73 ? 132 GLU X CA  1 
ATOM   1011 C C   . GLU A 1 132 ? -7.045  -11.338 4.908   1.00 29.09 ? 132 GLU X C   1 
ATOM   1012 O O   . GLU A 1 132 ? -7.069  -10.175 4.496   1.00 25.04 ? 132 GLU X O   1 
ATOM   1013 C CB  . GLU A 1 132 ? -7.553  -11.202 7.370   1.00 36.56 ? 132 GLU X CB  1 
ATOM   1014 C CG  . GLU A 1 132 ? -6.202  -11.725 7.903   1.00 38.77 ? 132 GLU X CG  1 
ATOM   1015 C CD  . GLU A 1 132 ? -6.163  -13.246 8.094   1.00 41.81 ? 132 GLU X CD  1 
ATOM   1016 O OE1 . GLU A 1 132 ? -6.994  -13.783 8.867   1.00 43.29 ? 132 GLU X OE1 1 
ATOM   1017 O OE2 . GLU A 1 132 ? -5.295  -13.905 7.470   1.00 42.83 ? 132 GLU X OE2 1 
ATOM   1018 N N   . THR A 1 133 ? -6.212  -12.258 4.429   1.00 26.92 ? 133 THR X N   1 
ATOM   1019 C CA  . THR A 1 133 ? -5.246  -11.984 3.380   1.00 24.23 ? 133 THR X CA  1 
ATOM   1020 C C   . THR A 1 133 ? -5.887  -12.141 1.998   1.00 21.44 ? 133 THR X C   1 
ATOM   1021 O O   . THR A 1 133 ? -5.274  -11.824 0.977   1.00 21.58 ? 133 THR X O   1 
ATOM   1022 C CB  . THR A 1 133 ? -4.058  -12.957 3.489   1.00 25.47 ? 133 THR X CB  1 
ATOM   1023 O OG1 . THR A 1 133 ? -4.529  -14.308 3.342   1.00 27.55 ? 133 THR X OG1 1 
ATOM   1024 C CG2 . THR A 1 133 ? -3.378  -12.808 4.838   1.00 28.09 ? 133 THR X CG2 1 
ATOM   1025 N N   . ASP A 1 134 ? -7.123  -12.634 1.982   1.00 16.46 ? 134 ASP X N   1 
ATOM   1026 C CA  . ASP A 1 134 ? -7.819  -12.940 0.737   1.00 20.50 ? 134 ASP X CA  1 
ATOM   1027 C C   . ASP A 1 134 ? -8.616  -11.747 0.233   1.00 20.65 ? 134 ASP X C   1 
ATOM   1028 O O   . ASP A 1 134 ? -9.003  -10.889 1.009   1.00 21.97 ? 134 ASP X O   1 
ATOM   1029 C CB  . ASP A 1 134 ? -8.761  -14.129 0.930   1.00 21.32 ? 134 ASP X CB  1 
ATOM   1030 C CG  . ASP A 1 134 ? -8.025  -15.408 1.306   1.00 23.67 ? 134 ASP X CG  1 
ATOM   1031 O OD1 . ASP A 1 134 ? -6.790  -15.471 1.105   1.00 22.74 ? 134 ASP X OD1 1 
ATOM   1032 O OD2 . ASP A 1 134 ? -8.688  -16.342 1.805   1.00 21.94 ? 134 ASP X OD2 1 
ATOM   1033 N N   . LEU A 1 135 ? -8.862  -11.707 -1.071  1.00 18.68 ? 135 LEU X N   1 
ATOM   1034 C CA  . LEU A 1 135 ? -9.657  -10.647 -1.670  1.00 19.15 ? 135 LEU X CA  1 
ATOM   1035 C C   . LEU A 1 135 ? -11.009 -11.215 -2.095  1.00 18.55 ? 135 LEU X C   1 
ATOM   1036 O O   . LEU A 1 135 ? -11.085 -11.950 -3.084  1.00 17.98 ? 135 LEU X O   1 
ATOM   1037 C CB  . LEU A 1 135 ? -8.921  -10.060 -2.882  1.00 18.61 ? 135 LEU X CB  1 
ATOM   1038 C CG  . LEU A 1 135 ? -9.665  -8.998  -3.698  1.00 16.03 ? 135 LEU X CG  1 
ATOM   1039 C CD1 . LEU A 1 135 ? -9.917  -7.727  -2.861  1.00 18.05 ? 135 LEU X CD1 1 
ATOM   1040 C CD2 . LEU A 1 135 ? -8.933  -8.665  -4.983  1.00 16.57 ? 135 LEU X CD2 1 
ATOM   1041 N N   . PRO A 1 136 ? -12.074 -10.906 -1.332  1.00 20.48 ? 136 PRO X N   1 
ATOM   1042 C CA  . PRO A 1 136 ? -13.408 -11.401 -1.706  1.00 21.44 ? 136 PRO X CA  1 
ATOM   1043 C C   . PRO A 1 136 ? -13.835 -10.759 -3.010  1.00 18.36 ? 136 PRO X C   1 
ATOM   1044 O O   . PRO A 1 136 ? -13.449 -9.626  -3.288  1.00 16.80 ? 136 PRO X O   1 
ATOM   1045 C CB  . PRO A 1 136 ? -14.305 -10.901 -0.569  1.00 22.39 ? 136 PRO X CB  1 
ATOM   1046 C CG  . PRO A 1 136 ? -13.368 -10.548 0.561   1.00 22.03 ? 136 PRO X CG  1 
ATOM   1047 C CD  . PRO A 1 136 ? -12.110 -10.086 -0.109  1.00 22.32 ? 136 PRO X CD  1 
ATOM   1048 N N   . PHE A 1 137 ? -14.599 -11.478 -3.818  1.00 18.48 ? 137 PHE X N   1 
ATOM   1049 C CA  . PHE A 1 137 ? -15.134 -10.897 -5.038  1.00 16.87 ? 137 PHE X CA  1 
ATOM   1050 C C   . PHE A 1 137 ? -16.429 -11.570 -5.458  1.00 19.41 ? 137 PHE X C   1 
ATOM   1051 O O   . PHE A 1 137 ? -16.797 -12.641 -4.946  1.00 20.48 ? 137 PHE X O   1 
ATOM   1052 C CB  . PHE A 1 137 ? -14.106 -10.926 -6.182  1.00 16.16 ? 137 PHE X CB  1 
ATOM   1053 C CG  . PHE A 1 137 ? -13.587 -12.296 -6.513  1.00 18.81 ? 137 PHE X CG  1 
ATOM   1054 C CD1 . PHE A 1 137 ? -12.443 -12.784 -5.900  1.00 18.13 ? 137 PHE X CD1 1 
ATOM   1055 C CD2 . PHE A 1 137 ? -14.221 -13.083 -7.460  1.00 19.10 ? 137 PHE X CD2 1 
ATOM   1056 C CE1 . PHE A 1 137 ? -11.955 -14.038 -6.204  1.00 18.95 ? 137 PHE X CE1 1 
ATOM   1057 C CE2 . PHE A 1 137 ? -13.743 -14.352 -7.769  1.00 17.55 ? 137 PHE X CE2 1 
ATOM   1058 C CZ  . PHE A 1 137 ? -12.612 -14.829 -7.148  1.00 19.30 ? 137 PHE X CZ  1 
ATOM   1059 N N   . GLU A 1 138 ? -17.110 -10.934 -6.402  1.00 19.17 ? 138 GLU X N   1 
ATOM   1060 C CA  . GLU A 1 138 ? -18.398 -11.411 -6.892  1.00 19.99 ? 138 GLU X CA  1 
ATOM   1061 C C   . GLU A 1 138 ? -18.203 -12.211 -8.183  1.00 19.28 ? 138 GLU X C   1 
ATOM   1062 O O   . GLU A 1 138 ? -17.201 -12.046 -8.873  1.00 16.42 ? 138 GLU X O   1 
ATOM   1063 C CB  . GLU A 1 138 ? -19.342 -10.225 -7.131  1.00 19.15 ? 138 GLU X CB  1 
ATOM   1064 C CG  . GLU A 1 138 ? -19.760 -9.471  -5.851  1.00 19.02 ? 138 GLU X CG  1 
ATOM   1065 C CD  . GLU A 1 138 ? -20.558 -8.216  -6.154  1.00 25.86 ? 138 GLU X CD  1 
ATOM   1066 O OE1 . GLU A 1 138 ? -21.444 -8.283  -7.025  1.00 30.62 ? 138 GLU X OE1 1 
ATOM   1067 O OE2 . GLU A 1 138 ? -20.293 -7.156  -5.542  1.00 25.58 ? 138 GLU X OE2 1 
ATOM   1068 N N   . GLN A 1 139 ? -19.146 -13.089 -8.504  1.00 20.01 ? 139 GLN X N   1 
ATOM   1069 C CA  . GLN A 1 139 ? -19.069 -13.793 -9.770  1.00 18.33 ? 139 GLN X CA  1 
ATOM   1070 C C   . GLN A 1 139 ? -19.223 -12.744 -10.855 1.00 21.16 ? 139 GLN X C   1 
ATOM   1071 O O   . GLN A 1 139 ? -20.076 -11.867 -10.750 1.00 17.62 ? 139 GLN X O   1 
ATOM   1072 C CB  . GLN A 1 139 ? -20.184 -14.823 -9.907  1.00 21.01 ? 139 GLN X CB  1 
ATOM   1073 C CG  . GLN A 1 139 ? -20.169 -15.548 -11.246 1.00 22.04 ? 139 GLN X CG  1 
ATOM   1074 C CD  . GLN A 1 139 ? -21.221 -16.631 -11.310 1.00 27.14 ? 139 GLN X CD  1 
ATOM   1075 O OE1 . GLN A 1 139 ? -22.415 -16.350 -11.207 1.00 26.78 ? 139 GLN X OE1 1 
ATOM   1076 N NE2 . GLN A 1 139 ? -20.783 -17.882 -11.463 1.00 28.06 ? 139 GLN X NE2 1 
ATOM   1077 N N   . GLY A 1 140 ? -18.386 -12.830 -11.884 1.00 20.84 ? 140 GLY X N   1 
ATOM   1078 C CA  . GLY A 1 140 ? -18.424 -11.870 -12.974 1.00 21.99 ? 140 GLY X CA  1 
ATOM   1079 C C   . GLY A 1 140 ? -17.596 -10.622 -12.719 1.00 21.34 ? 140 GLY X C   1 
ATOM   1080 O O   . GLY A 1 140 ? -17.490 -9.766  -13.592 1.00 22.65 ? 140 GLY X O   1 
ATOM   1081 N N   . GLU A 1 141 ? -16.999 -10.510 -11.533 1.00 21.06 ? 141 GLU X N   1 
ATOM   1082 C CA  . GLU A 1 141 ? -16.244 -9.304  -11.195 1.00 20.21 ? 141 GLU X CA  1 
ATOM   1083 C C   . GLU A 1 141 ? -14.879 -9.252  -11.874 1.00 20.53 ? 141 GLU X C   1 
ATOM   1084 O O   . GLU A 1 141 ? -14.145 -10.240 -11.890 1.00 20.30 ? 141 GLU X O   1 
ATOM   1085 C CB  . GLU A 1 141 ? -16.091 -9.142  -9.676  1.00 21.24 ? 141 GLU X CB  1 
ATOM   1086 C CG  . GLU A 1 141 ? -15.391 -7.835  -9.275  1.00 18.22 ? 141 GLU X CG  1 
ATOM   1087 C CD  . GLU A 1 141 ? -15.370 -7.605  -7.774  1.00 21.28 ? 141 GLU X CD  1 
ATOM   1088 O OE1 . GLU A 1 141 ? -16.116 -8.293  -7.041  1.00 21.55 ? 141 GLU X OE1 1 
ATOM   1089 O OE2 . GLU A 1 141 ? -14.594 -6.739  -7.319  1.00 20.72 ? 141 GLU X OE2 1 
ATOM   1090 N N   . ARG A 1 142 ? -14.541 -8.083  -12.417 1.00 17.74 ? 142 ARG X N   1 
ATOM   1091 C CA  . ARG A 1 142 ? -13.277 -7.886  -13.128 1.00 18.49 ? 142 ARG X CA  1 
ATOM   1092 C C   . ARG A 1 142 ? -12.129 -7.648  -12.150 1.00 15.69 ? 142 ARG X C   1 
ATOM   1093 O O   . ARG A 1 142 ? -12.221 -6.803  -11.274 1.00 19.51 ? 142 ARG X O   1 
ATOM   1094 C CB  . ARG A 1 142 ? -13.403 -6.700  -14.092 1.00 21.61 ? 142 ARG X CB  1 
ATOM   1095 C CG  . ARG A 1 142 ? -12.144 -6.393  -14.900 1.00 25.62 ? 142 ARG X CG  1 
ATOM   1096 C CD  . ARG A 1 142 ? -12.275 -5.045  -15.632 1.00 28.72 ? 142 ARG X CD  1 
ATOM   1097 N NE  . ARG A 1 142 ? -11.131 -4.736  -16.499 1.00 32.08 ? 142 ARG X NE  1 
ATOM   1098 C CZ  . ARG A 1 142 ? -9.957  -4.264  -16.078 1.00 31.41 ? 142 ARG X CZ  1 
ATOM   1099 N NH1 . ARG A 1 142 ? -9.733  -4.063  -14.785 1.00 26.23 ? 142 ARG X NH1 1 
ATOM   1100 N NH2 . ARG A 1 142 ? -8.993  -3.995  -16.959 1.00 29.63 ? 142 ARG X NH2 1 
ATOM   1101 N N   . LEU A 1 143 ? -11.053 -8.412  -12.281 1.00 18.81 ? 143 LEU X N   1 
ATOM   1102 C CA  . LEU A 1 143 ? -9.920  -8.252  -11.383 1.00 19.72 ? 143 LEU X CA  1 
ATOM   1103 C C   . LEU A 1 143 ? -8.646  -8.187  -12.194 1.00 19.59 ? 143 LEU X C   1 
ATOM   1104 O O   . LEU A 1 143 ? -8.595  -8.612  -13.349 1.00 19.94 ? 143 LEU X O   1 
ATOM   1105 C CB  . LEU A 1 143 ? -9.829  -9.410  -10.392 1.00 17.82 ? 143 LEU X CB  1 
ATOM   1106 C CG  . LEU A 1 143 ? -11.058 -9.700  -9.521  1.00 20.36 ? 143 LEU X CG  1 
ATOM   1107 C CD1 . LEU A 1 143 ? -10.877 -11.026 -8.826  1.00 18.79 ? 143 LEU X CD1 1 
ATOM   1108 C CD2 . LEU A 1 143 ? -11.319 -8.572  -8.491  1.00 16.86 ? 143 LEU X CD2 1 
ATOM   1109 N N   . GLU A 1 144 ? -7.621  -7.642  -11.571 1.00 19.89 ? 144 GLU X N   1 
ATOM   1110 C CA  . GLU A 1 144 ? -6.310  -7.552  -12.186 1.00 20.81 ? 144 GLU X CA  1 
ATOM   1111 C C   . GLU A 1 144 ? -5.371  -8.414  -11.374 1.00 17.56 ? 144 GLU X C   1 
ATOM   1112 O O   . GLU A 1 144 ? -5.230  -8.232  -10.164 1.00 17.06 ? 144 GLU X O   1 
ATOM   1113 C CB  . GLU A 1 144 ? -5.840  -6.090  -12.220 1.00 17.37 ? 144 GLU X CB  1 
ATOM   1114 C CG  . GLU A 1 144 ? -6.560  -5.284  -13.295 1.00 21.26 ? 144 GLU X CG  1 
ATOM   1115 C CD  . GLU A 1 144 ? -6.410  -3.770  -13.125 1.00 24.86 ? 144 GLU X CD  1 
ATOM   1116 O OE1 . GLU A 1 144 ? -5.729  -3.344  -12.179 1.00 20.88 ? 144 GLU X OE1 1 
ATOM   1117 O OE2 . GLU A 1 144 ? -6.994  -3.017  -13.935 1.00 22.32 ? 144 GLU X OE2 1 
ATOM   1118 N N   . ILE A 1 145 ? -4.736  -9.361  -12.048 1.00 16.97 ? 145 ILE X N   1 
ATOM   1119 C CA  . ILE A 1 145 ? -3.792  -10.255 -11.402 1.00 17.17 ? 145 ILE X CA  1 
ATOM   1120 C C   . ILE A 1 145 ? -2.399  -9.633  -11.369 1.00 18.40 ? 145 ILE X C   1 
ATOM   1121 O O   . ILE A 1 145 ? -1.851  -9.274  -12.406 1.00 17.58 ? 145 ILE X O   1 
ATOM   1122 C CB  . ILE A 1 145 ? -3.750  -11.616 -12.128 1.00 18.31 ? 145 ILE X CB  1 
ATOM   1123 C CG1 . ILE A 1 145 ? -5.150  -12.243 -12.157 1.00 17.98 ? 145 ILE X CG1 1 
ATOM   1124 C CG2 . ILE A 1 145 ? -2.751  -12.558 -11.473 1.00 18.27 ? 145 ILE X CG2 1 
ATOM   1125 C CD1 . ILE A 1 145 ? -5.761  -12.510 -10.785 1.00 18.44 ? 145 ILE X CD1 1 
ATOM   1126 N N   . LEU A 1 146 ? -1.832  -9.533  -10.169 1.00 16.23 ? 146 LEU X N   1 
ATOM   1127 C CA  . LEU A 1 146 ? -0.540  -8.887  -9.961  1.00 18.34 ? 146 LEU X CA  1 
ATOM   1128 C C   . LEU A 1 146 ? 0.578   -9.888  -9.753  1.00 23.53 ? 146 LEU X C   1 
ATOM   1129 O O   . LEU A 1 146 ? 1.756   -9.562  -9.913  1.00 21.86 ? 146 LEU X O   1 
ATOM   1130 C CB  . LEU A 1 146 ? -0.590  -7.990  -8.718  1.00 21.08 ? 146 LEU X CB  1 
ATOM   1131 C CG  . LEU A 1 146 ? -1.235  -6.603  -8.760  1.00 24.36 ? 146 LEU X CG  1 
ATOM   1132 C CD1 . LEU A 1 146 ? -2.064  -6.365  -9.994  1.00 19.73 ? 146 LEU X CD1 1 
ATOM   1133 C CD2 . LEU A 1 146 ? -2.030  -6.363  -7.503  1.00 25.15 ? 146 LEU X CD2 1 
ATOM   1134 N N   . SER A 1 147 ? 0.221   -11.100 -9.356  1.00 17.53 ? 147 SER X N   1 
ATOM   1135 C CA  . SER A 1 147 ? 1.240   -12.096 -9.101  1.00 24.22 ? 147 SER X CA  1 
ATOM   1136 C C   . SER A 1 147 ? 0.653   -13.483 -9.148  1.00 23.17 ? 147 SER X C   1 
ATOM   1137 O O   . SER A 1 147 ? -0.399  -13.736 -8.558  1.00 17.64 ? 147 SER X O   1 
ATOM   1138 C CB  . SER A 1 147 ? 1.895   -11.873 -7.739  1.00 22.96 ? 147 SER X CB  1 
ATOM   1139 O OG  . SER A 1 147 ? 2.991   -12.752 -7.593  1.00 31.81 ? 147 SER X OG  1 
ATOM   1140 N N   . LYS A 1 148 ? 1.326   -14.376 -9.864  1.00 22.65 ? 148 LYS X N   1 
ATOM   1141 C CA  . LYS A 1 148 ? 0.953   -15.786 -9.829  1.00 25.03 ? 148 LYS X CA  1 
ATOM   1142 C C   . LYS A 1 148 ? 1.819   -16.564 -8.838  1.00 28.50 ? 148 LYS X C   1 
ATOM   1143 O O   . LYS A 1 148 ? 2.603   -17.433 -9.214  1.00 26.39 ? 148 LYS X O   1 
ATOM   1144 C CB  . LYS A 1 148 ? 0.976   -16.381 -11.230 1.00 26.79 ? 148 LYS X CB  1 
ATOM   1145 C CG  . LYS A 1 148 ? -0.158  -15.846 -12.075 1.00 24.21 ? 148 LYS X CG  1 
ATOM   1146 C CD  . LYS A 1 148 ? -0.206  -16.484 -13.447 1.00 29.53 ? 148 LYS X CD  1 
ATOM   1147 C CE  . LYS A 1 148 ? -1.449  -16.017 -14.192 1.00 27.66 ? 148 LYS X CE  1 
ATOM   1148 N NZ  . LYS A 1 148 ? -1.629  -16.741 -15.471 1.00 31.20 ? 148 LYS X NZ  1 
ATOM   1149 N N   . THR A 1 149 ? 1.645   -16.200 -7.568  1.00 27.39 ? 149 THR X N   1 
ATOM   1150 C CA  . THR A 1 149 ? 2.307   -16.789 -6.406  1.00 28.19 ? 149 THR X CA  1 
ATOM   1151 C C   . THR A 1 149 ? 2.576   -18.287 -6.547  1.00 29.69 ? 149 THR X C   1 
ATOM   1152 O O   . THR A 1 149 ? 3.725   -18.745 -6.570  1.00 29.59 ? 149 THR X O   1 
ATOM   1153 C CB  . THR A 1 149 ? 1.418   -16.561 -5.151  1.00 34.30 ? 149 THR X CB  1 
ATOM   1154 O OG1 . THR A 1 149 ? 0.671   -15.342 -5.304  1.00 30.85 ? 149 THR X OG1 1 
ATOM   1155 C CG2 . THR A 1 149 ? 2.253   -16.489 -3.884  1.00 35.99 ? 149 THR X CG2 1 
ATOM   1156 N N   . ASN A 1 150 ? 1.505   -19.059 -6.611  1.00 29.90 ? 150 ASN X N   1 
ATOM   1157 C CA  . ASN A 1 150 ? 1.636   -20.482 -6.868  1.00 27.60 ? 150 ASN X CA  1 
ATOM   1158 C C   . ASN A 1 150 ? 0.531   -20.868 -7.820  1.00 29.21 ? 150 ASN X C   1 
ATOM   1159 O O   . ASN A 1 150 ? -0.179  -19.995 -8.327  1.00 28.07 ? 150 ASN X O   1 
ATOM   1160 C CB  . ASN A 1 150 ? 1.592   -21.287 -5.564  1.00 27.88 ? 150 ASN X CB  1 
ATOM   1161 C CG  . ASN A 1 150 ? 0.374   -20.970 -4.711  1.00 25.39 ? 150 ASN X CG  1 
ATOM   1162 O OD1 . ASN A 1 150 ? -0.759  -21.243 -5.107  1.00 26.58 ? 150 ASN X OD1 1 
ATOM   1163 N ND2 . ASN A 1 150 ? 0.604   -20.422 -3.522  1.00 25.13 ? 150 ASN X ND2 1 
ATOM   1164 N N   . GLN A 1 151 ? 0.373   -22.157 -8.082  1.00 26.56 ? 151 GLN X N   1 
ATOM   1165 C CA  . GLN A 1 151 ? -0.613  -22.553 -9.067  1.00 27.73 ? 151 GLN X CA  1 
ATOM   1166 C C   . GLN A 1 151 ? -2.011  -22.382 -8.516  1.00 21.95 ? 151 GLN X C   1 
ATOM   1167 O O   . GLN A 1 151 ? -2.975  -22.344 -9.282  1.00 27.39 ? 151 GLN X O   1 
ATOM   1168 C CB  . GLN A 1 151 ? -0.384  -23.992 -9.536  1.00 27.79 ? 151 GLN X CB  1 
ATOM   1169 C CG  . GLN A 1 151 ? -0.278  -24.989 -8.416  1.00 34.05 ? 151 GLN X CG  1 
ATOM   1170 C CD  . GLN A 1 151 ? 0.381   -26.276 -8.867  1.00 36.15 ? 151 GLN X CD  1 
ATOM   1171 O OE1 . GLN A 1 151 ? 0.896   -27.041 -8.058  1.00 37.00 ? 151 GLN X OE1 1 
ATOM   1172 N NE2 . GLN A 1 151 ? 0.381   -26.510 -10.174 1.00 35.88 ? 151 GLN X NE2 1 
ATOM   1173 N N   . ASP A 1 152 ? -2.136  -22.249 -7.196  1.00 22.55 ? 152 ASP X N   1 
ATOM   1174 C CA  . ASP A 1 152 ? -3.468  -22.244 -6.581  1.00 21.01 ? 152 ASP X CA  1 
ATOM   1175 C C   . ASP A 1 152 ? -3.987  -20.869 -6.154  1.00 22.07 ? 152 ASP X C   1 
ATOM   1176 O O   . ASP A 1 152 ? -5.201  -20.620 -6.173  1.00 22.90 ? 152 ASP X O   1 
ATOM   1177 C CB  . ASP A 1 152 ? -3.549  -23.254 -5.423  1.00 17.09 ? 152 ASP X CB  1 
ATOM   1178 C CG  . ASP A 1 152 ? -3.506  -24.721 -5.916  1.00 25.79 ? 152 ASP X CG  1 
ATOM   1179 O OD1 . ASP A 1 152 ? -4.037  -25.014 -7.003  1.00 25.66 ? 152 ASP X OD1 1 
ATOM   1180 O OD2 . ASP A 1 152 ? -2.943  -25.578 -5.214  1.00 25.74 ? 152 ASP X OD2 1 
ATOM   1181 N N   . TRP A 1 153 ? -3.075  -19.980 -5.776  1.00 22.67 ? 153 TRP X N   1 
ATOM   1182 C CA  . TRP A 1 153 ? -3.461  -18.677 -5.241  1.00 23.32 ? 153 TRP X CA  1 
ATOM   1183 C C   . TRP A 1 153 ? -2.694  -17.550 -5.909  1.00 23.27 ? 153 TRP X C   1 
ATOM   1184 O O   . TRP A 1 153 ? -1.464  -17.592 -5.987  1.00 24.52 ? 153 TRP X O   1 
ATOM   1185 C CB  . TRP A 1 153 ? -3.278  -18.652 -3.714  1.00 19.83 ? 153 TRP X CB  1 
ATOM   1186 C CG  . TRP A 1 153 ? -4.238  -19.567 -3.030  1.00 21.21 ? 153 TRP X CG  1 
ATOM   1187 C CD1 . TRP A 1 153 ? -4.069  -20.907 -2.787  1.00 17.97 ? 153 TRP X CD1 1 
ATOM   1188 C CD2 . TRP A 1 153 ? -5.534  -19.226 -2.517  1.00 20.57 ? 153 TRP X CD2 1 
ATOM   1189 N NE1 . TRP A 1 153 ? -5.182  -21.414 -2.153  1.00 19.83 ? 153 TRP X NE1 1 
ATOM   1190 C CE2 . TRP A 1 153 ? -6.093  -20.408 -1.971  1.00 20.01 ? 153 TRP X CE2 1 
ATOM   1191 C CE3 . TRP A 1 153 ? -6.269  -18.041 -2.451  1.00 20.58 ? 153 TRP X CE3 1 
ATOM   1192 C CZ2 . TRP A 1 153 ? -7.344  -20.432 -1.370  1.00 18.57 ? 153 TRP X CZ2 1 
ATOM   1193 C CZ3 . TRP A 1 153 ? -7.518  -18.064 -1.855  1.00 18.50 ? 153 TRP X CZ3 1 
ATOM   1194 C CH2 . TRP A 1 153 ? -8.043  -19.253 -1.320  1.00 19.39 ? 153 TRP X CH2 1 
ATOM   1195 N N   . TRP A 1 154 ? -3.428  -16.559 -6.412  1.00 18.56 ? 154 TRP X N   1 
ATOM   1196 C CA  . TRP A 1 154 ? -2.821  -15.436 -7.113  1.00 19.36 ? 154 TRP X CA  1 
ATOM   1197 C C   . TRP A 1 154 ? -3.154  -14.125 -6.415  1.00 18.70 ? 154 TRP X C   1 
ATOM   1198 O O   . TRP A 1 154 ? -4.249  -13.962 -5.880  1.00 18.90 ? 154 TRP X O   1 
ATOM   1199 C CB  . TRP A 1 154 ? -3.332  -15.352 -8.551  1.00 20.78 ? 154 TRP X CB  1 
ATOM   1200 C CG  . TRP A 1 154 ? -3.016  -16.526 -9.421  1.00 23.27 ? 154 TRP X CG  1 
ATOM   1201 C CD1 . TRP A 1 154 ? -2.120  -17.522 -9.170  1.00 22.95 ? 154 TRP X CD1 1 
ATOM   1202 C CD2 . TRP A 1 154 ? -3.597  -16.819 -10.698 1.00 24.50 ? 154 TRP X CD2 1 
ATOM   1203 N NE1 . TRP A 1 154 ? -2.111  -18.420 -10.208 1.00 24.38 ? 154 TRP X NE1 1 
ATOM   1204 C CE2 . TRP A 1 154 ? -3.012  -18.016 -11.158 1.00 25.06 ? 154 TRP X CE2 1 
ATOM   1205 C CE3 . TRP A 1 154 ? -4.561  -16.189 -11.492 1.00 21.38 ? 154 TRP X CE3 1 
ATOM   1206 C CZ2 . TRP A 1 154 ? -3.347  -18.590 -12.383 1.00 25.79 ? 154 TRP X CZ2 1 
ATOM   1207 C CZ3 . TRP A 1 154 ? -4.904  -16.766 -12.701 1.00 26.41 ? 154 TRP X CZ3 1 
ATOM   1208 C CH2 . TRP A 1 154 ? -4.296  -17.959 -13.136 1.00 27.69 ? 154 TRP X CH2 1 
ATOM   1209 N N   . GLU A 1 155 ? -2.217  -13.184 -6.433  1.00 18.76 ? 155 GLU X N   1 
ATOM   1210 C CA  . GLU A 1 155 ? -2.483  -11.845 -5.918  1.00 16.16 ? 155 GLU X CA  1 
ATOM   1211 C C   . GLU A 1 155 ? -3.305  -11.054 -6.948  1.00 20.16 ? 155 GLU X C   1 
ATOM   1212 O O   . GLU A 1 155 ? -2.906  -10.934 -8.110  1.00 16.87 ? 155 GLU X O   1 
ATOM   1213 C CB  . GLU A 1 155 ? -1.170  -11.110 -5.616  1.00 19.73 ? 155 GLU X CB  1 
ATOM   1214 C CG  . GLU A 1 155 ? -1.369  -9.724  -4.978  1.00 19.87 ? 155 GLU X CG  1 
ATOM   1215 C CD  . GLU A 1 155 ? -0.068  -8.936  -4.812  1.00 26.42 ? 155 GLU X CD  1 
ATOM   1216 O OE1 . GLU A 1 155 ? 0.954   -9.304  -5.425  1.00 30.84 ? 155 GLU X OE1 1 
ATOM   1217 O OE2 . GLU A 1 155 ? -0.074  -7.932  -4.074  1.00 38.69 ? 155 GLU X OE2 1 
ATOM   1218 N N   . ALA A 1 156 ? -4.452  -10.533 -6.508  1.00 18.48 ? 156 ALA X N   1 
ATOM   1219 C CA  . ALA A 1 156 ? -5.379  -9.791  -7.370  1.00 16.71 ? 156 ALA X CA  1 
ATOM   1220 C C   . ALA A 1 156 ? -5.674  -8.388  -6.811  1.00 19.74 ? 156 ALA X C   1 
ATOM   1221 O O   . ALA A 1 156 ? -5.420  -8.110  -5.635  1.00 18.02 ? 156 ALA X O   1 
ATOM   1222 C CB  . ALA A 1 156 ? -6.659  -10.564 -7.529  1.00 15.71 ? 156 ALA X CB  1 
ATOM   1223 N N   . ARG A 1 157 ? -6.206  -7.515  -7.658  1.00 16.73 ? 157 ARG X N   1 
ATOM   1224 C CA  . ARG A 1 157 ? -6.548  -6.155  -7.273  1.00 18.99 ? 157 ARG X CA  1 
ATOM   1225 C C   . ARG A 1 157 ? -7.923  -5.846  -7.833  1.00 17.98 ? 157 ARG X C   1 
ATOM   1226 O O   . ARG A 1 157 ? -8.192  -6.104  -9.003  1.00 18.50 ? 157 ARG X O   1 
ATOM   1227 C CB  . ARG A 1 157 ? -5.527  -5.157  -7.837  1.00 21.68 ? 157 ARG X CB  1 
ATOM   1228 C CG  . ARG A 1 157 ? -5.748  -3.724  -7.379  1.00 19.83 ? 157 ARG X CG  1 
ATOM   1229 C CD  . ARG A 1 157 ? -4.561  -2.840  -7.756  1.00 21.79 ? 157 ARG X CD  1 
ATOM   1230 N NE  . ARG A 1 157 ? -4.339  -2.798  -9.191  1.00 21.83 ? 157 ARG X NE  1 
ATOM   1231 C CZ  . ARG A 1 157 ? -3.145  -2.731  -9.773  1.00 22.73 ? 157 ARG X CZ  1 
ATOM   1232 N NH1 . ARG A 1 157 ? -2.028  -2.697  -9.051  1.00 21.63 ? 157 ARG X NH1 1 
ATOM   1233 N NH2 . ARG A 1 157 ? -3.069  -2.702  -11.091 1.00 18.40 ? 157 ARG X NH2 1 
ATOM   1234 N N   . ASN A 1 158 ? -8.807  -5.305  -7.012  1.00 13.07 ? 158 ASN X N   1 
ATOM   1235 C CA  . ASN A 1 158 ? -10.129 -4.964  -7.525  1.00 19.21 ? 158 ASN X CA  1 
ATOM   1236 C C   . ASN A 1 158 ? -10.213 -3.512  -8.027  1.00 18.90 ? 158 ASN X C   1 
ATOM   1237 O O   . ASN A 1 158 ? -9.224  -2.771  -7.975  1.00 21.47 ? 158 ASN X O   1 
ATOM   1238 C CB  . ASN A 1 158 ? -11.231 -5.308  -6.513  1.00 20.22 ? 158 ASN X CB  1 
ATOM   1239 C CG  . ASN A 1 158 ? -11.201 -4.420  -5.269  1.00 21.18 ? 158 ASN X CG  1 
ATOM   1240 O OD1 . ASN A 1 158 ? -10.591 -3.352  -5.257  1.00 24.12 ? 158 ASN X OD1 1 
ATOM   1241 N ND2 . ASN A 1 158 ? -11.886 -4.856  -4.231  1.00 18.30 ? 158 ASN X ND2 1 
ATOM   1242 N N   . ALA A 1 159 ? -11.381 -3.121  -8.528  1.00 25.52 ? 159 ALA X N   1 
ATOM   1243 C CA  . ALA A 1 159 ? -11.579 -1.780  -9.087  1.00 23.15 ? 159 ALA X CA  1 
ATOM   1244 C C   . ALA A 1 159 ? -11.303 -0.683  -8.067  1.00 30.47 ? 159 ALA X C   1 
ATOM   1245 O O   . ALA A 1 159 ? -10.912 0.431   -8.427  1.00 32.82 ? 159 ALA X O   1 
ATOM   1246 C CB  . ALA A 1 159 ? -12.994 -1.635  -9.640  1.00 23.57 ? 159 ALA X CB  1 
ATOM   1247 N N   . LEU A 1 160 ? -11.525 -0.998  -6.795  1.00 26.33 ? 160 LEU X N   1 
ATOM   1248 C CA  . LEU A 1 160 ? -11.319 -0.034  -5.726  1.00 28.18 ? 160 LEU X CA  1 
ATOM   1249 C C   . LEU A 1 160 ? -9.832  0.149   -5.396  1.00 31.08 ? 160 LEU X C   1 
ATOM   1250 O O   . LEU A 1 160 ? -9.442  1.145   -4.789  1.00 31.44 ? 160 LEU X O   1 
ATOM   1251 C CB  . LEU A 1 160 ? -12.123 -0.439  -4.482  1.00 32.25 ? 160 LEU X CB  1 
ATOM   1252 C CG  . LEU A 1 160 ? -13.607 -0.043  -4.399  1.00 38.95 ? 160 LEU X CG  1 
ATOM   1253 C CD1 . LEU A 1 160 ? -14.326 -0.160  -5.741  1.00 39.52 ? 160 LEU X CD1 1 
ATOM   1254 C CD2 . LEU A 1 160 ? -14.336 -0.858  -3.325  1.00 46.57 ? 160 LEU X CD2 1 
ATOM   1255 N N   . GLY A 1 161 ? -9.003  -0.802  -5.812  1.00 27.88 ? 161 GLY X N   1 
ATOM   1256 C CA  . GLY A 1 161 ? -7.580  -0.752  -5.515  1.00 26.57 ? 161 GLY X CA  1 
ATOM   1257 C C   . GLY A 1 161 ? -7.186  -1.686  -4.386  1.00 22.26 ? 161 GLY X C   1 
ATOM   1258 O O   . GLY A 1 161 ? -6.013  -1.769  -4.013  1.00 22.32 ? 161 GLY X O   1 
ATOM   1259 N N   . THR A 1 162 ? -8.172  -2.399  -3.847  1.00 25.94 ? 162 THR X N   1 
ATOM   1260 C CA  . THR A 1 162 ? -7.936  -3.374  -2.788  1.00 22.00 ? 162 THR X CA  1 
ATOM   1261 C C   . THR A 1 162 ? -7.257  -4.643  -3.315  1.00 23.44 ? 162 THR X C   1 
ATOM   1262 O O   . THR A 1 162 ? -7.670  -5.211  -4.328  1.00 20.41 ? 162 THR X O   1 
ATOM   1263 C CB  . THR A 1 162 ? -9.245  -3.762  -2.088  1.00 25.01 ? 162 THR X CB  1 
ATOM   1264 O OG1 . THR A 1 162 ? -9.972  -2.574  -1.761  1.00 25.51 ? 162 THR X OG1 1 
ATOM   1265 C CG2 . THR A 1 162 ? -8.968  -4.565  -0.807  1.00 23.57 ? 162 THR X CG2 1 
ATOM   1266 N N   . THR A 1 163 ? -6.226  -5.088  -2.606  1.00 19.92 ? 163 THR X N   1 
ATOM   1267 C CA  . THR A 1 163 ? -5.393  -6.198  -3.054  1.00 22.13 ? 163 THR X CA  1 
ATOM   1268 C C   . THR A 1 163 ? -5.491  -7.395  -2.102  1.00 22.66 ? 163 THR X C   1 
ATOM   1269 O O   . THR A 1 163 ? -5.662  -7.232  -0.902  1.00 23.03 ? 163 THR X O   1 
ATOM   1270 C CB  . THR A 1 163 ? -3.910  -5.772  -3.171  1.00 25.42 ? 163 THR X CB  1 
ATOM   1271 O OG1 . THR A 1 163 ? -3.748  -4.880  -4.288  1.00 28.09 ? 163 THR X OG1 1 
ATOM   1272 C CG2 . THR A 1 163 ? -3.031  -6.978  -3.388  1.00 31.74 ? 163 THR X CG2 1 
ATOM   1273 N N   . GLY A 1 164 ? -5.364  -8.604  -2.640  1.00 20.97 ? 164 GLY X N   1 
ATOM   1274 C CA  . GLY A 1 164 ? -5.395  -9.789  -1.812  1.00 17.44 ? 164 GLY X CA  1 
ATOM   1275 C C   . GLY A 1 164 ? -5.344  -11.038 -2.672  1.00 16.34 ? 164 GLY X C   1 
ATOM   1276 O O   . GLY A 1 164 ? -5.383  -10.954 -3.888  1.00 15.77 ? 164 GLY X O   1 
ATOM   1277 N N   . LEU A 1 165 ? -5.296  -12.193 -2.028  1.00 14.97 ? 165 LEU X N   1 
ATOM   1278 C CA  . LEU A 1 165 ? -5.153  -13.460 -2.724  1.00 17.90 ? 165 LEU X CA  1 
ATOM   1279 C C   . LEU A 1 165 ? -6.507  -14.011 -3.161  1.00 16.77 ? 165 LEU X C   1 
ATOM   1280 O O   . LEU A 1 165 ? -7.511  -13.862 -2.467  1.00 14.46 ? 165 LEU X O   1 
ATOM   1281 C CB  . LEU A 1 165 ? -4.461  -14.489 -1.824  1.00 19.06 ? 165 LEU X CB  1 
ATOM   1282 C CG  . LEU A 1 165 ? -3.003  -14.259 -1.436  1.00 22.39 ? 165 LEU X CG  1 
ATOM   1283 C CD1 . LEU A 1 165 ? -2.551  -15.320 -0.443  1.00 26.50 ? 165 LEU X CD1 1 
ATOM   1284 C CD2 . LEU A 1 165 ? -2.143  -14.290 -2.665  1.00 24.23 ? 165 LEU X CD2 1 
ATOM   1285 N N   . VAL A 1 166 ? -6.508  -14.671 -4.312  1.00 14.63 ? 166 VAL X N   1 
ATOM   1286 C CA  . VAL A 1 166 ? -7.712  -15.249 -4.883  1.00 15.51 ? 166 VAL X CA  1 
ATOM   1287 C C   . VAL A 1 166 ? -7.372  -16.642 -5.420  1.00 16.34 ? 166 VAL X C   1 
ATOM   1288 O O   . VAL A 1 166 ? -6.235  -16.894 -5.841  1.00 17.33 ? 166 VAL X O   1 
ATOM   1289 C CB  . VAL A 1 166 ? -8.286  -14.355 -6.017  1.00 18.75 ? 166 VAL X CB  1 
ATOM   1290 C CG1 . VAL A 1 166 ? -8.601  -12.955 -5.505  1.00 16.61 ? 166 VAL X CG1 1 
ATOM   1291 C CG2 . VAL A 1 166 ? -7.308  -14.288 -7.207  1.00 18.47 ? 166 VAL X CG2 1 
ATOM   1292 N N   . PRO A 1 167 ? -8.349  -17.560 -5.396  1.00 19.15 ? 167 PRO X N   1 
ATOM   1293 C CA  . PRO A 1 167 ? -8.084  -18.902 -5.927  1.00 18.30 ? 167 PRO X CA  1 
ATOM   1294 C C   . PRO A 1 167 ? -8.011  -18.868 -7.445  1.00 18.96 ? 167 PRO X C   1 
ATOM   1295 O O   . PRO A 1 167 ? -8.888  -18.279 -8.082  1.00 19.40 ? 167 PRO X O   1 
ATOM   1296 C CB  . PRO A 1 167 ? -9.309  -19.720 -5.479  1.00 19.10 ? 167 PRO X CB  1 
ATOM   1297 C CG  . PRO A 1 167 ? -10.032 -18.887 -4.484  1.00 16.69 ? 167 PRO X CG  1 
ATOM   1298 C CD  . PRO A 1 167 ? -9.695  -17.450 -4.805  1.00 18.08 ? 167 PRO X CD  1 
ATOM   1299 N N   . ALA A 1 168 ? -6.992  -19.500 -8.020  1.00 22.05 ? 168 ALA X N   1 
ATOM   1300 C CA  . ALA A 1 168 ? -6.825  -19.515 -9.473  1.00 23.35 ? 168 ALA X CA  1 
ATOM   1301 C C   . ALA A 1 168 ? -7.997  -20.183 -10.195 1.00 25.21 ? 168 ALA X C   1 
ATOM   1302 O O   . ALA A 1 168 ? -8.341  -19.803 -11.326 1.00 24.84 ? 168 ALA X O   1 
ATOM   1303 C CB  . ALA A 1 168 ? -5.509  -20.178 -9.850  1.00 24.22 ? 168 ALA X CB  1 
ATOM   1304 N N   . ASN A 1 169 ? -8.619  -21.165 -9.542  1.00 25.31 ? 169 ASN X N   1 
ATOM   1305 C CA  . ASN A 1 169 ? -9.766  -21.870 -10.130 1.00 23.82 ? 169 ASN X CA  1 
ATOM   1306 C C   . ASN A 1 169 ? -11.093 -21.106 -10.011 1.00 26.05 ? 169 ASN X C   1 
ATOM   1307 O O   . ASN A 1 169 ? -12.152 -21.614 -10.388 1.00 23.36 ? 169 ASN X O   1 
ATOM   1308 C CB  . ASN A 1 169 ? -9.887  -23.299 -9.579  1.00 24.89 ? 169 ASN X CB  1 
ATOM   1309 C CG  . ASN A 1 169 ? -10.161 -23.346 -8.082  1.00 27.34 ? 169 ASN X CG  1 
ATOM   1310 O OD1 . ASN A 1 169 ? -10.936 -24.182 -7.601  1.00 28.31 ? 169 ASN X OD1 1 
ATOM   1311 N ND2 . ASN A 1 169 ? -9.512  -22.474 -7.338  1.00 22.81 ? 169 ASN X ND2 1 
ATOM   1312 N N   . TYR A 1 170 ? -11.027 -19.877 -9.497  1.00 21.92 ? 170 TYR X N   1 
ATOM   1313 C CA  . TYR A 1 170 ? -12.212 -19.042 -9.368  1.00 19.55 ? 170 TYR X CA  1 
ATOM   1314 C C   . TYR A 1 170 ? -12.187 -17.872 -10.370 1.00 22.87 ? 170 TYR X C   1 
ATOM   1315 O O   . TYR A 1 170 ? -13.100 -17.048 -10.393 1.00 20.13 ? 170 TYR X O   1 
ATOM   1316 C CB  . TYR A 1 170 ? -12.321 -18.486 -7.946  1.00 21.89 ? 170 TYR X CB  1 
ATOM   1317 C CG  . TYR A 1 170 ? -13.028 -19.358 -6.929  1.00 22.19 ? 170 TYR X CG  1 
ATOM   1318 C CD1 . TYR A 1 170 ? -12.590 -20.657 -6.653  1.00 22.80 ? 170 TYR X CD1 1 
ATOM   1319 C CD2 . TYR A 1 170 ? -14.101 -18.854 -6.193  1.00 21.41 ? 170 TYR X CD2 1 
ATOM   1320 C CE1 . TYR A 1 170 ? -13.228 -21.445 -5.696  1.00 24.95 ? 170 TYR X CE1 1 
ATOM   1321 C CE2 . TYR A 1 170 ? -14.741 -19.621 -5.230  1.00 27.60 ? 170 TYR X CE2 1 
ATOM   1322 C CZ  . TYR A 1 170 ? -14.306 -20.916 -4.985  1.00 30.36 ? 170 TYR X CZ  1 
ATOM   1323 O OH  . TYR A 1 170 ? -14.954 -21.665 -4.029  1.00 29.19 ? 170 TYR X OH  1 
ATOM   1324 N N   . VAL A 1 171 ? -11.129 -17.791 -11.173 1.00 20.51 ? 171 VAL X N   1 
ATOM   1325 C CA  . VAL A 1 171 ? -11.012 -16.727 -12.152 1.00 18.72 ? 171 VAL X CA  1 
ATOM   1326 C C   . VAL A 1 171 ? -10.713 -17.241 -13.564 1.00 21.90 ? 171 VAL X C   1 
ATOM   1327 O O   . VAL A 1 171 ? -10.141 -18.316 -13.745 1.00 20.61 ? 171 VAL X O   1 
ATOM   1328 C CB  . VAL A 1 171 ? -9.938  -15.673 -11.738 1.00 20.36 ? 171 VAL X CB  1 
ATOM   1329 C CG1 . VAL A 1 171 ? -10.327 -15.010 -10.434 1.00 17.74 ? 171 VAL X CG1 1 
ATOM   1330 C CG2 . VAL A 1 171 ? -8.578  -16.317 -11.616 1.00 23.42 ? 171 VAL X CG2 1 
ATOM   1331 N N   . GLN A 1 172 ? -11.097 -16.448 -14.554 1.00 19.96 ? 172 GLN X N   1 
ATOM   1332 C CA  . GLN A 1 172 ? -10.857 -16.764 -15.953 1.00 24.93 ? 172 GLN X CA  1 
ATOM   1333 C C   . GLN A 1 172 ? -10.383 -15.535 -16.729 1.00 25.60 ? 172 GLN X C   1 
ATOM   1334 O O   . GLN A 1 172 ? -10.902 -14.439 -16.523 1.00 25.77 ? 172 GLN X O   1 
ATOM   1335 C CB  . GLN A 1 172 ? -12.163 -17.250 -16.565 1.00 29.52 ? 172 GLN X CB  1 
ATOM   1336 C CG  . GLN A 1 172 ? -12.134 -17.411 -18.064 1.00 38.49 ? 172 GLN X CG  1 
ATOM   1337 C CD  . GLN A 1 172 ? -13.502 -17.794 -18.595 1.00 50.00 ? 172 GLN X CD  1 
ATOM   1338 O OE1 . GLN A 1 172 ? -14.492 -17.762 -17.854 1.00 45.56 ? 172 GLN X OE1 1 
ATOM   1339 N NE2 . GLN A 1 172 ? -13.569 -18.157 -19.877 1.00 52.64 ? 172 GLN X NE2 1 
ATOM   1340 N N   . ILE A 1 173 ? -9.428  -15.718 -17.637 1.00 31.89 ? 173 ILE X N   1 
ATOM   1341 C CA  . ILE A 1 173 ? -8.992  -14.627 -18.515 1.00 35.54 ? 173 ILE X CA  1 
ATOM   1342 C C   . ILE A 1 173 ? -10.201 -13.960 -19.173 1.00 40.45 ? 173 ILE X C   1 
ATOM   1343 O O   . ILE A 1 173 ? -11.083 -14.639 -19.704 1.00 37.39 ? 173 ILE X O   1 
ATOM   1344 C CB  . ILE A 1 173 ? -8.013  -15.116 -19.605 1.00 40.49 ? 173 ILE X CB  1 
ATOM   1345 C CG1 . ILE A 1 173 ? -7.185  -13.948 -20.169 1.00 48.90 ? 173 ILE X CG1 1 
ATOM   1346 C CG2 . ILE A 1 173 ? -8.756  -15.883 -20.698 1.00 38.54 ? 173 ILE X CG2 1 
ATOM   1347 C CD1 . ILE A 1 173 ? -7.942  -13.002 -21.109 1.00 43.56 ? 173 ILE X CD1 1 
ATOM   1348 N N   . GLN A 1 174 ? -10.239 -12.629 -19.143 1.00 39.45 ? 174 GLN X N   1 
ATOM   1349 C CA  . GLN A 1 174 ? -11.439 -11.904 -19.546 1.00 36.76 ? 174 GLN X CA  1 
ATOM   1350 C C   . GLN A 1 174 ? -11.687 -11.969 -21.050 1.00 46.25 ? 174 GLN X C   1 
ATOM   1351 O O   . GLN A 1 174 ? -12.789 -12.311 -21.489 1.00 49.42 ? 174 GLN X O   1 
ATOM   1352 C CB  . GLN A 1 174 ? -11.372 -10.448 -19.085 1.00 39.85 ? 174 GLN X CB  1 
ATOM   1353 C CG  . GLN A 1 174 ? -12.689 -9.689  -19.223 1.00 42.20 ? 174 GLN X CG  1 
ATOM   1354 C CD  . GLN A 1 174 ? -12.529 -8.206  -18.944 1.00 44.14 ? 174 GLN X CD  1 
ATOM   1355 O OE1 . GLN A 1 174 ? -11.456 -7.637  -19.162 1.00 46.52 ? 174 GLN X OE1 1 
ATOM   1356 N NE2 . GLN A 1 174 ? -13.595 -7.568  -18.453 1.00 41.81 ? 174 GLN X NE2 1 
HETATM 1357 S S   . SO4 B 2 .   ? 11.659  -1.049  8.867   1.00 33.79 ? 175 SO4 X S   1 
HETATM 1358 O O1  . SO4 B 2 .   ? 10.692  -2.008  8.339   1.00 27.44 ? 175 SO4 X O1  1 
HETATM 1359 O O2  . SO4 B 2 .   ? 12.888  -1.758  9.208   1.00 40.36 ? 175 SO4 X O2  1 
HETATM 1360 O O3  . SO4 B 2 .   ? 11.975  -0.012  7.887   1.00 30.70 ? 175 SO4 X O3  1 
HETATM 1361 O O4  . SO4 B 2 .   ? 11.089  -0.407  10.042  1.00 37.13 ? 175 SO4 X O4  1 
HETATM 1362 O O   . HOH C 3 .   ? 17.611  11.008  4.061   1.00 39.69 ? 176 HOH X O   1 
HETATM 1363 O O   . HOH C 3 .   ? -0.709  -2.706  -6.536  1.00 12.66 ? 177 HOH X O   1 
HETATM 1364 O O   . HOH C 3 .   ? -2.489  17.424  6.610   1.00 19.32 ? 178 HOH X O   1 
HETATM 1365 O O   . HOH C 3 .   ? 15.192  17.771  -3.183  1.00 21.89 ? 179 HOH X O   1 
HETATM 1366 O O   . HOH C 3 .   ? 1.848   0.858   17.859  1.00 26.19 ? 180 HOH X O   1 
HETATM 1367 O O   . HOH C 3 .   ? -6.910  -22.760 -6.927  1.00 25.09 ? 181 HOH X O   1 
HETATM 1368 O O   . HOH C 3 .   ? -21.720 -13.223 -6.754  1.00 16.24 ? 182 HOH X O   1 
HETATM 1369 O O   . HOH C 3 .   ? -22.619 -6.975  -4.197  1.00 22.13 ? 183 HOH X O   1 
HETATM 1370 O O   . HOH C 3 .   ? -13.313 -5.229  -9.188  1.00 18.43 ? 184 HOH X O   1 
HETATM 1371 O O   . HOH C 3 .   ? -11.264 -4.158  -12.281 1.00 24.53 ? 185 HOH X O   1 
HETATM 1372 O O   . HOH C 3 .   ? 12.733  1.577   12.074  1.00 40.46 ? 186 HOH X O   1 
HETATM 1373 O O   . HOH C 3 .   ? -1.870  7.517   -6.765  1.00 24.36 ? 187 HOH X O   1 
HETATM 1374 O O   . HOH C 3 .   ? 1.300   20.487  3.653   1.00 25.37 ? 188 HOH X O   1 
HETATM 1375 O O   . HOH C 3 .   ? -2.275  10.639  20.515  1.00 27.62 ? 189 HOH X O   1 
HETATM 1376 O O   . HOH C 3 .   ? 5.354   10.163  -8.507  1.00 23.96 ? 190 HOH X O   1 
HETATM 1377 O O   . HOH C 3 .   ? -13.274 -7.371  -5.017  1.00 19.31 ? 191 HOH X O   1 
HETATM 1378 O O   . HOH C 3 .   ? -23.959 -9.545  -3.716  1.00 26.27 ? 192 HOH X O   1 
HETATM 1379 O O   . HOH C 3 .   ? 18.131  19.371  -1.920  1.00 23.57 ? 193 HOH X O   1 
HETATM 1380 O O   . HOH C 3 .   ? -1.139  -1.326  -12.445 1.00 20.72 ? 194 HOH X O   1 
HETATM 1381 O O   . HOH C 3 .   ? 10.787  2.576   8.482   1.00 26.68 ? 195 HOH X O   1 
HETATM 1382 O O   . HOH C 3 .   ? 2.913   -7.467  -10.890 1.00 18.21 ? 196 HOH X O   1 
HETATM 1383 O O   . HOH C 3 .   ? -0.152  -26.137 -12.635 1.00 26.20 ? 197 HOH X O   1 
HETATM 1384 O O   . HOH C 3 .   ? 11.914  7.476   10.544  1.00 36.98 ? 198 HOH X O   1 
HETATM 1385 O O   . HOH C 3 .   ? 11.485  17.520  -4.727  1.00 28.32 ? 199 HOH X O   1 
HETATM 1386 O O   . HOH C 3 .   ? -16.313 -18.473 -1.110  1.00 24.32 ? 200 HOH X O   1 
HETATM 1387 O O   . HOH C 3 .   ? -4.625  7.429   11.800  1.00 29.01 ? 201 HOH X O   1 
HETATM 1388 O O   . HOH C 3 .   ? -20.588 -8.662  -10.490 1.00 30.49 ? 202 HOH X O   1 
HETATM 1389 O O   . HOH C 3 .   ? 11.084  11.357  -11.585 1.00 30.35 ? 203 HOH X O   1 
HETATM 1390 O O   . HOH C 3 .   ? -8.968  -4.222  -10.995 1.00 22.71 ? 204 HOH X O   1 
HETATM 1391 O O   . HOH C 3 .   ? 3.658   2.480   -10.079 1.00 26.10 ? 205 HOH X O   1 
HETATM 1392 O O   . HOH C 3 .   ? -23.703 -13.733 -11.581 1.00 25.49 ? 206 HOH X O   1 
HETATM 1393 O O   . HOH C 3 .   ? -5.840  7.065   -4.103  1.00 25.40 ? 207 HOH X O   1 
HETATM 1394 O O   . HOH C 3 .   ? 15.836  -1.484  -7.502  1.00 24.28 ? 208 HOH X O   1 
HETATM 1395 O O   . HOH C 3 .   ? -3.084  -22.655 -12.080 1.00 29.86 ? 209 HOH X O   1 
HETATM 1396 O O   . HOH C 3 .   ? -21.719 -20.712 -8.285  1.00 35.55 ? 210 HOH X O   1 
HETATM 1397 O O   . HOH C 3 .   ? 9.093   -0.884  -9.421  1.00 21.39 ? 211 HOH X O   1 
HETATM 1398 O O   . HOH C 3 .   ? -5.612  -23.598 -9.551  1.00 32.47 ? 212 HOH X O   1 
HETATM 1399 O O   . HOH C 3 .   ? -17.791 -15.192 -15.037 1.00 30.11 ? 213 HOH X O   1 
HETATM 1400 O O   . HOH C 3 .   ? -7.181  -19.536 -13.750 1.00 25.89 ? 214 HOH X O   1 
HETATM 1401 O O   . HOH C 3 .   ? -16.829 -7.328  -4.389  1.00 23.64 ? 215 HOH X O   1 
HETATM 1402 O O   . HOH C 3 .   ? -0.868  -21.805 -1.370  1.00 32.87 ? 216 HOH X O   1 
HETATM 1403 O O   . HOH C 3 .   ? 13.019  4.141   9.134   1.00 32.76 ? 217 HOH X O   1 
HETATM 1404 O O   . HOH C 3 .   ? -15.345 -4.008  -10.543 1.00 32.36 ? 218 HOH X O   1 
HETATM 1405 O O   . HOH C 3 .   ? -5.337  12.071  16.981  1.00 28.01 ? 219 HOH X O   1 
HETATM 1406 O O   . HOH C 3 .   ? -1.146  1.244   -4.598  1.00 27.45 ? 220 HOH X O   1 
HETATM 1407 O O   . HOH C 3 .   ? -7.972  -1.177  0.428   1.00 30.71 ? 221 HOH X O   1 
HETATM 1408 O O   . HOH C 3 .   ? 8.852   7.661   -14.504 1.00 27.77 ? 222 HOH X O   1 
HETATM 1409 O O   . HOH C 3 .   ? 5.379   23.354  -0.997  1.00 33.44 ? 223 HOH X O   1 
HETATM 1410 O O   . HOH C 3 .   ? -2.839  -10.561 0.864   1.00 29.94 ? 224 HOH X O   1 
HETATM 1411 O O   . HOH C 3 .   ? -11.108 -10.096 3.434   1.00 38.70 ? 225 HOH X O   1 
HETATM 1412 O O   . HOH C 3 .   ? -0.310  -5.122  -4.444  1.00 33.32 ? 226 HOH X O   1 
HETATM 1413 O O   . HOH C 3 .   ? 10.264  17.079  6.850   1.00 32.17 ? 227 HOH X O   1 
HETATM 1414 O O   . HOH C 3 .   ? -20.201 -19.257 -6.949  1.00 34.09 ? 228 HOH X O   1 
HETATM 1415 O O   . HOH C 3 .   ? 0.958   -11.844 -19.012 1.00 35.83 ? 229 HOH X O   1 
HETATM 1416 O O   . HOH C 3 .   ? -14.372 -20.333 -1.478  1.00 32.83 ? 230 HOH X O   1 
HETATM 1417 O O   . HOH C 3 .   ? 19.060  3.927   -2.878  1.00 28.59 ? 231 HOH X O   1 
HETATM 1418 O O   . HOH C 3 .   ? -5.056  15.263  -0.049  1.00 27.48 ? 232 HOH X O   1 
HETATM 1419 O O   . HOH C 3 .   ? -9.818  12.834  0.010   1.00 31.09 ? 233 HOH X O   1 
HETATM 1420 O O   . HOH C 3 .   ? -1.273  19.201  1.105   1.00 26.95 ? 234 HOH X O   1 
HETATM 1421 O O   . HOH C 3 .   ? 2.544   4.854   -9.572  1.00 26.82 ? 235 HOH X O   1 
HETATM 1422 O O   . HOH C 3 .   ? 6.799   19.496  7.134   1.00 19.69 ? 236 HOH X O   1 
HETATM 1423 O O   . HOH C 3 .   ? -6.061  17.075  10.110  1.00 26.24 ? 237 HOH X O   1 
HETATM 1424 O O   . HOH C 3 .   ? 8.696   16.771  -4.625  1.00 25.23 ? 238 HOH X O   1 
HETATM 1425 O O   . HOH C 3 .   ? 2.068   3.451   13.728  1.00 26.48 ? 239 HOH X O   1 
HETATM 1426 O O   . HOH C 3 .   ? -11.510 -12.543 2.929   1.00 31.34 ? 240 HOH X O   1 
HETATM 1427 O O   . HOH C 3 .   ? -4.244  13.808  28.538  1.00 48.12 ? 241 HOH X O   1 
HETATM 1428 O O   . HOH C 3 .   ? 17.878  2.706   -5.270  1.00 33.93 ? 242 HOH X O   1 
HETATM 1429 O O   . HOH C 3 .   ? -7.029  -23.570 -11.669 1.00 34.20 ? 243 HOH X O   1 
HETATM 1430 O O   . HOH C 3 .   ? -11.235 13.619  -2.457  1.00 36.53 ? 244 HOH X O   1 
HETATM 1431 O O   . HOH C 3 .   ? 13.549  8.168   8.458   1.00 34.10 ? 245 HOH X O   1 
HETATM 1432 O O   . HOH C 3 .   ? 17.206  -0.138  -4.984  1.00 34.04 ? 246 HOH X O   1 
HETATM 1433 O O   . HOH C 3 .   ? 4.562   6.720   -10.167 1.00 22.02 ? 247 HOH X O   1 
HETATM 1434 O O   . HOH C 3 .   ? -15.312 -5.615  -2.986  1.00 27.34 ? 248 HOH X O   1 
HETATM 1435 O O   . HOH C 3 .   ? -0.206  12.920  17.032  1.00 29.79 ? 249 HOH X O   1 
HETATM 1436 O O   . HOH C 3 .   ? -3.860  6.155   -5.798  1.00 37.25 ? 250 HOH X O   1 
HETATM 1437 O O   . HOH C 3 .   ? -22.449 -11.915 -3.570  1.00 28.37 ? 251 HOH X O   1 
HETATM 1438 O O   . HOH C 3 .   ? -13.733 -21.824 0.500   1.00 36.45 ? 252 HOH X O   1 
HETATM 1439 O O   . HOH C 3 .   ? 4.523   -3.702  11.985  1.00 36.97 ? 253 HOH X O   1 
HETATM 1440 O O   . HOH C 3 .   ? -22.579 -11.634 -9.858  1.00 33.10 ? 254 HOH X O   1 
HETATM 1441 O O   . HOH C 3 .   ? -7.433  -1.608  -9.605  1.00 29.55 ? 255 HOH X O   1 
HETATM 1442 O O   . HOH C 3 .   ? -4.686  18.094  8.048   1.00 23.31 ? 256 HOH X O   1 
HETATM 1443 O O   . HOH C 3 .   ? 1.335   -7.091  0.225   1.00 28.24 ? 257 HOH X O   1 
HETATM 1444 O O   . HOH C 3 .   ? -10.880 9.944   17.337  1.00 34.97 ? 258 HOH X O   1 
HETATM 1445 O O   . HOH C 3 .   ? 3.516   -7.352  -1.533  1.00 29.96 ? 259 HOH X O   1 
HETATM 1446 O O   . HOH C 3 .   ? -16.405 -5.841  -12.338 1.00 26.43 ? 260 HOH X O   1 
HETATM 1447 O O   . HOH C 3 .   ? 4.402   18.361  15.343  1.00 27.82 ? 261 HOH X O   1 
HETATM 1448 O O   . HOH C 3 .   ? -5.224  -3.161  -0.626  1.00 28.39 ? 262 HOH X O   1 
HETATM 1449 O O   . HOH C 3 .   ? -6.843  5.942   9.508   1.00 24.93 ? 263 HOH X O   1 
HETATM 1450 O O   . HOH C 3 .   ? -9.767  -15.197 9.528   1.00 36.13 ? 264 HOH X O   1 
HETATM 1451 O O   . HOH C 3 .   ? -7.802  -15.915 9.608   1.00 29.34 ? 265 HOH X O   1 
HETATM 1452 O O   . HOH C 3 .   ? -4.612  5.544   16.031  1.00 30.01 ? 266 HOH X O   1 
HETATM 1453 O O   . HOH C 3 .   ? -12.206 8.776   0.924   1.00 27.13 ? 267 HOH X O   1 
HETATM 1454 O O   . HOH C 3 .   ? 4.757   -5.063  5.018   1.00 30.23 ? 268 HOH X O   1 
HETATM 1455 O O   . HOH C 3 .   ? 14.935  19.156  3.564   0.50 40.81 ? 269 HOH X O   1 
HETATM 1456 O O   . HOH C 3 .   ? -8.810  7.606   22.868  1.00 40.26 ? 270 HOH X O   1 
HETATM 1457 O O   . HOH C 3 .   ? 1.906   22.644  5.327   1.00 32.91 ? 271 HOH X O   1 
HETATM 1458 O O   . HOH C 3 .   ? -7.657  3.541   4.022   1.00 31.53 ? 272 HOH X O   1 
HETATM 1459 O O   . HOH C 3 .   ? 15.730  6.338   4.609   1.00 30.31 ? 273 HOH X O   1 
HETATM 1460 O O   . HOH C 3 .   ? -8.431  -18.607 -18.042 1.00 35.24 ? 274 HOH X O   1 
HETATM 1461 O O   . HOH C 3 .   ? -12.895 -21.152 -13.719 1.00 34.50 ? 275 HOH X O   1 
HETATM 1462 O O   . HOH C 3 .   ? -1.491  -25.201 -3.270  1.00 30.50 ? 276 HOH X O   1 
HETATM 1463 O O   . HOH C 3 .   ? 3.307   -23.582 -7.971  0.50 28.78 ? 277 HOH X O   1 
HETATM 1464 O O   . HOH C 3 .   ? 7.884   12.836  -10.434 1.00 31.42 ? 278 HOH X O   1 
HETATM 1465 O O   . HOH C 3 .   ? -2.663  18.061  10.937  1.00 25.97 ? 279 HOH X O   1 
HETATM 1466 O O   . HOH C 3 .   ? 16.514  4.195   8.068   0.50 43.24 ? 280 HOH X O   1 
HETATM 1467 O O   . HOH C 3 .   ? -18.782 -19.928 -5.055  1.00 36.90 ? 281 HOH X O   1 
HETATM 1468 O O   . HOH C 3 .   ? -18.738 -6.380  -9.972  1.00 39.64 ? 282 HOH X O   1 
HETATM 1469 O O   . HOH C 3 .   ? -5.139  -21.722 -13.492 1.00 35.22 ? 283 HOH X O   1 
HETATM 1470 O O   . HOH C 3 .   ? 9.340   8.375   13.141  1.00 31.11 ? 284 HOH X O   1 
HETATM 1471 O O   . HOH C 3 .   ? 17.059  11.452  -1.275  1.00 31.70 ? 285 HOH X O   1 
# 
